data_5TZ3
#
_entry.id   5TZ3
#
_cell.length_a   55.754
_cell.length_b   72.727
_cell.length_c   90.517
_cell.angle_alpha   109.210
_cell.angle_beta   90.700
_cell.angle_gamma   91.190
#
_symmetry.space_group_name_H-M   'P 1'
#
loop_
_entity.id
_entity.type
_entity.pdbx_description
1 polymer "cGMP-dependent 3',5'-cyclic phosphodiesterase"
2 non-polymer (3~{R})-1-(5-methyl-[1,2,4]triazolo[1,5-a]pyrimidin-7-yl)-~{N}-naphthalen-2-yl-piperidine-3-carboxamide
3 non-polymer 'ZINC ION'
4 non-polymer 'MAGNESIUM ION'
5 water water
#
_entity_poly.entity_id   1
_entity_poly.type   'polypeptide(L)'
_entity_poly.pdbx_seq_one_letter_code
;SAMDDEYTKLLHDGIQPVAAIDSNFASFTYTPRSLPEDDTSMAILSMLQDMNFINNYKIDCPTLARFCLMVKKGYRDPPY
HNWMHAFSVSHFCYLLYKNLELTNYLEDIEIFALFISCMCHDLDHRGTNNSFQVASKSVLAALYSSEGSVMERHHFAQAI
AILNTHGCNIFDHFSRKDYQRMLDLMRDIILATDLAHHLRIFKDLQKMAEVGYDRNNKQHHRLLLCLLMTSCDLSDQTKG
WKTTRKIAELIYKEFFSQGDLEKAMGNRPMEMMDREKAYIPELQISFMEHIAMPIYKLLQDLFPKAAELYERVASNREHW
TKVSHKFTIRGLPSNNSLDFLDEE
;
_entity_poly.pdbx_strand_id   A,B,C,D
#
# COMPACT_ATOMS: atom_id res chain seq x y z
N SER A 1 6.64 21.45 -7.99
CA SER A 1 6.86 21.37 -6.55
C SER A 1 6.79 22.75 -5.91
N ALA A 2 5.77 22.96 -5.09
CA ALA A 2 5.60 24.23 -4.42
C ALA A 2 6.77 24.48 -3.46
N MET A 3 7.11 23.46 -2.68
CA MET A 3 8.17 23.58 -1.70
C MET A 3 9.48 24.00 -2.34
N ASP A 4 9.77 23.44 -3.51
CA ASP A 4 11.05 23.72 -4.14
C ASP A 4 11.17 25.18 -4.54
N ASP A 5 10.11 25.75 -5.10
CA ASP A 5 10.15 27.18 -5.43
C ASP A 5 10.23 28.02 -4.16
N GLU A 6 9.47 27.63 -3.13
CA GLU A 6 9.53 28.34 -1.88
C GLU A 6 10.94 28.26 -1.28
N TYR A 7 11.56 27.10 -1.40
CA TYR A 7 12.91 26.87 -0.91
C TYR A 7 13.90 27.77 -1.63
N THR A 8 13.76 27.81 -2.94
CA THR A 8 14.66 28.60 -3.77
C THR A 8 14.70 30.06 -3.29
N LYS A 9 13.54 30.63 -3.03
CA LYS A 9 13.51 32.04 -2.62
C LYS A 9 14.04 32.19 -1.20
N LEU A 10 13.61 31.30 -0.32
CA LEU A 10 14.04 31.32 1.07
C LEU A 10 15.56 31.28 1.15
N LEU A 11 16.18 30.49 0.27
CA LEU A 11 17.62 30.32 0.31
C LEU A 11 18.36 31.46 -0.42
N HIS A 12 17.88 31.84 -1.59
CA HIS A 12 18.68 32.73 -2.42
C HIS A 12 18.34 34.23 -2.26
N ASP A 13 17.20 34.57 -1.68
CA ASP A 13 16.76 35.97 -1.60
C ASP A 13 17.42 36.79 -0.48
N GLY A 14 17.89 36.11 0.55
CA GLY A 14 18.48 36.80 1.69
C GLY A 14 17.53 36.75 2.87
N ILE A 15 18.07 36.88 4.07
CA ILE A 15 17.24 36.82 5.28
C ILE A 15 16.77 38.23 5.65
N GLN A 16 15.47 38.43 5.62
CA GLN A 16 14.91 39.75 5.93
C GLN A 16 15.27 40.13 7.36
N PRO A 17 15.64 41.41 7.57
CA PRO A 17 15.89 41.95 8.91
C PRO A 17 14.63 41.83 9.76
N VAL A 18 14.77 41.49 11.03
CA VAL A 18 13.61 41.17 11.84
C VAL A 18 12.70 42.41 12.01
N ALA A 19 13.29 43.60 12.02
CA ALA A 19 12.53 44.85 12.13
C ALA A 19 11.66 45.09 10.90
N ALA A 20 12.05 44.47 9.77
CA ALA A 20 11.32 44.65 8.53
C ALA A 20 10.06 43.77 8.53
N ILE A 21 10.03 42.79 9.41
CA ILE A 21 8.83 41.97 9.58
C ILE A 21 7.72 42.86 10.15
N ASP A 22 8.03 43.50 11.28
CA ASP A 22 7.13 44.43 11.95
C ASP A 22 7.96 45.25 12.90
N SER A 23 7.58 46.51 13.11
CA SER A 23 8.37 47.39 13.95
C SER A 23 8.28 47.02 15.44
N ASN A 24 7.23 46.30 15.83
CA ASN A 24 7.10 45.84 17.22
C ASN A 24 7.28 44.33 17.33
N PHE A 25 7.97 43.74 16.37
CA PHE A 25 8.07 42.28 16.29
C PHE A 25 8.73 41.66 17.52
N ALA A 26 9.55 42.43 18.23
CA ALA A 26 10.28 41.89 19.37
C ALA A 26 9.66 42.31 20.69
N SER A 27 8.39 42.69 20.64
CA SER A 27 7.67 43.16 21.83
C SER A 27 6.68 42.15 22.33
N PHE A 28 6.50 42.08 23.65
CA PHE A 28 5.47 41.22 24.23
C PHE A 28 4.06 41.61 23.77
N THR A 29 3.90 42.81 23.23
CA THR A 29 2.58 43.23 22.78
C THR A 29 2.25 42.72 21.37
N TYR A 30 3.26 42.24 20.66
CA TYR A 30 3.06 41.80 19.29
C TYR A 30 2.33 40.46 19.23
N THR A 31 1.44 40.30 18.26
CA THR A 31 0.65 39.09 18.09
C THR A 31 1.09 38.39 16.81
N PRO A 32 1.92 37.34 16.94
CA PRO A 32 2.55 36.71 15.77
C PRO A 32 1.53 36.10 14.82
N ARG A 33 0.32 35.84 15.31
CA ARG A 33 -0.73 35.34 14.42
C ARG A 33 -1.17 36.41 13.40
N SER A 34 -0.73 37.64 13.58
CA SER A 34 -1.00 38.71 12.63
C SER A 34 -0.17 38.54 11.36
N LEU A 35 0.94 37.82 11.47
CA LEU A 35 1.80 37.63 10.32
C LEU A 35 1.15 36.67 9.33
N PRO A 36 1.05 37.08 8.06
CA PRO A 36 0.56 36.16 7.02
C PRO A 36 1.37 34.88 7.01
N GLU A 37 0.67 33.75 6.84
CA GLU A 37 1.29 32.45 6.97
C GLU A 37 2.41 32.28 5.96
N ASP A 38 2.21 32.88 4.77
CA ASP A 38 3.20 32.84 3.71
C ASP A 38 4.53 33.49 4.11
N ASP A 39 4.52 34.33 5.14
CA ASP A 39 5.72 35.06 5.58
C ASP A 39 6.46 34.42 6.76
N THR A 40 5.89 33.35 7.31
CA THR A 40 6.38 32.83 8.58
C THR A 40 7.70 32.05 8.47
N SER A 41 7.93 31.34 7.37
CA SER A 41 9.21 30.65 7.23
C SER A 41 10.35 31.66 7.16
N MET A 42 10.15 32.75 6.41
CA MET A 42 11.17 33.80 6.38
C MET A 42 11.38 34.40 7.78
N ALA A 43 10.28 34.64 8.51
CA ALA A 43 10.40 35.17 9.87
C ALA A 43 11.17 34.23 10.82
N ILE A 44 10.97 32.92 10.66
CA ILE A 44 11.74 31.94 11.43
C ILE A 44 13.24 32.15 11.18
N LEU A 45 13.60 32.28 9.91
CA LEU A 45 14.99 32.53 9.56
C LEU A 45 15.47 33.84 10.19
N SER A 46 14.63 34.87 10.14
CA SER A 46 15.00 36.17 10.68
C SER A 46 15.26 36.09 12.18
N MET A 47 14.42 35.35 12.89
CA MET A 47 14.61 35.19 14.32
C MET A 47 15.89 34.42 14.62
N LEU A 48 16.15 33.34 13.87
CA LEU A 48 17.36 32.52 14.07
C LEU A 48 18.60 33.36 13.86
N GLN A 49 18.55 34.21 12.83
CA GLN A 49 19.64 35.12 12.55
C GLN A 49 19.81 36.15 13.65
N ASP A 50 18.71 36.77 14.06
CA ASP A 50 18.80 37.81 15.08
C ASP A 50 19.29 37.27 16.44
N MET A 51 19.00 36.00 16.72
CA MET A 51 19.50 35.40 17.96
C MET A 51 20.93 34.88 17.77
N ASN A 52 21.47 35.11 16.58
CA ASN A 52 22.83 34.74 16.19
C ASN A 52 23.12 33.24 16.14
N PHE A 53 22.08 32.43 16.12
CA PHE A 53 22.24 30.97 16.08
C PHE A 53 22.83 30.47 14.77
N ILE A 54 22.52 31.13 13.66
CA ILE A 54 23.06 30.72 12.36
C ILE A 54 24.58 30.87 12.34
N ASN A 55 25.05 32.03 12.76
CA ASN A 55 26.48 32.28 12.84
C ASN A 55 27.15 31.43 13.92
N ASN A 56 26.58 31.42 15.13
CA ASN A 56 27.26 30.75 16.25
C ASN A 56 27.46 29.28 16.00
N TYR A 57 26.44 28.63 15.47
CA TYR A 57 26.47 27.20 15.22
C TYR A 57 26.79 26.86 13.76
N LYS A 58 27.17 27.89 12.99
CA LYS A 58 27.59 27.68 11.61
C LYS A 58 26.60 26.81 10.85
N ILE A 59 25.34 27.22 10.90
CA ILE A 59 24.26 26.44 10.29
C ILE A 59 24.32 26.63 8.79
N ASP A 60 24.35 25.52 8.07
CA ASP A 60 24.32 25.56 6.61
C ASP A 60 22.99 26.12 6.10
N CYS A 61 23.06 27.17 5.29
CA CYS A 61 21.85 27.88 4.89
C CYS A 61 20.87 27.03 4.06
N PRO A 62 21.37 26.30 3.04
CA PRO A 62 20.49 25.42 2.27
C PRO A 62 19.80 24.38 3.15
N THR A 63 20.57 23.78 4.07
CA THR A 63 19.99 22.82 5.03
C THR A 63 18.92 23.46 5.93
N LEU A 64 19.21 24.68 6.38
CA LEU A 64 18.32 25.36 7.31
C LEU A 64 17.03 25.73 6.59
N ALA A 65 17.16 26.19 5.35
CA ALA A 65 15.98 26.55 4.57
C ALA A 65 15.10 25.33 4.33
N ARG A 66 15.71 24.19 3.98
CA ARG A 66 14.94 22.95 3.79
C ARG A 66 14.33 22.52 5.11
N PHE A 67 15.10 22.64 6.17
CA PHE A 67 14.61 22.20 7.48
C PHE A 67 13.36 22.97 7.91
N CYS A 68 13.41 24.29 7.82
CA CYS A 68 12.27 25.12 8.23
C CYS A 68 11.04 24.82 7.42
N LEU A 69 11.21 24.62 6.11
CA LEU A 69 10.07 24.30 5.25
C LEU A 69 9.51 22.91 5.56
N MET A 70 10.39 21.95 5.82
CA MET A 70 9.93 20.60 6.18
C MET A 70 9.15 20.62 7.49
N VAL A 71 9.63 21.40 8.45
CA VAL A 71 8.92 21.55 9.72
C VAL A 71 7.54 22.14 9.49
N LYS A 72 7.47 23.20 8.68
CA LYS A 72 6.18 23.82 8.33
C LYS A 72 5.24 22.80 7.72
N LYS A 73 5.75 22.02 6.77
CA LYS A 73 4.96 21.02 6.02
C LYS A 73 4.58 19.85 6.91
N GLY A 74 5.27 19.71 8.04
CA GLY A 74 4.98 18.62 8.96
C GLY A 74 3.81 18.85 9.90
N TYR A 75 3.16 20.01 9.78
CA TYR A 75 1.90 20.29 10.49
C TYR A 75 0.70 20.11 9.59
N ARG A 76 -0.36 19.55 10.16
CA ARG A 76 -1.64 19.42 9.50
C ARG A 76 -2.43 20.69 9.80
N ASP A 77 -3.72 20.69 9.49
CA ASP A 77 -4.51 21.90 9.64
C ASP A 77 -5.74 21.76 10.56
N PRO A 78 -5.55 21.21 11.78
CA PRO A 78 -6.67 21.28 12.71
C PRO A 78 -6.87 22.72 13.17
N PRO A 79 -7.98 23.02 13.86
CA PRO A 79 -8.20 24.45 14.13
C PRO A 79 -7.10 25.11 14.97
N TYR A 80 -6.55 24.41 15.96
CA TYR A 80 -5.57 25.06 16.83
C TYR A 80 -4.13 24.53 16.64
N HIS A 81 -3.93 23.22 16.68
CA HIS A 81 -2.57 22.64 16.63
C HIS A 81 -2.04 22.50 15.21
N ASN A 82 -1.85 23.65 14.59
CA ASN A 82 -1.36 23.77 13.22
C ASN A 82 -0.06 24.55 13.20
N TRP A 83 0.47 24.81 12.02
CA TRP A 83 1.77 25.46 11.96
C TRP A 83 1.73 26.88 12.57
N MET A 84 0.62 27.60 12.41
CA MET A 84 0.59 28.97 12.97
C MET A 84 0.71 28.96 14.50
N HIS A 85 0.22 27.90 15.13
CA HIS A 85 0.47 27.69 16.54
C HIS A 85 1.97 27.52 16.81
N ALA A 86 2.61 26.57 16.12
CA ALA A 86 4.05 26.37 16.35
C ALA A 86 4.84 27.63 16.05
N PHE A 87 4.45 28.37 15.01
CA PHE A 87 5.13 29.62 14.70
C PHE A 87 4.99 30.61 15.84
N SER A 88 3.78 30.76 16.37
CA SER A 88 3.51 31.72 17.44
C SER A 88 4.20 31.28 18.73
N VAL A 89 4.28 29.98 18.96
CA VAL A 89 5.01 29.48 20.12
C VAL A 89 6.53 29.76 19.98
N SER A 90 7.09 29.57 18.79
CA SER A 90 8.50 29.91 18.51
C SER A 90 8.77 31.40 18.66
N HIS A 91 7.83 32.20 18.18
CA HIS A 91 7.96 33.65 18.29
C HIS A 91 8.06 34.06 19.74
N PHE A 92 7.27 33.43 20.60
CA PHE A 92 7.33 33.82 22.00
C PHE A 92 8.70 33.48 22.56
N CYS A 93 9.27 32.36 22.12
CA CYS A 93 10.60 31.96 22.57
C CYS A 93 11.56 33.07 22.22
N TYR A 94 11.41 33.56 21.00
CA TYR A 94 12.19 34.70 20.55
C TYR A 94 11.99 35.93 21.46
N LEU A 95 10.74 36.20 21.83
CA LEU A 95 10.45 37.31 22.74
C LEU A 95 11.18 37.14 24.07
N LEU A 96 11.17 35.92 24.59
CA LEU A 96 11.84 35.61 25.87
C LEU A 96 13.31 35.92 25.76
N TYR A 97 13.91 35.48 24.66
CA TYR A 97 15.30 35.80 24.36
C TYR A 97 15.56 37.30 24.29
N LYS A 98 14.66 38.04 23.65
CA LYS A 98 14.91 39.46 23.40
C LYS A 98 14.59 40.32 24.62
N ASN A 99 13.79 39.78 25.54
CA ASN A 99 13.30 40.58 26.66
C ASN A 99 13.80 40.16 28.04
N LEU A 100 14.35 38.95 28.17
CA LEU A 100 14.59 38.42 29.52
C LEU A 100 16.00 37.97 29.87
N GLU A 101 16.95 38.15 28.96
CA GLU A 101 18.36 37.81 29.22
C GLU A 101 18.55 36.35 29.64
N LEU A 102 18.13 35.45 28.78
CA LEU A 102 18.22 34.02 29.04
C LEU A 102 19.66 33.56 29.20
N THR A 103 20.59 34.33 28.65
CA THR A 103 22.00 33.95 28.69
C THR A 103 22.59 34.04 30.09
N ASN A 104 21.86 34.67 31.01
CA ASN A 104 22.28 34.68 32.41
C ASN A 104 21.84 33.41 33.15
N TYR A 105 21.01 32.61 32.49
CA TYR A 105 20.36 31.45 33.09
C TYR A 105 20.70 30.14 32.40
N LEU A 106 20.76 30.19 31.07
CA LEU A 106 20.85 29.00 30.23
C LEU A 106 22.10 28.99 29.34
N GLU A 107 22.57 27.80 29.00
CA GLU A 107 23.62 27.67 27.99
C GLU A 107 23.14 28.13 26.61
N ASP A 108 24.07 28.49 25.72
CA ASP A 108 23.67 28.85 24.35
C ASP A 108 22.91 27.71 23.72
N ILE A 109 23.45 26.50 23.88
CA ILE A 109 22.86 25.35 23.22
C ILE A 109 21.47 25.03 23.78
N GLU A 110 21.23 25.35 25.04
CA GLU A 110 19.91 25.12 25.63
C GLU A 110 18.87 26.07 25.04
N ILE A 111 19.26 27.33 24.87
CA ILE A 111 18.37 28.34 24.29
C ILE A 111 18.07 27.99 22.84
N PHE A 112 19.09 27.53 22.12
CA PHE A 112 18.95 27.07 20.74
C PHE A 112 17.99 25.91 20.67
N ALA A 113 18.22 24.91 21.53
CA ALA A 113 17.33 23.73 21.59
C ALA A 113 15.90 24.13 21.91
N LEU A 114 15.72 25.09 22.82
CA LEU A 114 14.38 25.55 23.16
C LEU A 114 13.65 26.08 21.91
N PHE A 115 14.32 26.92 21.13
CA PHE A 115 13.69 27.49 19.93
C PHE A 115 13.34 26.42 18.91
N ILE A 116 14.29 25.56 18.60
CA ILE A 116 14.05 24.48 17.65
C ILE A 116 12.92 23.56 18.14
N SER A 117 12.92 23.27 19.45
CA SER A 117 11.85 22.45 20.01
C SER A 117 10.51 23.12 19.81
N CYS A 118 10.47 24.42 20.05
CA CYS A 118 9.23 25.19 19.82
C CYS A 118 8.72 25.02 18.41
N MET A 119 9.63 25.10 17.44
CA MET A 119 9.23 24.91 16.05
C MET A 119 8.59 23.55 15.85
N CYS A 120 9.15 22.54 16.50
CA CYS A 120 8.80 21.15 16.24
C CYS A 120 7.78 20.53 17.18
N HIS A 121 7.33 21.27 18.20
CA HIS A 121 6.83 20.59 19.39
C HIS A 121 5.46 19.95 19.20
N ASP A 122 4.74 20.35 18.16
CA ASP A 122 3.42 19.76 17.89
C ASP A 122 3.36 19.10 16.50
N LEU A 123 4.51 18.73 15.92
CA LEU A 123 4.54 18.15 14.56
C LEU A 123 3.53 17.03 14.34
N ASP A 124 2.77 17.14 13.24
CA ASP A 124 1.81 16.09 12.85
C ASP A 124 0.70 15.87 13.89
N HIS A 125 0.36 16.92 14.64
CA HIS A 125 -0.81 16.84 15.52
C HIS A 125 -2.07 16.57 14.69
N ARG A 126 -2.93 15.68 15.18
CA ARG A 126 -4.15 15.37 14.45
C ARG A 126 -5.37 16.02 15.11
N GLY A 127 -5.13 16.90 16.07
CA GLY A 127 -6.18 17.63 16.74
C GLY A 127 -6.97 16.78 17.73
N THR A 128 -6.35 15.68 18.18
CA THR A 128 -6.88 14.91 19.30
C THR A 128 -5.82 14.73 20.36
N ASN A 129 -6.25 14.51 21.60
CA ASN A 129 -5.32 14.44 22.73
C ASN A 129 -4.77 13.05 22.97
N ASN A 130 -3.97 12.91 24.01
CA ASN A 130 -3.37 11.64 24.36
C ASN A 130 -4.39 10.57 24.72
N SER A 131 -5.43 10.93 25.48
CA SER A 131 -6.39 9.92 25.89
C SER A 131 -7.09 9.34 24.68
N PHE A 132 -7.36 10.20 23.70
CA PHE A 132 -8.03 9.75 22.49
C PHE A 132 -7.19 8.69 21.76
N GLN A 133 -5.88 8.90 21.72
CA GLN A 133 -4.98 7.95 21.06
C GLN A 133 -5.18 6.56 21.65
N VAL A 134 -5.21 6.50 22.97
CA VAL A 134 -5.40 5.23 23.62
C VAL A 134 -6.82 4.72 23.37
N ALA A 135 -7.79 5.60 23.56
CA ALA A 135 -9.19 5.18 23.43
C ALA A 135 -9.48 4.68 22.02
N SER A 136 -8.91 5.35 21.02
CA SER A 136 -9.15 5.02 19.63
C SER A 136 -8.19 3.94 19.13
N LYS A 137 -7.32 3.44 20.02
CA LYS A 137 -6.33 2.41 19.67
C LYS A 137 -5.56 2.80 18.41
N SER A 138 -5.06 4.02 18.42
CA SER A 138 -4.34 4.56 17.28
C SER A 138 -2.93 3.98 17.18
N VAL A 139 -2.34 4.12 16.00
CA VAL A 139 -0.98 3.68 15.75
C VAL A 139 -0.01 4.33 16.75
N LEU A 140 -0.24 5.59 17.07
CA LEU A 140 0.67 6.29 18.00
C LEU A 140 0.58 5.68 19.40
N ALA A 141 -0.62 5.27 19.79
CA ALA A 141 -0.79 4.61 21.09
C ALA A 141 -0.13 3.24 21.07
N ALA A 142 -0.21 2.53 19.95
CA ALA A 142 0.48 1.25 19.81
C ALA A 142 1.98 1.43 20.00
N LEU A 143 2.51 2.55 19.50
CA LEU A 143 3.95 2.84 19.61
C LEU A 143 4.33 3.25 21.03
N TYR A 144 3.57 4.17 21.61
CA TYR A 144 4.05 4.90 22.78
C TYR A 144 3.20 4.83 24.05
N SER A 145 2.03 4.21 24.01
CA SER A 145 1.12 4.29 25.17
C SER A 145 1.75 3.75 26.45
N SER A 146 2.67 2.79 26.33
CA SER A 146 3.32 2.20 27.48
C SER A 146 4.22 3.21 28.20
N GLU A 147 4.61 4.26 27.49
CA GLU A 147 5.51 5.26 28.06
C GLU A 147 4.80 6.54 28.50
N GLY A 148 3.59 6.73 28.00
CA GLY A 148 2.89 8.00 28.21
C GLY A 148 3.35 9.13 27.29
N SER A 149 2.67 10.27 27.40
CA SER A 149 2.90 11.43 26.55
C SER A 149 2.94 11.02 25.08
N VAL A 150 1.89 10.31 24.66
CA VAL A 150 1.88 9.71 23.34
C VAL A 150 2.12 10.73 22.24
N MET A 151 1.34 11.81 22.21
CA MET A 151 1.47 12.76 21.11
C MET A 151 2.83 13.42 21.15
N GLU A 152 3.28 13.77 22.34
CA GLU A 152 4.55 14.48 22.46
C GLU A 152 5.70 13.58 22.03
N ARG A 153 5.63 12.29 22.35
CA ARG A 153 6.64 11.37 21.84
C ARG A 153 6.61 11.35 20.31
N HIS A 154 5.41 11.35 19.73
CA HIS A 154 5.28 11.40 18.28
C HIS A 154 5.89 12.68 17.68
N HIS A 155 5.64 13.82 18.31
CA HIS A 155 6.15 15.10 17.82
C HIS A 155 7.68 15.08 17.79
N PHE A 156 8.26 14.59 18.87
CA PHE A 156 9.70 14.47 18.96
C PHE A 156 10.19 13.52 17.86
N ALA A 157 9.54 12.37 17.70
CA ALA A 157 9.95 11.43 16.68
C ALA A 157 9.84 12.02 15.26
N GLN A 158 8.83 12.87 15.03
CA GLN A 158 8.72 13.54 13.74
C GLN A 158 9.86 14.53 13.52
N ALA A 159 10.23 15.21 14.59
CA ALA A 159 11.35 16.16 14.53
C ALA A 159 12.61 15.40 14.09
N ILE A 160 12.88 14.28 14.75
CA ILE A 160 14.04 13.47 14.38
C ILE A 160 13.93 12.93 12.94
N ALA A 161 12.73 12.51 12.53
CA ALA A 161 12.53 12.02 11.16
C ALA A 161 12.85 13.12 10.14
N ILE A 162 12.57 14.37 10.49
CA ILE A 162 12.91 15.46 9.59
C ILE A 162 14.43 15.64 9.56
N LEU A 163 15.06 15.62 10.73
CA LEU A 163 16.52 15.71 10.81
C LEU A 163 17.19 14.63 9.97
N ASN A 164 16.63 13.43 10.03
CA ASN A 164 17.19 12.30 9.32
C ASN A 164 16.84 12.27 7.84
N THR A 165 16.07 13.25 7.38
CA THR A 165 15.79 13.38 5.96
C THR A 165 16.96 14.06 5.27
N HIS A 166 17.42 13.44 4.18
CA HIS A 166 18.63 13.92 3.50
C HIS A 166 18.50 15.40 3.17
N GLY A 167 19.51 16.15 3.54
CA GLY A 167 19.57 17.58 3.29
C GLY A 167 18.91 18.45 4.34
N CYS A 168 18.43 17.85 5.43
CA CYS A 168 17.65 18.59 6.43
C CYS A 168 18.29 18.59 7.82
N ASN A 169 19.41 17.90 7.98
CA ASN A 169 19.99 17.83 9.31
C ASN A 169 20.82 19.07 9.67
N ILE A 170 20.17 20.06 10.26
CA ILE A 170 20.85 21.31 10.57
C ILE A 170 21.97 21.16 11.61
N PHE A 171 22.03 19.99 12.27
CA PHE A 171 23.06 19.74 13.27
C PHE A 171 24.13 18.75 12.84
N ASP A 172 24.16 18.34 11.57
CA ASP A 172 24.97 17.18 11.23
C ASP A 172 26.49 17.45 11.23
N HIS A 173 26.87 18.70 11.43
CA HIS A 173 28.29 19.04 11.54
C HIS A 173 28.72 19.21 13.00
N PHE A 174 27.75 19.17 13.92
CA PHE A 174 28.05 19.22 15.35
C PHE A 174 28.98 18.10 15.76
N SER A 175 29.79 18.33 16.79
CA SER A 175 30.49 17.25 17.48
C SER A 175 29.52 16.19 17.94
N ARG A 176 29.99 14.96 18.11
CA ARG A 176 29.13 13.88 18.58
C ARG A 176 28.46 14.24 19.89
N LYS A 177 29.23 14.84 20.80
CA LYS A 177 28.68 15.22 22.09
C LYS A 177 27.63 16.32 21.97
N ASP A 178 27.89 17.33 21.13
CA ASP A 178 26.92 18.41 20.95
C ASP A 178 25.63 17.90 20.28
N TYR A 179 25.80 16.99 19.32
CA TYR A 179 24.65 16.43 18.61
C TYR A 179 23.77 15.65 19.57
N GLN A 180 24.41 14.82 20.36
CA GLN A 180 23.76 14.03 21.40
C GLN A 180 23.04 14.97 22.37
N ARG A 181 23.74 16.01 22.80
CA ARG A 181 23.14 17.01 23.69
C ARG A 181 21.87 17.65 23.12
N MET A 182 21.95 18.11 21.88
CA MET A 182 20.85 18.78 21.20
C MET A 182 19.63 17.88 21.11
N LEU A 183 19.83 16.64 20.73
CA LEU A 183 18.67 15.78 20.55
C LEU A 183 18.11 15.42 21.91
N ASP A 184 18.97 15.25 22.90
CA ASP A 184 18.51 14.99 24.26
C ASP A 184 17.70 16.15 24.83
N LEU A 185 18.17 17.38 24.60
CA LEU A 185 17.41 18.57 24.96
C LEU A 185 16.06 18.62 24.24
N MET A 186 16.05 18.35 22.93
CA MET A 186 14.81 18.34 22.17
C MET A 186 13.83 17.34 22.76
N ARG A 187 14.33 16.16 23.13
CA ARG A 187 13.45 15.17 23.77
C ARG A 187 12.81 15.75 25.04
N ASP A 188 13.65 16.30 25.93
CA ASP A 188 13.14 16.78 27.22
C ASP A 188 12.15 17.93 27.06
N ILE A 189 12.49 18.87 26.18
CA ILE A 189 11.70 20.08 26.01
C ILE A 189 10.37 19.74 25.34
N ILE A 190 10.40 18.89 24.33
CA ILE A 190 9.16 18.55 23.65
C ILE A 190 8.28 17.71 24.58
N LEU A 191 8.86 16.79 25.34
CA LEU A 191 8.03 16.00 26.25
C LEU A 191 7.43 16.87 27.36
N ALA A 192 8.14 17.93 27.73
CA ALA A 192 7.64 18.85 28.73
C ALA A 192 6.37 19.59 28.32
N THR A 193 6.02 19.60 27.02
CA THR A 193 4.78 20.23 26.57
C THR A 193 3.52 19.41 26.92
N ASP A 194 3.71 18.18 27.37
CA ASP A 194 2.59 17.46 27.97
C ASP A 194 2.23 18.17 29.27
N LEU A 195 1.06 18.80 29.33
CA LEU A 195 0.68 19.52 30.54
C LEU A 195 0.64 18.59 31.75
N ALA A 196 0.49 17.28 31.51
CA ALA A 196 0.54 16.31 32.61
C ALA A 196 1.92 16.34 33.23
N HIS A 197 2.93 16.55 32.38
CA HIS A 197 4.31 16.63 32.87
C HIS A 197 4.48 17.93 33.65
N HIS A 198 3.93 19.00 33.12
CA HIS A 198 4.00 20.27 33.83
C HIS A 198 3.39 20.16 35.23
N LEU A 199 2.17 19.64 35.32
CA LEU A 199 1.52 19.50 36.62
C LEU A 199 2.34 18.63 37.56
N ARG A 200 3.03 17.64 37.01
CA ARG A 200 3.86 16.77 37.82
C ARG A 200 5.12 17.46 38.37
N ILE A 201 5.67 18.42 37.66
CA ILE A 201 6.89 19.10 38.12
C ILE A 201 6.64 20.46 38.79
N PHE A 202 5.38 20.86 38.86
CA PHE A 202 5.02 22.22 39.32
C PHE A 202 5.57 22.55 40.70
N LYS A 203 5.53 21.59 41.63
CA LYS A 203 6.07 21.82 42.97
C LYS A 203 7.58 22.03 42.91
N ASP A 204 8.25 21.35 41.97
CA ASP A 204 9.69 21.50 41.86
C ASP A 204 10.00 22.85 41.27
N LEU A 205 9.16 23.27 40.33
CA LEU A 205 9.21 24.62 39.77
C LEU A 205 9.01 25.64 40.88
N GLN A 206 7.99 25.43 41.73
CA GLN A 206 7.80 26.30 42.88
C GLN A 206 9.03 26.34 43.81
N LYS A 207 9.60 25.18 44.10
CA LYS A 207 10.72 25.13 45.02
C LYS A 207 11.93 25.85 44.42
N MET A 208 12.13 25.68 43.12
CA MET A 208 13.22 26.35 42.43
C MET A 208 13.03 27.88 42.51
N ALA A 209 11.82 28.33 42.27
CA ALA A 209 11.54 29.76 42.36
C ALA A 209 11.72 30.26 43.79
N GLU A 210 11.43 29.40 44.76
CA GLU A 210 11.50 29.79 46.17
C GLU A 210 12.92 30.05 46.62
N VAL A 211 13.79 29.07 46.39
CA VAL A 211 15.17 29.14 46.87
C VAL A 211 16.02 30.07 45.98
N GLY A 212 15.64 30.19 44.71
CA GLY A 212 16.32 31.06 43.77
C GLY A 212 17.09 30.28 42.73
N TYR A 213 17.04 30.75 41.48
CA TYR A 213 17.69 30.05 40.38
C TYR A 213 19.21 29.94 40.59
N ASP A 214 19.71 28.71 40.44
CA ASP A 214 21.14 28.43 40.55
C ASP A 214 21.73 27.97 39.21
N ARG A 215 22.38 28.90 38.50
CA ARG A 215 22.92 28.62 37.17
C ARG A 215 23.90 27.44 37.16
N ASN A 216 24.42 27.10 38.34
CA ASN A 216 25.32 25.97 38.50
C ASN A 216 24.60 24.65 38.76
N ASN A 217 23.27 24.72 38.89
CA ASN A 217 22.46 23.56 39.20
C ASN A 217 21.81 23.00 37.93
N LYS A 218 22.31 21.85 37.48
CA LYS A 218 21.88 21.29 36.21
C LYS A 218 20.38 20.95 36.23
N GLN A 219 19.84 20.61 37.40
CA GLN A 219 18.42 20.31 37.47
C GLN A 219 17.63 21.61 37.34
N HIS A 220 18.20 22.72 37.81
CA HIS A 220 17.55 24.01 37.62
C HIS A 220 17.47 24.39 36.14
N HIS A 221 18.52 24.07 35.39
CA HIS A 221 18.48 24.32 33.96
C HIS A 221 17.35 23.51 33.32
N ARG A 222 17.24 22.24 33.68
CA ARG A 222 16.21 21.40 33.09
C ARG A 222 14.81 21.91 33.47
N LEU A 223 14.62 22.26 34.75
CA LEU A 223 13.31 22.75 35.20
C LEU A 223 12.94 24.06 34.50
N LEU A 224 13.88 25.01 34.46
CA LEU A 224 13.63 26.27 33.77
C LEU A 224 13.26 26.08 32.30
N LEU A 225 13.96 25.18 31.61
CA LEU A 225 13.63 24.90 30.21
C LEU A 225 12.18 24.40 30.10
N CYS A 226 11.76 23.55 31.03
CA CYS A 226 10.39 23.05 31.00
C CYS A 226 9.41 24.20 31.17
N LEU A 227 9.68 25.07 32.14
CA LEU A 227 8.79 26.20 32.43
C LEU A 227 8.73 27.14 31.22
N LEU A 228 9.88 27.42 30.63
CA LEU A 228 9.91 28.32 29.49
C LEU A 228 9.13 27.74 28.31
N MET A 229 9.36 26.44 28.04
CA MET A 229 8.62 25.75 27.00
C MET A 229 7.11 25.88 27.21
N THR A 230 6.65 25.57 28.42
CA THR A 230 5.22 25.67 28.70
C THR A 230 4.73 27.10 28.50
N SER A 231 5.57 28.05 28.90
CA SER A 231 5.24 29.47 28.78
C SER A 231 5.06 29.89 27.32
N CYS A 232 5.93 29.37 26.45
CA CYS A 232 5.81 29.59 25.02
C CYS A 232 4.54 28.93 24.49
N ASP A 233 4.29 27.70 24.94
CA ASP A 233 3.18 26.89 24.43
C ASP A 233 1.83 27.54 24.76
N LEU A 234 1.70 28.16 25.94
CA LEU A 234 0.43 28.80 26.32
C LEU A 234 0.40 30.29 26.05
N SER A 235 1.42 30.79 25.34
CA SER A 235 1.64 32.23 25.23
C SER A 235 0.53 33.01 24.51
N ASP A 236 -0.36 32.32 23.78
CA ASP A 236 -1.56 32.99 23.25
C ASP A 236 -2.33 33.75 24.34
N GLN A 237 -2.29 33.23 25.57
CA GLN A 237 -3.06 33.84 26.65
C GLN A 237 -2.44 35.13 27.18
N THR A 238 -1.27 35.48 26.67
CA THR A 238 -0.57 36.66 27.15
C THR A 238 -0.81 37.85 26.25
N LYS A 239 -1.67 37.67 25.26
CA LYS A 239 -1.93 38.73 24.30
C LYS A 239 -3.22 39.42 24.71
N GLY A 240 -3.76 40.24 23.82
CA GLY A 240 -4.96 40.99 24.12
C GLY A 240 -6.17 40.09 24.19
N TRP A 241 -7.30 40.65 24.65
CA TRP A 241 -8.52 39.87 24.77
C TRP A 241 -8.94 39.23 23.45
N LYS A 242 -8.80 39.95 22.38
CA LYS A 242 -9.20 39.46 21.12
C LYS A 242 -8.53 38.17 20.69
N THR A 243 -7.23 38.13 20.88
CA THR A 243 -6.47 36.91 20.64
C THR A 243 -6.99 35.77 21.50
N THR A 244 -7.17 36.07 22.77
CA THR A 244 -7.71 35.13 23.75
C THR A 244 -9.05 34.56 23.29
N ARG A 245 -9.90 35.43 22.76
CA ARG A 245 -11.24 34.98 22.31
C ARG A 245 -11.12 34.08 21.08
N LYS A 246 -10.33 34.51 20.10
CA LYS A 246 -10.18 33.73 18.88
C LYS A 246 -9.55 32.37 19.20
N ILE A 247 -8.54 32.37 20.06
CA ILE A 247 -7.85 31.14 20.41
C ILE A 247 -8.83 30.19 21.12
N ALA A 248 -9.71 30.73 21.95
CA ALA A 248 -10.72 29.90 22.60
C ALA A 248 -11.61 29.24 21.55
N GLU A 249 -12.02 29.99 20.53
CA GLU A 249 -12.84 29.43 19.45
C GLU A 249 -12.15 28.25 18.78
N LEU A 250 -10.85 28.39 18.55
CA LEU A 250 -10.10 27.41 17.80
C LEU A 250 -9.92 26.16 18.64
N ILE A 251 -9.56 26.38 19.89
CA ILE A 251 -9.36 25.25 20.79
C ILE A 251 -10.66 24.49 20.96
N TYR A 252 -11.76 25.17 21.17
CA TYR A 252 -12.99 24.43 21.40
C TYR A 252 -13.51 23.78 20.10
N LYS A 253 -13.31 24.40 18.94
CA LYS A 253 -13.64 23.71 17.69
C LYS A 253 -12.95 22.34 17.63
N GLU A 254 -11.67 22.37 17.99
CA GLU A 254 -10.85 21.17 17.99
C GLU A 254 -11.33 20.17 19.04
N PHE A 255 -11.54 20.64 20.27
CA PHE A 255 -12.04 19.78 21.35
C PHE A 255 -13.34 19.09 20.99
N PHE A 256 -14.27 19.88 20.48
CA PHE A 256 -15.61 19.37 20.23
C PHE A 256 -15.61 18.38 19.08
N SER A 257 -14.75 18.61 18.09
CA SER A 257 -14.61 17.64 17.02
C SER A 257 -14.11 16.33 17.57
N GLN A 258 -13.13 16.37 18.48
CA GLN A 258 -12.72 15.14 19.13
C GLN A 258 -13.89 14.51 19.88
N GLY A 259 -14.65 15.33 20.60
CA GLY A 259 -15.78 14.86 21.37
C GLY A 259 -16.84 14.17 20.53
N ASP A 260 -17.13 14.74 19.36
CA ASP A 260 -18.04 14.13 18.41
C ASP A 260 -17.56 12.71 18.07
N LEU A 261 -16.25 12.58 17.83
CA LEU A 261 -15.65 11.30 17.50
C LEU A 261 -15.73 10.31 18.65
N GLU A 262 -15.49 10.78 19.87
CA GLU A 262 -15.63 9.91 21.04
C GLU A 262 -17.07 9.40 21.20
N LYS A 263 -18.05 10.28 20.95
CA LYS A 263 -19.47 9.87 20.98
C LYS A 263 -19.80 8.87 19.88
N ALA A 264 -19.20 9.07 18.71
CA ALA A 264 -19.34 8.13 17.60
C ALA A 264 -18.69 6.78 17.92
N MET A 265 -17.79 6.75 18.89
CA MET A 265 -17.13 5.52 19.34
C MET A 265 -17.85 4.85 20.49
N GLY A 266 -18.89 5.50 21.00
CA GLY A 266 -19.60 5.01 22.16
C GLY A 266 -19.00 5.47 23.49
N ASN A 267 -18.00 6.34 23.45
CA ASN A 267 -17.41 6.87 24.66
C ASN A 267 -17.92 8.25 25.03
N ARG A 268 -18.12 8.48 26.32
CA ARG A 268 -18.53 9.79 26.80
C ARG A 268 -17.32 10.72 26.89
N PRO A 269 -17.33 11.81 26.12
CA PRO A 269 -16.18 12.72 26.12
C PRO A 269 -15.98 13.44 27.44
N MET A 270 -14.78 14.01 27.62
CA MET A 270 -14.55 14.96 28.70
C MET A 270 -15.58 16.06 28.57
N GLU A 271 -16.05 16.57 29.71
CA GLU A 271 -17.05 17.62 29.71
C GLU A 271 -16.63 18.76 28.80
N MET A 272 -15.35 19.10 28.84
CA MET A 272 -14.81 20.21 28.07
C MET A 272 -14.67 19.89 26.58
N MET A 273 -14.89 18.63 26.21
CA MET A 273 -14.85 18.26 24.79
C MET A 273 -16.24 17.85 24.30
N ASP A 274 -17.22 18.02 25.18
CA ASP A 274 -18.60 17.73 24.82
C ASP A 274 -19.33 19.04 24.51
N ARG A 275 -19.67 19.26 23.25
CA ARG A 275 -20.30 20.51 22.83
C ARG A 275 -21.70 20.68 23.44
N GLU A 276 -22.26 19.61 23.99
CA GLU A 276 -23.57 19.71 24.65
C GLU A 276 -23.45 20.07 26.13
N LYS A 277 -22.25 19.90 26.69
CA LYS A 277 -22.04 20.09 28.12
C LYS A 277 -21.06 21.20 28.45
N ALA A 278 -20.06 21.41 27.59
CA ALA A 278 -19.02 22.38 27.85
C ALA A 278 -19.58 23.78 27.98
N TYR A 279 -19.29 24.43 29.10
CA TYR A 279 -19.66 25.82 29.30
C TYR A 279 -18.37 26.64 29.26
N ILE A 280 -18.11 27.21 28.09
CA ILE A 280 -16.81 27.78 27.76
C ILE A 280 -16.28 28.88 28.71
N PRO A 281 -17.13 29.85 29.13
CA PRO A 281 -16.54 30.84 30.05
C PRO A 281 -16.00 30.23 31.35
N GLU A 282 -16.74 29.30 31.93
CA GLU A 282 -16.32 28.66 33.18
C GLU A 282 -15.11 27.76 32.92
N LEU A 283 -15.09 27.10 31.77
CA LEU A 283 -13.93 26.29 31.41
C LEU A 283 -12.68 27.16 31.26
N GLN A 284 -12.83 28.32 30.62
CA GLN A 284 -11.68 29.19 30.40
C GLN A 284 -11.20 29.84 31.69
N ILE A 285 -12.14 30.25 32.54
CA ILE A 285 -11.76 30.75 33.84
C ILE A 285 -10.97 29.68 34.62
N SER A 286 -11.45 28.44 34.60
CA SER A 286 -10.77 27.34 35.28
C SER A 286 -9.34 27.15 34.75
N PHE A 287 -9.21 27.18 33.42
CA PHE A 287 -7.91 27.01 32.80
C PHE A 287 -6.96 28.13 33.15
N MET A 288 -7.47 29.37 33.13
CA MET A 288 -6.64 30.51 33.48
C MET A 288 -6.19 30.43 34.93
N GLU A 289 -7.14 30.06 35.79
CA GLU A 289 -6.92 30.04 37.23
C GLU A 289 -6.02 28.90 37.69
N HIS A 290 -6.30 27.70 37.19
CA HIS A 290 -5.63 26.49 37.65
C HIS A 290 -4.36 26.20 36.89
N ILE A 291 -4.23 26.73 35.67
CA ILE A 291 -3.11 26.38 34.83
C ILE A 291 -2.29 27.58 34.35
N ALA A 292 -2.90 28.49 33.61
CA ALA A 292 -2.13 29.53 32.94
C ALA A 292 -1.58 30.57 33.92
N MET A 293 -2.42 31.09 34.81
CA MET A 293 -1.95 32.10 35.75
C MET A 293 -0.77 31.63 36.62
N PRO A 294 -0.85 30.41 37.19
CA PRO A 294 0.30 29.93 37.98
C PRO A 294 1.61 29.82 37.20
N ILE A 295 1.52 29.45 35.94
CA ILE A 295 2.69 29.36 35.07
C ILE A 295 3.34 30.74 34.93
N TYR A 296 2.55 31.75 34.61
CA TYR A 296 3.14 33.06 34.39
C TYR A 296 3.47 33.76 35.69
N LYS A 297 2.86 33.33 36.79
CA LYS A 297 3.31 33.83 38.09
C LYS A 297 4.71 33.28 38.39
N LEU A 298 4.92 32.00 38.10
CA LEU A 298 6.25 31.39 38.27
C LEU A 298 7.28 32.12 37.43
N LEU A 299 6.89 32.43 36.20
CA LEU A 299 7.77 33.10 35.27
C LEU A 299 8.13 34.51 35.77
N GLN A 300 7.12 35.21 36.29
CA GLN A 300 7.32 36.52 36.90
C GLN A 300 8.26 36.44 38.10
N ASP A 301 8.08 35.41 38.92
CA ASP A 301 8.91 35.26 40.12
C ASP A 301 10.38 35.11 39.76
N LEU A 302 10.62 34.40 38.67
CA LEU A 302 11.97 34.12 38.18
C LEU A 302 12.52 35.28 37.38
N PHE A 303 11.65 35.90 36.60
CA PHE A 303 12.02 37.01 35.74
C PHE A 303 11.08 38.17 36.03
N PRO A 304 11.56 39.18 36.76
CA PRO A 304 10.66 40.30 37.09
C PRO A 304 10.15 41.03 35.86
N LYS A 305 10.89 40.97 34.75
CA LYS A 305 10.45 41.66 33.55
C LYS A 305 9.29 40.95 32.85
N ALA A 306 8.94 39.77 33.34
CA ALA A 306 7.80 39.00 32.81
C ALA A 306 6.49 39.37 33.52
N ALA A 307 6.55 40.33 34.43
CA ALA A 307 5.38 40.68 35.23
C ALA A 307 4.19 41.04 34.35
N GLU A 308 4.44 41.76 33.27
CA GLU A 308 3.35 42.19 32.39
C GLU A 308 2.63 40.99 31.76
N LEU A 309 3.36 39.90 31.54
CA LEU A 309 2.76 38.71 30.97
C LEU A 309 1.72 38.14 31.92
N TYR A 310 2.11 37.98 33.18
CA TYR A 310 1.20 37.49 34.21
C TYR A 310 -0.02 38.38 34.37
N GLU A 311 0.20 39.69 34.43
CA GLU A 311 -0.90 40.61 34.63
C GLU A 311 -1.87 40.60 33.44
N ARG A 312 -1.37 40.32 32.25
CA ARG A 312 -2.25 40.23 31.09
C ARG A 312 -3.09 38.95 31.14
N VAL A 313 -2.46 37.87 31.59
CA VAL A 313 -3.19 36.62 31.75
C VAL A 313 -4.29 36.80 32.81
N ALA A 314 -3.96 37.41 33.93
CA ALA A 314 -4.93 37.70 34.98
C ALA A 314 -6.09 38.54 34.42
N SER A 315 -5.73 39.51 33.60
CA SER A 315 -6.69 40.41 32.97
C SER A 315 -7.67 39.65 32.06
N ASN A 316 -7.12 38.81 31.18
CA ASN A 316 -7.95 38.01 30.28
C ASN A 316 -8.90 37.11 31.04
N ARG A 317 -8.46 36.59 32.19
CA ARG A 317 -9.34 35.78 33.03
C ARG A 317 -10.48 36.61 33.57
N GLU A 318 -10.17 37.85 33.93
CA GLU A 318 -11.18 38.76 34.45
C GLU A 318 -12.23 39.03 33.37
N HIS A 319 -11.80 39.07 32.13
CA HIS A 319 -12.67 39.36 31.00
C HIS A 319 -13.65 38.21 30.76
N TRP A 320 -13.22 36.99 31.01
CA TRP A 320 -14.12 35.85 30.87
C TRP A 320 -15.28 35.97 31.86
N THR A 321 -14.97 36.41 33.08
CA THR A 321 -16.00 36.62 34.09
C THR A 321 -17.02 37.66 33.63
N LYS A 322 -16.52 38.70 32.96
CA LYS A 322 -17.36 39.83 32.59
C LYS A 322 -18.26 39.55 31.38
N VAL A 323 -17.84 38.64 30.50
CA VAL A 323 -18.62 38.32 29.31
C VAL A 323 -19.46 37.06 29.49
N SER A 324 -19.37 36.43 30.65
CA SER A 324 -20.00 35.14 30.87
C SER A 324 -21.54 35.20 30.79
N HIS A 325 -22.11 36.30 31.28
CA HIS A 325 -23.56 36.50 31.24
C HIS A 325 -24.09 36.40 29.82
N LYS A 326 -23.24 36.73 28.85
CA LYS A 326 -23.63 36.75 27.45
C LYS A 326 -23.86 35.35 26.88
N PHE A 327 -23.54 34.32 27.65
CA PHE A 327 -23.79 32.95 27.21
C PHE A 327 -25.16 32.48 27.67
N THR A 328 -25.89 33.34 28.37
CA THR A 328 -27.27 33.04 28.74
C THR A 328 -28.21 33.80 27.80
N ILE A 329 -29.16 33.07 27.21
CA ILE A 329 -30.09 33.66 26.24
C ILE A 329 -31.20 34.43 26.95
N ARG A 330 -31.16 35.76 26.82
CA ARG A 330 -32.17 36.62 27.38
C ARG A 330 -33.01 37.20 26.26
N GLY A 331 -34.30 37.40 26.52
CA GLY A 331 -35.20 37.71 25.44
C GLY A 331 -35.32 36.50 24.53
N LEU A 332 -35.58 36.75 23.26
CA LEU A 332 -35.66 35.71 22.26
C LEU A 332 -34.35 35.64 21.52
N PRO A 333 -34.06 34.51 20.86
CA PRO A 333 -32.93 34.49 19.92
C PRO A 333 -33.15 35.52 18.83
N SER A 334 -32.11 35.87 18.09
CA SER A 334 -32.18 36.99 17.15
C SER A 334 -33.10 36.72 15.96
N ASN A 335 -33.54 35.47 15.82
CA ASN A 335 -34.48 35.11 14.77
C ASN A 335 -35.92 35.14 15.29
N ASN A 336 -36.08 35.62 16.52
CA ASN A 336 -37.37 35.71 17.19
C ASN A 336 -38.07 34.37 17.37
N SER A 337 -37.31 33.28 17.32
CA SER A 337 -37.91 31.97 17.29
C SER A 337 -37.51 31.10 18.48
N LEU A 338 -38.47 30.30 18.97
CA LEU A 338 -38.19 29.32 20.00
C LEU A 338 -38.06 27.91 19.41
N ASP A 339 -37.89 27.84 18.10
CA ASP A 339 -37.82 26.55 17.39
C ASP A 339 -36.70 25.65 17.93
N PHE A 340 -35.63 26.26 18.43
CA PHE A 340 -34.48 25.52 18.93
C PHE A 340 -34.82 24.72 20.20
N LEU A 341 -36.04 24.89 20.72
CA LEU A 341 -36.51 24.08 21.83
C LEU A 341 -37.01 22.72 21.34
N ALA B 2 15.80 -1.66 -10.25
CA ALA B 2 16.12 -3.08 -10.08
C ALA B 2 15.23 -3.71 -9.01
N MET B 3 14.70 -2.86 -8.13
CA MET B 3 13.75 -3.28 -7.12
C MET B 3 12.39 -3.44 -7.78
N ASP B 4 12.07 -2.49 -8.66
CA ASP B 4 10.84 -2.54 -9.45
C ASP B 4 10.84 -3.79 -10.31
N ASP B 5 12.00 -4.11 -10.87
CA ASP B 5 12.23 -5.38 -11.56
C ASP B 5 11.77 -6.54 -10.67
N GLU B 6 12.30 -6.56 -9.46
CA GLU B 6 12.00 -7.62 -8.51
C GLU B 6 10.52 -7.63 -8.16
N TYR B 7 9.95 -6.43 -7.98
CA TYR B 7 8.52 -6.33 -7.67
C TYR B 7 7.69 -6.99 -8.76
N THR B 8 7.98 -6.62 -10.01
CA THR B 8 7.21 -7.11 -11.13
C THR B 8 7.25 -8.65 -11.20
N LYS B 9 8.42 -9.22 -11.01
CA LYS B 9 8.52 -10.67 -11.08
C LYS B 9 7.85 -11.28 -9.86
N LEU B 10 8.07 -10.68 -8.69
CA LEU B 10 7.52 -11.21 -7.45
C LEU B 10 5.98 -11.23 -7.51
N LEU B 11 5.42 -10.25 -8.21
CA LEU B 11 3.98 -10.11 -8.28
C LEU B 11 3.39 -10.98 -9.39
N HIS B 12 4.05 -11.03 -10.55
CA HIS B 12 3.41 -11.61 -11.72
C HIS B 12 3.88 -13.01 -12.11
N ASP B 13 4.92 -13.50 -11.46
CA ASP B 13 5.35 -14.89 -11.65
C ASP B 13 4.61 -15.78 -10.66
N GLY B 14 4.45 -17.05 -11.01
CA GLY B 14 3.87 -18.01 -10.09
C GLY B 14 4.79 -18.17 -8.89
N ILE B 15 4.20 -18.28 -7.70
CA ILE B 15 5.00 -18.52 -6.51
C ILE B 15 5.51 -19.97 -6.56
N GLN B 16 6.83 -20.12 -6.61
CA GLN B 16 7.49 -21.42 -6.79
C GLN B 16 7.17 -22.37 -5.64
N PRO B 17 6.92 -23.66 -5.93
CA PRO B 17 6.81 -24.61 -4.82
C PRO B 17 8.12 -24.63 -4.06
N VAL B 18 8.11 -24.84 -2.74
CA VAL B 18 9.35 -24.74 -1.97
C VAL B 18 10.39 -25.76 -2.44
N ALA B 19 9.94 -26.92 -2.88
CA ALA B 19 10.87 -27.98 -3.27
C ALA B 19 11.61 -27.62 -4.56
N ALA B 20 11.06 -26.69 -5.34
CA ALA B 20 11.72 -26.27 -6.57
C ALA B 20 12.80 -25.21 -6.27
N ILE B 21 12.74 -24.60 -5.09
CA ILE B 21 13.81 -23.72 -4.65
C ILE B 21 15.04 -24.55 -4.34
N ASP B 22 14.82 -25.59 -3.56
CA ASP B 22 15.83 -26.58 -3.23
C ASP B 22 15.08 -27.81 -2.74
N SER B 23 15.54 -28.98 -3.15
CA SER B 23 14.87 -30.23 -2.79
C SER B 23 14.84 -30.43 -1.27
N ASN B 24 15.81 -29.82 -0.59
CA ASN B 24 15.95 -29.96 0.86
C ASN B 24 15.40 -28.76 1.63
N PHE B 25 14.67 -27.88 0.94
CA PHE B 25 14.29 -26.59 1.51
C PHE B 25 13.54 -26.69 2.84
N ALA B 26 12.74 -27.74 3.02
CA ALA B 26 11.93 -27.86 4.24
C ALA B 26 12.62 -28.74 5.29
N SER B 27 13.93 -28.93 5.14
CA SER B 27 14.70 -29.74 6.09
C SER B 27 15.52 -28.91 7.06
N PHE B 28 15.70 -29.43 8.27
CA PHE B 28 16.55 -28.80 9.28
C PHE B 28 18.01 -28.70 8.82
N THR B 29 18.41 -29.52 7.86
CA THR B 29 19.78 -29.53 7.37
C THR B 29 19.99 -28.44 6.32
N TYR B 30 18.91 -27.83 5.84
CA TYR B 30 19.03 -26.78 4.84
C TYR B 30 19.58 -25.51 5.47
N THR B 31 20.49 -24.84 4.76
CA THR B 31 21.06 -23.59 5.22
C THR B 31 20.54 -22.42 4.36
N PRO B 32 19.59 -21.67 4.90
CA PRO B 32 18.94 -20.57 4.17
C PRO B 32 19.90 -19.51 3.66
N ARG B 33 21.02 -19.31 4.35
CA ARG B 33 22.00 -18.32 3.91
C ARG B 33 22.69 -18.76 2.61
N SER B 34 22.43 -19.99 2.17
CA SER B 34 22.93 -20.46 0.88
C SER B 34 22.16 -19.83 -0.27
N LEU B 35 20.90 -19.51 -0.02
CA LEU B 35 20.05 -18.91 -1.04
C LEU B 35 20.58 -17.53 -1.40
N PRO B 36 20.74 -17.26 -2.71
CA PRO B 36 21.15 -15.93 -3.15
C PRO B 36 20.19 -14.87 -2.61
N GLU B 37 20.72 -13.73 -2.18
CA GLU B 37 19.87 -12.71 -1.59
C GLU B 37 18.75 -12.30 -2.54
N ASP B 38 19.01 -12.33 -3.84
CA ASP B 38 18.00 -11.97 -4.83
C ASP B 38 16.81 -12.91 -4.87
N ASP B 39 16.98 -14.12 -4.32
CA ASP B 39 15.91 -15.11 -4.34
C ASP B 39 15.12 -15.16 -3.03
N THR B 40 15.50 -14.36 -2.05
CA THR B 40 14.90 -14.52 -0.74
C THR B 40 13.48 -14.00 -0.64
N SER B 41 13.14 -12.93 -1.35
CA SER B 41 11.76 -12.45 -1.28
C SER B 41 10.81 -13.44 -1.95
N MET B 42 11.25 -14.02 -3.05
CA MET B 42 10.47 -15.10 -3.67
C MET B 42 10.33 -16.29 -2.71
N ALA B 43 11.39 -16.60 -1.96
CA ALA B 43 11.32 -17.72 -1.01
C ALA B 43 10.31 -17.44 0.11
N ILE B 44 10.25 -16.20 0.58
CA ILE B 44 9.28 -15.80 1.60
C ILE B 44 7.88 -16.12 1.07
N LEU B 45 7.62 -15.73 -0.18
CA LEU B 45 6.32 -15.99 -0.79
C LEU B 45 6.03 -17.48 -0.88
N SER B 46 7.03 -18.26 -1.25
CA SER B 46 6.90 -19.72 -1.34
C SER B 46 6.53 -20.35 0.01
N MET B 47 7.18 -19.88 1.06
CA MET B 47 6.89 -20.40 2.39
C MET B 47 5.47 -20.02 2.85
N LEU B 48 5.09 -18.76 2.62
CA LEU B 48 3.74 -18.31 2.96
C LEU B 48 2.68 -19.10 2.18
N GLN B 49 2.97 -19.39 0.92
CA GLN B 49 2.07 -20.19 0.08
C GLN B 49 2.00 -21.62 0.58
N ASP B 50 3.14 -22.19 0.97
CA ASP B 50 3.16 -23.56 1.43
C ASP B 50 2.48 -23.72 2.79
N MET B 51 2.50 -22.65 3.59
CA MET B 51 1.80 -22.66 4.88
C MET B 51 0.34 -22.28 4.72
N ASN B 52 -0.06 -22.05 3.48
CA ASN B 52 -1.45 -21.74 3.11
C ASN B 52 -1.92 -20.42 3.71
N PHE B 53 -0.99 -19.55 4.07
CA PHE B 53 -1.37 -18.31 4.76
C PHE B 53 -1.95 -17.28 3.82
N ILE B 54 -1.52 -17.33 2.57
CA ILE B 54 -2.01 -16.40 1.55
C ILE B 54 -3.50 -16.65 1.32
N ASN B 55 -3.90 -17.91 1.47
CA ASN B 55 -5.30 -18.30 1.34
C ASN B 55 -6.12 -18.07 2.61
N ASN B 56 -5.64 -18.58 3.74
CA ASN B 56 -6.35 -18.44 5.01
C ASN B 56 -6.73 -17.00 5.33
N TYR B 57 -5.83 -16.08 4.97
CA TYR B 57 -6.04 -14.67 5.27
C TYR B 57 -6.23 -13.87 3.99
N LYS B 58 -6.52 -14.58 2.90
CA LYS B 58 -6.77 -14.03 1.55
C LYS B 58 -5.95 -12.79 1.30
N ILE B 59 -4.63 -12.95 1.39
CA ILE B 59 -3.73 -11.82 1.27
C ILE B 59 -3.64 -11.33 -0.17
N ASP B 60 -3.96 -10.06 -0.37
CA ASP B 60 -3.80 -9.44 -1.68
C ASP B 60 -2.35 -9.61 -2.13
N CYS B 61 -2.14 -10.33 -3.23
CA CYS B 61 -0.78 -10.62 -3.67
C CYS B 61 0.06 -9.37 -3.96
N PRO B 62 -0.49 -8.35 -4.65
CA PRO B 62 0.33 -7.14 -4.81
C PRO B 62 0.75 -6.55 -3.45
N THR B 63 -0.18 -6.55 -2.50
CA THR B 63 0.09 -6.06 -1.16
C THR B 63 1.19 -6.90 -0.48
N LEU B 64 1.07 -8.22 -0.58
CA LEU B 64 2.09 -9.10 -0.04
C LEU B 64 3.46 -8.87 -0.66
N ALA B 65 3.51 -8.71 -1.98
CA ALA B 65 4.78 -8.46 -2.66
C ALA B 65 5.38 -7.15 -2.19
N ARG B 66 4.56 -6.10 -2.14
CA ARG B 66 5.07 -4.82 -1.63
C ARG B 66 5.56 -4.96 -0.19
N PHE B 67 4.77 -5.63 0.65
CA PHE B 67 5.16 -5.83 2.05
C PHE B 67 6.53 -6.49 2.17
N CYS B 68 6.72 -7.60 1.45
CA CYS B 68 7.97 -8.34 1.51
C CYS B 68 9.16 -7.46 1.12
N LEU B 69 8.99 -6.69 0.05
CA LEU B 69 10.10 -5.85 -0.41
C LEU B 69 10.32 -4.69 0.55
N MET B 70 9.25 -4.15 1.14
CA MET B 70 9.42 -3.06 2.11
C MET B 70 10.13 -3.54 3.37
N VAL B 71 9.82 -4.75 3.81
CA VAL B 71 10.45 -5.33 4.98
C VAL B 71 11.93 -5.56 4.68
N LYS B 72 12.24 -6.13 3.52
CA LYS B 72 13.65 -6.28 3.13
C LYS B 72 14.39 -4.95 3.11
N LYS B 73 13.78 -3.93 2.52
CA LYS B 73 14.44 -2.64 2.37
C LYS B 73 14.57 -1.96 3.74
N GLY B 74 13.80 -2.44 4.72
CA GLY B 74 13.84 -1.85 6.06
C GLY B 74 15.02 -2.28 6.92
N TYR B 75 15.85 -3.17 6.39
CA TYR B 75 17.06 -3.61 7.07
C TYR B 75 18.21 -2.82 6.52
N ARG B 76 19.11 -2.41 7.42
CA ARG B 76 20.39 -1.84 7.01
C ARG B 76 21.35 -2.99 6.76
N ASP B 77 22.62 -2.69 6.61
CA ASP B 77 23.61 -3.74 6.32
C ASP B 77 24.76 -3.83 7.35
N PRO B 78 24.43 -3.96 8.66
CA PRO B 78 25.53 -4.29 9.57
C PRO B 78 26.01 -5.71 9.25
N PRO B 79 27.14 -6.14 9.82
CA PRO B 79 27.63 -7.48 9.45
C PRO B 79 26.64 -8.63 9.75
N TYR B 80 25.94 -8.59 10.87
CA TYR B 80 25.04 -9.69 11.24
C TYR B 80 23.54 -9.35 11.16
N HIS B 81 23.14 -8.24 11.77
CA HIS B 81 21.71 -7.94 11.88
C HIS B 81 21.14 -7.25 10.64
N ASN B 82 21.08 -8.01 9.54
CA ASN B 82 20.69 -7.52 8.22
C ASN B 82 19.57 -8.42 7.68
N TRP B 83 19.13 -8.20 6.45
CA TRP B 83 17.96 -8.93 5.94
C TRP B 83 18.21 -10.44 5.89
N MET B 84 19.42 -10.84 5.52
CA MET B 84 19.74 -12.26 5.43
C MET B 84 19.55 -12.93 6.80
N HIS B 85 19.79 -12.20 7.90
CA HIS B 85 19.49 -12.73 9.22
C HIS B 85 17.99 -12.97 9.35
N ALA B 86 17.22 -11.93 9.03
CA ALA B 86 15.78 -11.96 9.18
C ALA B 86 15.17 -13.07 8.32
N PHE B 87 15.73 -13.25 7.13
CA PHE B 87 15.27 -14.28 6.20
C PHE B 87 15.53 -15.67 6.78
N SER B 88 16.71 -15.87 7.35
CA SER B 88 17.06 -17.19 7.82
C SER B 88 16.27 -17.51 9.09
N VAL B 89 15.92 -16.47 9.82
CA VAL B 89 15.13 -16.62 11.03
C VAL B 89 13.71 -17.02 10.60
N SER B 90 13.20 -16.34 9.58
CA SER B 90 11.87 -16.64 9.02
C SER B 90 11.85 -18.04 8.46
N HIS B 91 12.92 -18.40 7.73
CA HIS B 91 13.00 -19.73 7.19
C HIS B 91 12.93 -20.77 8.31
N PHE B 92 13.59 -20.50 9.44
CA PHE B 92 13.54 -21.48 10.52
C PHE B 92 12.12 -21.59 11.08
N CYS B 93 11.39 -20.48 11.14
CA CYS B 93 9.99 -20.54 11.54
C CYS B 93 9.20 -21.50 10.65
N TYR B 94 9.41 -21.37 9.35
CA TYR B 94 8.83 -22.29 8.40
C TYR B 94 9.23 -23.76 8.66
N LEU B 95 10.49 -23.99 9.02
CA LEU B 95 10.97 -25.33 9.35
C LEU B 95 10.22 -25.89 10.55
N LEU B 96 10.04 -25.06 11.56
CA LEU B 96 9.33 -25.49 12.77
C LEU B 96 7.90 -25.86 12.42
N TYR B 97 7.27 -25.01 11.61
CA TYR B 97 5.92 -25.29 11.13
C TYR B 97 5.85 -26.66 10.43
N LYS B 98 6.77 -26.88 9.49
CA LYS B 98 6.73 -28.10 8.69
C LYS B 98 7.13 -29.35 9.48
N ASN B 99 8.15 -29.21 10.31
CA ASN B 99 8.73 -30.37 10.99
C ASN B 99 8.12 -30.69 12.37
N LEU B 100 7.68 -29.65 13.08
CA LEU B 100 7.07 -29.85 14.40
C LEU B 100 5.55 -29.85 14.34
N GLU B 101 4.99 -29.59 13.16
CA GLU B 101 3.54 -29.56 12.95
C GLU B 101 2.85 -28.62 13.96
N LEU B 102 3.21 -27.35 13.86
CA LEU B 102 2.77 -26.33 14.80
C LEU B 102 1.26 -26.14 14.83
N THR B 103 0.55 -26.58 13.79
CA THR B 103 -0.91 -26.36 13.75
C THR B 103 -1.64 -27.18 14.80
N ASN B 104 -0.97 -28.20 15.35
CA ASN B 104 -1.49 -28.97 16.46
C ASN B 104 -1.26 -28.30 17.82
N TYR B 105 -0.47 -27.22 17.84
CA TYR B 105 -0.09 -26.58 19.09
C TYR B 105 -0.56 -25.14 19.18
N LEU B 106 -0.56 -24.43 18.05
CA LEU B 106 -0.86 -23.01 18.09
C LEU B 106 -2.01 -22.70 17.15
N GLU B 107 -2.75 -21.65 17.48
CA GLU B 107 -3.79 -21.18 16.58
C GLU B 107 -3.12 -20.71 15.30
N ASP B 108 -3.85 -20.80 14.19
CA ASP B 108 -3.31 -20.45 12.90
C ASP B 108 -2.86 -18.98 12.87
N ILE B 109 -3.63 -18.12 13.52
CA ILE B 109 -3.31 -16.69 13.57
C ILE B 109 -2.01 -16.44 14.36
N GLU B 110 -1.72 -17.30 15.33
CA GLU B 110 -0.51 -17.16 16.13
C GLU B 110 0.70 -17.55 15.29
N ILE B 111 0.55 -18.58 14.48
CA ILE B 111 1.63 -19.04 13.63
C ILE B 111 1.96 -17.98 12.58
N PHE B 112 0.91 -17.40 12.00
CA PHE B 112 1.03 -16.29 11.06
C PHE B 112 1.79 -15.11 11.69
N ALA B 113 1.37 -14.71 12.89
CA ALA B 113 2.00 -13.61 13.62
C ALA B 113 3.46 -13.93 13.89
N LEU B 114 3.72 -15.20 14.20
CA LEU B 114 5.11 -15.58 14.51
C LEU B 114 5.97 -15.41 13.27
N PHE B 115 5.47 -15.88 12.12
CA PHE B 115 6.26 -15.81 10.89
C PHE B 115 6.49 -14.36 10.45
N ILE B 116 5.46 -13.53 10.49
CA ILE B 116 5.59 -12.14 10.10
C ILE B 116 6.54 -11.43 11.06
N SER B 117 6.45 -11.79 12.33
CA SER B 117 7.34 -11.22 13.35
C SER B 117 8.80 -11.55 13.02
N CYS B 118 9.05 -12.80 12.64
CA CYS B 118 10.40 -13.21 12.25
C CYS B 118 10.91 -12.33 11.13
N MET B 119 10.06 -12.04 10.15
CA MET B 119 10.47 -11.19 9.02
C MET B 119 10.86 -9.79 9.52
N CYS B 120 10.16 -9.32 10.55
CA CYS B 120 10.26 -7.92 10.96
C CYS B 120 11.16 -7.66 12.18
N HIS B 121 11.60 -8.72 12.86
CA HIS B 121 11.98 -8.63 14.27
C HIS B 121 13.27 -7.86 14.53
N ASP B 122 14.06 -7.59 13.48
CA ASP B 122 15.28 -6.78 13.65
C ASP B 122 15.27 -5.55 12.73
N LEU B 123 14.08 -5.17 12.24
CA LEU B 123 13.97 -4.04 11.32
C LEU B 123 14.75 -2.80 11.79
N ASP B 124 15.55 -2.25 10.87
CA ASP B 124 16.30 -1.03 11.11
C ASP B 124 17.36 -1.16 12.22
N HIS B 125 17.79 -2.38 12.50
CA HIS B 125 18.96 -2.59 13.36
C HIS B 125 20.16 -1.83 12.80
N ARG B 126 20.93 -1.18 13.69
CA ARG B 126 22.05 -0.34 13.32
C ARG B 126 23.38 -0.98 13.73
N GLY B 127 23.30 -2.22 14.21
CA GLY B 127 24.48 -2.97 14.59
C GLY B 127 24.95 -2.61 16.00
N THR B 128 24.04 -2.06 16.81
CA THR B 128 24.38 -1.75 18.19
C THR B 128 23.31 -2.32 19.10
N ASN B 129 23.69 -2.70 20.32
CA ASN B 129 22.74 -3.38 21.21
C ASN B 129 21.94 -2.38 22.04
N ASN B 130 21.08 -2.91 22.92
CA ASN B 130 20.27 -2.06 23.77
C ASN B 130 21.09 -1.20 24.72
N SER B 131 22.15 -1.76 25.27
CA SER B 131 22.97 -1.01 26.21
C SER B 131 23.54 0.25 25.56
N PHE B 132 23.96 0.12 24.31
CA PHE B 132 24.52 1.24 23.59
C PHE B 132 23.48 2.36 23.41
N GLN B 133 22.25 1.98 23.09
CA GLN B 133 21.16 2.95 22.95
C GLN B 133 21.04 3.77 24.23
N VAL B 134 21.04 3.10 25.37
CA VAL B 134 20.81 3.75 26.65
C VAL B 134 22.00 4.62 27.08
N ALA B 135 23.21 4.09 26.96
CA ALA B 135 24.40 4.81 27.38
C ALA B 135 24.65 6.04 26.49
N SER B 136 24.33 5.93 25.21
CA SER B 136 24.59 7.01 24.27
C SER B 136 23.40 7.96 24.17
N LYS B 137 22.37 7.70 24.97
CA LYS B 137 21.16 8.51 24.99
C LYS B 137 20.62 8.70 23.58
N SER B 138 20.51 7.59 22.86
CA SER B 138 20.00 7.64 21.49
C SER B 138 18.54 8.07 21.47
N VAL B 139 18.05 8.47 20.30
CA VAL B 139 16.64 8.82 20.18
C VAL B 139 15.73 7.61 20.43
N LEU B 140 16.20 6.40 20.14
CA LEU B 140 15.39 5.21 20.40
C LEU B 140 15.26 5.04 21.91
N ALA B 141 16.34 5.32 22.62
CA ALA B 141 16.31 5.22 24.07
C ALA B 141 15.48 6.37 24.66
N ALA B 142 15.50 7.51 23.97
CA ALA B 142 14.73 8.68 24.39
C ALA B 142 13.24 8.36 24.37
N LEU B 143 12.81 7.65 23.32
CA LEU B 143 11.41 7.35 23.15
C LEU B 143 10.98 6.25 24.12
N TYR B 144 11.73 5.16 24.10
CA TYR B 144 11.40 4.00 24.93
C TYR B 144 12.20 4.10 26.23
N SER B 145 11.84 5.10 27.04
CA SER B 145 12.61 5.51 28.22
C SER B 145 12.46 4.54 29.39
N SER B 146 11.37 3.78 29.40
CA SER B 146 11.16 2.76 30.42
C SER B 146 12.03 1.56 30.07
N GLU B 147 12.68 1.68 28.91
CA GLU B 147 13.86 0.91 28.51
C GLU B 147 13.81 -0.59 28.72
N GLY B 148 14.99 -1.18 28.79
CA GLY B 148 15.13 -2.60 28.59
C GLY B 148 15.27 -2.81 27.10
N SER B 149 14.16 -3.25 26.49
CA SER B 149 14.14 -3.72 25.11
C SER B 149 13.96 -2.58 24.11
N VAL B 150 14.90 -1.64 24.13
CA VAL B 150 14.84 -0.46 23.30
C VAL B 150 14.79 -0.81 21.80
N MET B 151 15.71 -1.66 21.33
CA MET B 151 15.76 -1.95 19.88
C MET B 151 14.53 -2.71 19.47
N GLU B 152 14.04 -3.55 20.37
CA GLU B 152 12.91 -4.41 20.01
C GLU B 152 11.61 -3.60 19.90
N ARG B 153 11.46 -2.59 20.75
CA ARG B 153 10.36 -1.64 20.63
C ARG B 153 10.46 -0.93 19.27
N HIS B 154 11.67 -0.56 18.88
CA HIS B 154 11.86 0.07 17.58
C HIS B 154 11.53 -0.89 16.42
N HIS B 155 12.03 -2.13 16.48
CA HIS B 155 11.73 -3.11 15.44
C HIS B 155 10.22 -3.24 15.25
N PHE B 156 9.48 -3.39 16.35
CA PHE B 156 8.01 -3.44 16.26
C PHE B 156 7.44 -2.17 15.63
N ALA B 157 7.96 -1.01 16.04
CA ALA B 157 7.46 0.26 15.53
C ALA B 157 7.65 0.36 14.03
N GLN B 158 8.80 -0.14 13.54
CA GLN B 158 9.10 -0.16 12.11
C GLN B 158 8.16 -1.11 11.36
N ALA B 159 7.85 -2.24 11.98
CA ALA B 159 6.88 -3.18 11.40
C ALA B 159 5.52 -2.51 11.24
N ILE B 160 5.05 -1.83 12.29
CA ILE B 160 3.75 -1.15 12.22
C ILE B 160 3.77 -0.04 11.15
N ALA B 161 4.88 0.67 11.05
CA ALA B 161 5.01 1.71 10.04
C ALA B 161 4.86 1.12 8.63
N ILE B 162 5.45 -0.04 8.39
CA ILE B 162 5.33 -0.69 7.09
C ILE B 162 3.89 -1.12 6.85
N LEU B 163 3.26 -1.71 7.87
CA LEU B 163 1.86 -2.14 7.72
C LEU B 163 0.98 -0.95 7.41
N ASN B 164 1.26 0.18 8.05
CA ASN B 164 0.46 1.36 7.81
C ASN B 164 0.80 2.11 6.53
N THR B 165 1.77 1.61 5.79
CA THR B 165 2.15 2.23 4.52
C THR B 165 1.18 1.81 3.42
N HIS B 166 0.69 2.78 2.66
CA HIS B 166 -0.23 2.52 1.55
C HIS B 166 0.20 1.30 0.71
N GLY B 167 -0.68 0.31 0.62
CA GLY B 167 -0.44 -0.82 -0.25
C GLY B 167 0.39 -1.91 0.37
N CYS B 168 0.68 -1.81 1.66
CA CYS B 168 1.51 -2.80 2.34
C CYS B 168 0.80 -3.52 3.49
N ASN B 169 -0.48 -3.22 3.71
CA ASN B 169 -1.13 -3.81 4.86
C ASN B 169 -1.66 -5.20 4.56
N ILE B 170 -0.81 -6.19 4.79
CA ILE B 170 -1.18 -7.58 4.57
C ILE B 170 -2.21 -8.09 5.58
N PHE B 171 -2.59 -7.25 6.55
CA PHE B 171 -3.60 -7.63 7.53
C PHE B 171 -4.95 -6.99 7.25
N ASP B 172 -5.12 -6.48 6.04
CA ASP B 172 -6.35 -5.79 5.66
C ASP B 172 -7.57 -6.72 5.73
N HIS B 173 -7.35 -8.03 5.63
CA HIS B 173 -8.45 -9.01 5.71
C HIS B 173 -9.09 -9.06 7.09
N PHE B 174 -8.29 -8.76 8.11
CA PHE B 174 -8.72 -8.96 9.49
C PHE B 174 -9.79 -7.99 9.92
N SER B 175 -10.71 -8.48 10.75
CA SER B 175 -11.64 -7.61 11.46
C SER B 175 -10.83 -6.67 12.32
N ARG B 176 -11.42 -5.58 12.78
CA ARG B 176 -10.70 -4.68 13.66
C ARG B 176 -10.26 -5.42 14.92
N LYS B 177 -11.09 -6.34 15.40
CA LYS B 177 -10.68 -7.15 16.56
C LYS B 177 -9.42 -7.97 16.26
N ASP B 178 -9.43 -8.71 15.16
CA ASP B 178 -8.29 -9.58 14.88
C ASP B 178 -7.07 -8.76 14.47
N TYR B 179 -7.30 -7.58 13.91
CA TYR B 179 -6.19 -6.67 13.57
C TYR B 179 -5.43 -6.29 14.84
N GLN B 180 -6.15 -5.85 15.87
CA GLN B 180 -5.53 -5.55 17.17
C GLN B 180 -4.87 -6.79 17.77
N ARG B 181 -5.55 -7.95 17.71
CA ARG B 181 -4.92 -9.16 18.21
C ARG B 181 -3.58 -9.41 17.52
N MET B 182 -3.54 -9.19 16.20
CA MET B 182 -2.35 -9.44 15.43
C MET B 182 -1.26 -8.44 15.83
N LEU B 183 -1.63 -7.17 16.00
CA LEU B 183 -0.60 -6.18 16.39
C LEU B 183 -0.03 -6.52 17.77
N ASP B 184 -0.90 -6.93 18.68
CA ASP B 184 -0.43 -7.24 20.03
C ASP B 184 0.41 -8.51 20.05
N LEU B 185 0.03 -9.49 19.22
CA LEU B 185 0.86 -10.69 19.02
C LEU B 185 2.25 -10.31 18.54
N MET B 186 2.32 -9.49 17.49
CA MET B 186 3.60 -9.07 16.93
C MET B 186 4.44 -8.32 17.96
N ARG B 187 3.82 -7.43 18.76
CA ARG B 187 4.60 -6.74 19.79
C ARG B 187 5.19 -7.74 20.76
N ASP B 188 4.36 -8.67 21.24
CA ASP B 188 4.80 -9.66 22.22
C ASP B 188 5.94 -10.51 21.66
N ILE B 189 5.81 -10.94 20.41
CA ILE B 189 6.78 -11.88 19.83
C ILE B 189 8.11 -11.16 19.59
N ILE B 190 8.03 -9.96 19.02
CA ILE B 190 9.24 -9.19 18.77
C ILE B 190 9.93 -8.79 20.06
N LEU B 191 9.17 -8.42 21.10
CA LEU B 191 9.78 -8.11 22.40
C LEU B 191 10.45 -9.35 22.99
N ALA B 192 9.92 -10.52 22.67
CA ALA B 192 10.50 -11.77 23.14
C ALA B 192 11.92 -11.99 22.62
N THR B 193 12.30 -11.29 21.55
CA THR B 193 13.63 -11.47 20.95
C THR B 193 14.72 -10.83 21.79
N ASP B 194 14.34 -10.01 22.77
CA ASP B 194 15.35 -9.51 23.70
C ASP B 194 15.77 -10.69 24.60
N LEU B 195 17.04 -11.09 24.54
CA LEU B 195 17.48 -12.24 25.34
C LEU B 195 17.30 -11.97 26.83
N ALA B 196 17.30 -10.69 27.21
CA ALA B 196 16.98 -10.33 28.59
C ALA B 196 15.59 -10.83 28.96
N HIS B 197 14.66 -10.71 28.02
CA HIS B 197 13.30 -11.16 28.24
C HIS B 197 13.29 -12.68 28.35
N HIS B 198 14.00 -13.35 27.44
CA HIS B 198 14.12 -14.82 27.50
C HIS B 198 14.60 -15.31 28.86
N LEU B 199 15.66 -14.68 29.36
CA LEU B 199 16.24 -15.10 30.62
C LEU B 199 15.26 -14.87 31.76
N ARG B 200 14.46 -13.80 31.66
CA ARG B 200 13.45 -13.56 32.70
C ARG B 200 12.34 -14.62 32.74
N ILE B 201 11.98 -15.18 31.60
CA ILE B 201 10.90 -16.18 31.54
C ILE B 201 11.41 -17.62 31.51
N PHE B 202 12.72 -17.78 31.62
CA PHE B 202 13.34 -19.09 31.47
C PHE B 202 12.75 -20.13 32.42
N LYS B 203 12.58 -19.78 33.69
CA LYS B 203 12.01 -20.72 34.66
C LYS B 203 10.58 -21.10 34.27
N ASP B 204 9.84 -20.15 33.73
CA ASP B 204 8.48 -20.44 33.26
C ASP B 204 8.51 -21.37 32.05
N LEU B 205 9.45 -21.15 31.14
CA LEU B 205 9.61 -22.07 30.02
C LEU B 205 9.95 -23.46 30.55
N GLN B 206 10.89 -23.53 31.49
CA GLN B 206 11.25 -24.80 32.13
C GLN B 206 10.06 -25.49 32.77
N LYS B 207 9.28 -24.74 33.53
CA LYS B 207 8.09 -25.26 34.16
C LYS B 207 7.15 -25.84 33.11
N MET B 208 6.94 -25.11 32.03
CA MET B 208 6.05 -25.55 30.97
C MET B 208 6.54 -26.86 30.34
N ALA B 209 7.84 -26.96 30.12
CA ALA B 209 8.41 -28.17 29.54
C ALA B 209 8.24 -29.36 30.49
N GLU B 210 8.34 -29.10 31.80
CA GLU B 210 8.18 -30.18 32.80
C GLU B 210 6.75 -30.69 32.85
N VAL B 211 5.79 -29.78 32.82
CA VAL B 211 4.40 -30.18 32.99
C VAL B 211 3.81 -30.64 31.67
N GLY B 212 4.34 -30.10 30.58
CA GLY B 212 3.85 -30.45 29.27
C GLY B 212 2.96 -29.37 28.68
N TYR B 213 3.19 -29.05 27.42
CA TYR B 213 2.39 -28.04 26.74
C TYR B 213 0.90 -28.38 26.73
N ASP B 214 0.09 -27.43 27.19
CA ASP B 214 -1.35 -27.57 27.17
C ASP B 214 -1.95 -26.53 26.24
N ARG B 215 -2.43 -26.97 25.08
CA ARG B 215 -3.01 -26.04 24.09
C ARG B 215 -4.19 -25.25 24.65
N ASN B 216 -4.82 -25.75 25.72
CA ASN B 216 -5.94 -25.03 26.33
C ASN B 216 -5.47 -24.03 27.39
N ASN B 217 -4.16 -23.87 27.52
CA ASN B 217 -3.59 -22.95 28.49
C ASN B 217 -3.08 -21.70 27.76
N LYS B 218 -3.79 -20.59 27.92
CA LYS B 218 -3.43 -19.36 27.22
C LYS B 218 -1.99 -18.93 27.52
N GLN B 219 -1.58 -19.10 28.77
CA GLN B 219 -0.21 -18.76 29.16
C GLN B 219 0.83 -19.61 28.43
N HIS B 220 0.54 -20.89 28.25
CA HIS B 220 1.42 -21.77 27.46
C HIS B 220 1.56 -21.32 26.02
N HIS B 221 0.47 -20.82 25.42
CA HIS B 221 0.57 -20.25 24.06
C HIS B 221 1.58 -19.12 24.03
N ARG B 222 1.44 -18.19 24.98
CA ARG B 222 2.35 -17.05 25.07
C ARG B 222 3.81 -17.47 25.26
N LEU B 223 4.04 -18.39 26.19
CA LEU B 223 5.40 -18.89 26.45
C LEU B 223 6.00 -19.61 25.23
N LEU B 224 5.20 -20.45 24.59
CA LEU B 224 5.66 -21.21 23.43
C LEU B 224 6.00 -20.29 22.27
N LEU B 225 5.19 -19.25 22.07
CA LEU B 225 5.49 -18.28 21.03
C LEU B 225 6.84 -17.65 21.34
N CYS B 226 7.10 -17.35 22.62
CA CYS B 226 8.39 -16.73 22.97
C CYS B 226 9.54 -17.68 22.69
N LEU B 227 9.38 -18.92 23.11
CA LEU B 227 10.43 -19.92 22.91
C LEU B 227 10.70 -20.15 21.42
N LEU B 228 9.64 -20.31 20.63
CA LEU B 228 9.80 -20.53 19.20
C LEU B 228 10.52 -19.35 18.53
N MET B 229 10.18 -18.13 18.95
CA MET B 229 10.80 -16.93 18.37
C MET B 229 12.30 -16.92 18.68
N THR B 230 12.64 -17.17 19.93
CA THR B 230 14.04 -17.28 20.35
C THR B 230 14.74 -18.39 19.59
N SER B 231 14.04 -19.52 19.42
CA SER B 231 14.63 -20.64 18.68
C SER B 231 14.94 -20.25 17.24
N CYS B 232 14.05 -19.49 16.62
CA CYS B 232 14.28 -18.98 15.26
C CYS B 232 15.44 -18.01 15.25
N ASP B 233 15.44 -17.10 16.21
CA ASP B 233 16.44 -16.03 16.25
C ASP B 233 17.88 -16.57 16.37
N LEU B 234 18.07 -17.65 17.12
CA LEU B 234 19.41 -18.24 17.33
C LEU B 234 19.70 -19.43 16.43
N SER B 235 18.83 -19.67 15.44
CA SER B 235 18.86 -20.93 14.68
C SER B 235 20.11 -21.14 13.80
N ASP B 236 20.90 -20.09 13.58
CA ASP B 236 22.17 -20.26 12.89
C ASP B 236 23.00 -21.31 13.61
N GLN B 237 22.83 -21.40 14.93
CA GLN B 237 23.62 -22.30 15.74
C GLN B 237 23.19 -23.76 15.60
N THR B 238 22.10 -23.99 14.87
CA THR B 238 21.63 -25.36 14.68
C THR B 238 22.11 -25.94 13.36
N LYS B 239 22.89 -25.18 12.61
CA LYS B 239 23.38 -25.63 11.32
C LYS B 239 24.75 -26.29 11.49
N GLY B 240 25.51 -26.37 10.41
CA GLY B 240 26.80 -27.04 10.45
C GLY B 240 27.86 -26.12 11.04
N TRP B 241 29.05 -26.65 11.27
CA TRP B 241 30.13 -25.86 11.84
C TRP B 241 30.44 -24.63 11.00
N LYS B 242 30.51 -24.81 9.71
CA LYS B 242 30.88 -23.73 8.87
C LYS B 242 29.96 -22.51 8.98
N THR B 243 28.67 -22.76 9.09
CA THR B 243 27.69 -21.70 9.32
C THR B 243 27.95 -20.98 10.63
N THR B 244 28.13 -21.71 11.71
CA THR B 244 28.31 -21.08 13.01
C THR B 244 29.66 -20.34 13.07
N ARG B 245 30.64 -20.85 12.33
CA ARG B 245 31.94 -20.18 12.25
C ARG B 245 31.77 -18.82 11.58
N LYS B 246 31.07 -18.81 10.46
CA LYS B 246 30.85 -17.57 9.70
C LYS B 246 29.96 -16.60 10.49
N ILE B 247 28.96 -17.12 11.18
CA ILE B 247 28.09 -16.27 12.00
C ILE B 247 28.90 -15.63 13.12
N ALA B 248 29.85 -16.38 13.67
CA ALA B 248 30.74 -15.85 14.67
C ALA B 248 31.56 -14.65 14.13
N GLU B 249 32.14 -14.77 12.95
CA GLU B 249 32.82 -13.64 12.32
C GLU B 249 31.90 -12.43 12.17
N LEU B 250 30.65 -12.65 11.77
CA LEU B 250 29.74 -11.53 11.52
C LEU B 250 29.40 -10.83 12.83
N ILE B 251 29.06 -11.65 13.81
CA ILE B 251 28.65 -11.14 15.09
C ILE B 251 29.76 -10.32 15.75
N TYR B 252 30.97 -10.85 15.72
CA TYR B 252 32.06 -10.19 16.41
C TYR B 252 32.53 -8.96 15.64
N LYS B 253 32.52 -9.00 14.31
CA LYS B 253 32.74 -7.78 13.55
C LYS B 253 31.73 -6.68 13.93
N GLU B 254 30.46 -7.04 14.06
CA GLU B 254 29.45 -6.08 14.50
C GLU B 254 29.75 -5.55 15.91
N PHE B 255 30.00 -6.47 16.84
CA PHE B 255 30.30 -6.13 18.23
C PHE B 255 31.49 -5.19 18.33
N PHE B 256 32.55 -5.52 17.61
CA PHE B 256 33.79 -4.77 17.74
C PHE B 256 33.64 -3.38 17.12
N SER B 257 32.78 -3.23 16.11
CA SER B 257 32.51 -1.89 15.61
C SER B 257 31.85 -1.06 16.69
N GLN B 258 30.93 -1.66 17.43
CA GLN B 258 30.30 -0.95 18.54
C GLN B 258 31.32 -0.58 19.60
N GLY B 259 32.22 -1.53 19.94
CA GLY B 259 33.23 -1.27 20.94
C GLY B 259 34.15 -0.13 20.58
N ASP B 260 34.56 -0.07 19.32
CA ASP B 260 35.49 0.96 18.87
C ASP B 260 34.89 2.34 19.11
N LEU B 261 33.63 2.48 18.73
CA LEU B 261 32.94 3.75 18.88
C LEU B 261 32.76 4.12 20.35
N GLU B 262 32.37 3.14 21.17
CA GLU B 262 32.26 3.38 22.61
C GLU B 262 33.58 3.87 23.19
N LYS B 263 34.68 3.23 22.81
CA LYS B 263 36.00 3.68 23.26
C LYS B 263 36.23 5.12 22.87
N ALA B 264 35.86 5.45 21.63
CA ALA B 264 36.04 6.80 21.09
C ALA B 264 35.22 7.81 21.88
N MET B 265 34.02 7.41 22.27
CA MET B 265 33.12 8.27 23.03
C MET B 265 33.57 8.39 24.47
N GLY B 266 34.50 7.52 24.87
CA GLY B 266 35.02 7.54 26.21
C GLY B 266 34.23 6.67 27.16
N ASN B 267 33.55 5.66 26.61
CA ASN B 267 32.82 4.72 27.43
C ASN B 267 33.56 3.40 27.58
N ARG B 268 33.14 2.64 28.58
CA ARG B 268 33.66 1.31 28.85
C ARG B 268 32.89 0.28 28.04
N PRO B 269 33.53 -0.32 27.02
CA PRO B 269 32.76 -1.35 26.31
C PRO B 269 32.74 -2.66 27.07
N MET B 270 31.68 -3.44 26.90
CA MET B 270 31.69 -4.83 27.37
C MET B 270 32.95 -5.52 26.84
N GLU B 271 33.47 -6.49 27.58
CA GLU B 271 34.67 -7.19 27.17
C GLU B 271 34.47 -7.90 25.83
N MET B 272 33.28 -8.47 25.63
CA MET B 272 33.01 -9.21 24.41
C MET B 272 32.88 -8.31 23.18
N MET B 273 32.89 -6.99 23.40
CA MET B 273 32.80 -6.02 22.30
C MET B 273 34.09 -5.23 22.13
N ASP B 274 35.06 -5.55 22.97
CA ASP B 274 36.39 -4.93 22.93
C ASP B 274 37.37 -5.85 22.19
N ARG B 275 37.73 -5.46 20.96
CA ARG B 275 38.55 -6.32 20.11
C ARG B 275 39.94 -6.55 20.69
N GLU B 276 40.30 -5.77 21.70
CA GLU B 276 41.61 -5.92 22.33
C GLU B 276 41.56 -6.84 23.53
N LYS B 277 40.36 -7.17 23.99
CA LYS B 277 40.19 -8.05 25.16
C LYS B 277 39.43 -9.34 24.83
N ALA B 278 38.51 -9.26 23.89
CA ALA B 278 37.63 -10.39 23.58
C ALA B 278 38.42 -11.62 23.13
N TYR B 279 38.13 -12.76 23.75
CA TYR B 279 38.70 -14.04 23.35
C TYR B 279 37.56 -14.89 22.80
N ILE B 280 37.37 -14.81 21.49
CA ILE B 280 36.21 -15.40 20.82
C ILE B 280 35.84 -16.86 21.14
N PRO B 281 36.83 -17.79 21.21
CA PRO B 281 36.43 -19.18 21.48
C PRO B 281 35.77 -19.34 22.84
N GLU B 282 36.32 -18.66 23.83
CA GLU B 282 35.82 -18.74 25.19
C GLU B 282 34.44 -18.09 25.28
N LEU B 283 34.28 -16.96 24.60
CA LEU B 283 33.00 -16.27 24.55
C LEU B 283 31.92 -17.13 23.90
N GLN B 284 32.29 -17.79 22.79
CA GLN B 284 31.34 -18.59 22.06
C GLN B 284 30.94 -19.81 22.87
N ILE B 285 31.91 -20.41 23.55
CA ILE B 285 31.61 -21.59 24.35
C ILE B 285 30.62 -21.21 25.45
N SER B 286 30.86 -20.06 26.06
CA SER B 286 29.97 -19.55 27.10
C SER B 286 28.56 -19.29 26.58
N PHE B 287 28.46 -18.63 25.43
CA PHE B 287 27.17 -18.36 24.83
C PHE B 287 26.43 -19.66 24.53
N MET B 288 27.13 -20.61 23.92
CA MET B 288 26.51 -21.90 23.57
C MET B 288 26.07 -22.67 24.81
N GLU B 289 26.96 -22.77 25.79
CA GLU B 289 26.67 -23.54 27.00
C GLU B 289 25.53 -22.94 27.81
N HIS B 290 25.48 -21.61 27.90
CA HIS B 290 24.61 -20.94 28.86
C HIS B 290 23.36 -20.31 28.25
N ILE B 291 23.42 -20.02 26.96
CA ILE B 291 22.29 -19.42 26.28
C ILE B 291 21.66 -20.39 25.29
N ALA B 292 22.43 -20.81 24.28
CA ALA B 292 21.85 -21.51 23.14
C ALA B 292 21.46 -22.94 23.46
N MET B 293 22.35 -23.70 24.08
CA MET B 293 22.01 -25.08 24.40
C MET B 293 20.73 -25.20 25.27
N PRO B 294 20.61 -24.39 26.34
CA PRO B 294 19.38 -24.55 27.13
C PRO B 294 18.11 -24.24 26.35
N ILE B 295 18.21 -23.35 25.35
CA ILE B 295 17.05 -23.02 24.52
C ILE B 295 16.60 -24.25 23.73
N TYR B 296 17.55 -24.91 23.08
CA TYR B 296 17.17 -26.00 22.21
C TYR B 296 16.90 -27.26 23.01
N LYS B 297 17.44 -27.30 24.23
CA LYS B 297 17.08 -28.34 25.19
C LYS B 297 15.60 -28.23 25.55
N LEU B 298 15.15 -27.02 25.87
CA LEU B 298 13.73 -26.78 26.15
C LEU B 298 12.87 -27.17 24.95
N LEU B 299 13.31 -26.80 23.74
CA LEU B 299 12.54 -27.10 22.54
C LEU B 299 12.44 -28.61 22.32
N GLN B 300 13.54 -29.32 22.59
CA GLN B 300 13.54 -30.77 22.54
C GLN B 300 12.62 -31.39 23.60
N ASP B 301 12.64 -30.84 24.81
CA ASP B 301 11.78 -31.34 25.88
C ASP B 301 10.30 -31.19 25.52
N LEU B 302 9.98 -30.14 24.77
CA LEU B 302 8.62 -29.89 24.34
C LEU B 302 8.24 -30.65 23.07
N PHE B 303 9.21 -30.74 22.16
CA PHE B 303 9.01 -31.39 20.85
C PHE B 303 10.14 -32.36 20.60
N PRO B 304 9.88 -33.67 20.77
CA PRO B 304 10.91 -34.69 20.55
C PRO B 304 11.56 -34.62 19.17
N LYS B 305 10.80 -34.21 18.16
CA LYS B 305 11.33 -34.04 16.81
C LYS B 305 12.42 -32.94 16.72
N ALA B 306 12.47 -32.07 17.72
CA ALA B 306 13.50 -31.03 17.74
C ALA B 306 14.82 -31.54 18.33
N ALA B 307 14.90 -32.83 18.62
CA ALA B 307 16.07 -33.41 19.27
C ALA B 307 17.36 -33.15 18.48
N GLU B 308 17.29 -33.25 17.14
CA GLU B 308 18.48 -33.06 16.33
C GLU B 308 19.00 -31.62 16.39
N LEU B 309 18.10 -30.67 16.64
CA LEU B 309 18.51 -29.28 16.77
C LEU B 309 19.43 -29.13 17.98
N TYR B 310 19.01 -29.66 19.12
CA TYR B 310 19.82 -29.57 20.32
C TYR B 310 21.16 -30.29 20.11
N GLU B 311 21.13 -31.45 19.46
CA GLU B 311 22.35 -32.21 19.25
C GLU B 311 23.35 -31.45 18.38
N ARG B 312 22.86 -30.68 17.41
CA ARG B 312 23.77 -29.93 16.55
C ARG B 312 24.40 -28.78 17.34
N VAL B 313 23.58 -28.05 18.08
CA VAL B 313 24.08 -26.93 18.88
C VAL B 313 25.14 -27.43 19.84
N ALA B 314 24.87 -28.59 20.47
CA ALA B 314 25.82 -29.17 21.39
C ALA B 314 27.12 -29.55 20.67
N SER B 315 26.99 -30.12 19.48
CA SER B 315 28.14 -30.48 18.66
C SER B 315 28.98 -29.25 18.30
N ASN B 316 28.30 -28.17 17.93
CA ASN B 316 28.98 -26.93 17.54
C ASN B 316 29.72 -26.32 18.73
N ARG B 317 29.15 -26.45 19.91
CA ARG B 317 29.85 -26.06 21.13
C ARG B 317 31.12 -26.88 21.31
N GLU B 318 30.98 -28.19 21.13
CA GLU B 318 32.11 -29.11 21.26
C GLU B 318 33.23 -28.70 20.30
N HIS B 319 32.83 -28.23 19.12
CA HIS B 319 33.78 -27.82 18.09
C HIS B 319 34.59 -26.58 18.47
N TRP B 320 33.95 -25.60 19.11
CA TRP B 320 34.65 -24.40 19.59
C TRP B 320 35.72 -24.79 20.60
N THR B 321 35.42 -25.79 21.41
CA THR B 321 36.39 -26.33 22.36
C THR B 321 37.59 -26.89 21.62
N LYS B 322 37.33 -27.60 20.53
CA LYS B 322 38.39 -28.27 19.79
C LYS B 322 39.31 -27.27 19.06
N VAL B 323 38.74 -26.18 18.55
CA VAL B 323 39.54 -25.21 17.80
C VAL B 323 40.02 -24.04 18.66
N SER B 324 39.65 -24.06 19.94
CA SER B 324 39.97 -22.97 20.85
C SER B 324 41.47 -22.68 20.90
N HIS B 325 42.26 -23.76 20.88
CA HIS B 325 43.71 -23.65 21.00
C HIS B 325 44.30 -22.87 19.83
N LYS B 326 43.59 -22.86 18.70
CA LYS B 326 44.09 -22.20 17.51
C LYS B 326 44.13 -20.68 17.62
N PHE B 327 43.50 -20.14 18.65
CA PHE B 327 43.49 -18.69 18.85
C PHE B 327 44.72 -18.24 19.63
N THR B 328 45.52 -19.20 20.06
CA THR B 328 46.83 -18.91 20.62
C THR B 328 47.85 -19.38 19.59
N ILE B 329 48.61 -18.44 19.05
CA ILE B 329 49.48 -18.75 17.92
C ILE B 329 50.64 -19.68 18.31
N ARG B 330 50.58 -20.92 17.84
CA ARG B 330 51.72 -21.82 17.97
C ARG B 330 52.41 -21.94 16.61
N GLY B 331 53.74 -22.15 16.66
CA GLY B 331 54.52 -22.04 15.46
C GLY B 331 54.65 -20.59 15.04
N LEU B 332 54.87 -20.37 13.74
CA LEU B 332 54.88 -19.04 13.19
C LEU B 332 53.51 -18.72 12.62
N PRO B 333 53.21 -17.42 12.45
CA PRO B 333 52.03 -17.05 11.66
C PRO B 333 52.14 -17.63 10.25
N SER B 334 51.02 -17.71 9.55
CA SER B 334 50.97 -18.33 8.23
C SER B 334 52.02 -17.78 7.25
N ASN B 335 52.43 -16.53 7.49
CA ASN B 335 53.42 -15.90 6.62
C ASN B 335 54.87 -16.09 7.09
N ASN B 336 55.08 -16.95 8.09
CA ASN B 336 56.41 -17.22 8.64
C ASN B 336 57.14 -15.98 9.13
N SER B 337 56.39 -14.99 9.56
CA SER B 337 56.99 -13.72 9.98
C SER B 337 56.55 -13.37 11.40
N LEU B 338 57.49 -12.83 12.17
CA LEU B 338 57.21 -12.39 13.53
C LEU B 338 57.03 -10.89 13.61
N ASP B 339 56.81 -10.26 12.46
CA ASP B 339 56.85 -8.81 12.37
C ASP B 339 55.66 -8.16 13.07
N PHE B 340 54.64 -8.95 13.38
CA PHE B 340 53.50 -8.40 14.12
C PHE B 340 53.92 -8.00 15.54
N LEU B 341 55.08 -8.49 15.99
CA LEU B 341 55.60 -8.13 17.30
C LEU B 341 56.19 -6.72 17.28
N ASP C 5 -12.25 -21.25 -48.22
CA ASP C 5 -11.82 -22.57 -48.71
C ASP C 5 -11.73 -23.57 -47.56
N GLU C 6 -11.06 -23.19 -46.47
CA GLU C 6 -10.97 -24.07 -45.31
C GLU C 6 -12.35 -24.26 -44.69
N TYR C 7 -13.15 -23.19 -44.72
CA TYR C 7 -14.54 -23.24 -44.25
C TYR C 7 -15.37 -24.19 -45.10
N THR C 8 -15.12 -24.20 -46.40
CA THR C 8 -15.80 -25.10 -47.32
C THR C 8 -15.48 -26.57 -47.03
N LYS C 9 -14.21 -26.85 -46.81
CA LYS C 9 -13.76 -28.21 -46.48
C LYS C 9 -14.40 -28.66 -45.17
N LEU C 10 -14.49 -27.71 -44.23
CA LEU C 10 -15.15 -27.95 -42.95
C LEU C 10 -16.62 -28.25 -43.13
N GLY C 14 -19.40 -33.65 -44.55
CA GLY C 14 -19.50 -32.87 -43.31
C GLY C 14 -18.49 -33.30 -42.26
N ILE C 15 -18.96 -33.46 -41.03
CA ILE C 15 -18.10 -33.83 -39.90
C ILE C 15 -17.73 -35.32 -39.91
N GLN C 16 -16.43 -35.61 -39.86
CA GLN C 16 -15.95 -36.99 -39.92
C GLN C 16 -16.04 -37.71 -38.58
N PRO C 17 -16.25 -39.03 -38.62
CA PRO C 17 -16.21 -39.82 -37.39
C PRO C 17 -14.82 -39.80 -36.78
N VAL C 18 -14.73 -39.81 -35.45
CA VAL C 18 -13.45 -39.83 -34.76
C VAL C 18 -12.61 -41.03 -35.22
N ALA C 19 -13.28 -42.16 -35.41
CA ALA C 19 -12.62 -43.38 -35.87
C ALA C 19 -12.00 -43.22 -37.26
N ALA C 20 -12.53 -42.28 -38.04
CA ALA C 20 -12.06 -42.05 -39.39
C ALA C 20 -10.83 -41.16 -39.43
N ILE C 21 -10.52 -40.52 -38.31
CA ILE C 21 -9.32 -39.71 -38.22
C ILE C 21 -8.13 -40.59 -37.88
N ASP C 22 -8.32 -41.46 -36.90
CA ASP C 22 -7.28 -42.37 -36.46
C ASP C 22 -7.89 -43.43 -35.56
N SER C 23 -7.45 -44.68 -35.73
CA SER C 23 -7.93 -45.79 -34.91
C SER C 23 -7.66 -45.55 -33.43
N ASN C 24 -6.62 -44.75 -33.16
CA ASN C 24 -6.08 -44.54 -31.83
C ASN C 24 -6.50 -43.19 -31.22
N PHE C 25 -7.38 -42.47 -31.92
CA PHE C 25 -7.66 -41.05 -31.65
C PHE C 25 -8.13 -40.71 -30.23
N ALA C 26 -8.81 -41.66 -29.58
CA ALA C 26 -9.38 -41.39 -28.26
C ALA C 26 -8.60 -42.07 -27.15
N SER C 27 -7.41 -42.54 -27.49
CA SER C 27 -6.52 -43.15 -26.51
C SER C 27 -5.51 -42.15 -25.94
N PHE C 28 -5.16 -42.35 -24.67
CA PHE C 28 -4.11 -41.56 -24.04
C PHE C 28 -2.75 -41.73 -24.73
N THR C 29 -2.58 -42.81 -25.49
CA THR C 29 -1.33 -43.05 -26.21
C THR C 29 -1.23 -42.13 -27.42
N TYR C 30 -2.36 -41.65 -27.90
CA TYR C 30 -2.37 -40.84 -29.12
C TYR C 30 -1.65 -39.50 -28.93
N THR C 31 -0.83 -39.14 -29.91
CA THR C 31 -0.17 -37.83 -29.88
C THR C 31 -0.86 -36.89 -30.86
N PRO C 32 -1.64 -35.92 -30.35
CA PRO C 32 -2.43 -35.12 -31.29
C PRO C 32 -1.57 -34.23 -32.19
N ARG C 33 -0.34 -33.96 -31.79
CA ARG C 33 0.54 -33.15 -32.63
C ARG C 33 0.94 -33.88 -33.90
N SER C 34 0.71 -35.19 -33.92
CA SER C 34 0.98 -35.99 -35.10
C SER C 34 0.00 -35.67 -36.23
N LEU C 35 -1.13 -35.08 -35.87
CA LEU C 35 -2.14 -34.73 -36.87
C LEU C 35 -1.71 -33.51 -37.65
N PRO C 36 -1.80 -33.56 -38.98
CA PRO C 36 -1.46 -32.41 -39.83
C PRO C 36 -2.25 -31.17 -39.41
N GLU C 37 -1.59 -30.01 -39.32
CA GLU C 37 -2.25 -28.81 -38.82
C GLU C 37 -3.50 -28.44 -39.65
N ASP C 38 -3.45 -28.75 -40.94
CA ASP C 38 -4.59 -28.53 -41.85
C ASP C 38 -5.80 -29.39 -41.51
N ASP C 39 -5.59 -30.43 -40.72
CA ASP C 39 -6.68 -31.35 -40.37
C ASP C 39 -7.26 -31.08 -38.98
N THR C 40 -6.67 -30.14 -38.26
CA THR C 40 -7.04 -29.89 -36.87
C THR C 40 -8.44 -29.31 -36.67
N SER C 41 -8.89 -28.44 -37.55
CA SER C 41 -10.22 -27.85 -37.41
C SER C 41 -11.31 -28.89 -37.55
N MET C 42 -11.15 -29.77 -38.53
CA MET C 42 -12.02 -30.93 -38.72
C MET C 42 -12.05 -31.82 -37.49
N ALA C 43 -10.88 -32.04 -36.89
CA ALA C 43 -10.79 -32.86 -35.71
C ALA C 43 -11.49 -32.19 -34.52
N ILE C 44 -11.47 -30.85 -34.46
CA ILE C 44 -12.23 -30.12 -33.45
C ILE C 44 -13.73 -30.39 -33.59
N LEU C 45 -14.25 -30.23 -34.80
CA LEU C 45 -15.66 -30.50 -35.09
C LEU C 45 -16.00 -31.94 -34.74
N SER C 46 -15.13 -32.84 -35.15
CA SER C 46 -15.34 -34.28 -34.95
C SER C 46 -15.40 -34.62 -33.46
N MET C 47 -14.56 -33.97 -32.66
CA MET C 47 -14.57 -34.20 -31.22
C MET C 47 -15.86 -33.69 -30.59
N LEU C 48 -16.24 -32.47 -30.95
CA LEU C 48 -17.49 -31.88 -30.48
C LEU C 48 -18.69 -32.73 -30.87
N GLN C 49 -18.66 -33.29 -32.05
CA GLN C 49 -19.69 -34.22 -32.50
C GLN C 49 -19.65 -35.48 -31.69
N ASP C 50 -18.47 -36.02 -31.54
CA ASP C 50 -18.33 -37.29 -30.85
C ASP C 50 -18.82 -37.18 -29.42
N MET C 51 -18.65 -36.01 -28.79
CA MET C 51 -19.19 -35.77 -27.46
C MET C 51 -20.68 -35.37 -27.51
N ASN C 52 -21.22 -35.29 -28.73
CA ASN C 52 -22.57 -34.81 -29.04
C ASN C 52 -22.99 -33.45 -28.45
N PHE C 53 -22.05 -32.53 -28.28
CA PHE C 53 -22.41 -31.19 -27.80
C PHE C 53 -23.17 -30.39 -28.84
N ILE C 54 -22.87 -30.66 -30.12
CA ILE C 54 -23.52 -29.96 -31.22
C ILE C 54 -25.01 -30.26 -31.25
N ASN C 55 -25.36 -31.53 -31.13
CA ASN C 55 -26.76 -31.90 -31.10
C ASN C 55 -27.42 -31.46 -29.79
N ASN C 56 -26.81 -31.79 -28.67
CA ASN C 56 -27.35 -31.49 -27.34
C ASN C 56 -27.66 -29.99 -27.13
N TYR C 57 -26.80 -29.13 -27.65
CA TYR C 57 -26.98 -27.69 -27.45
C TYR C 57 -27.42 -26.97 -28.73
N LYS C 58 -27.78 -27.76 -29.74
CA LYS C 58 -28.27 -27.24 -31.02
C LYS C 58 -27.35 -26.16 -31.62
N ILE C 59 -26.05 -26.43 -31.60
CA ILE C 59 -25.05 -25.51 -32.19
C ILE C 59 -25.20 -25.46 -33.71
N ASP C 60 -25.20 -24.25 -34.25
CA ASP C 60 -25.27 -24.09 -35.70
C ASP C 60 -23.90 -24.42 -36.28
N CYS C 61 -23.86 -25.41 -37.17
CA CYS C 61 -22.57 -25.93 -37.63
C CYS C 61 -21.78 -24.94 -38.50
N PRO C 62 -22.46 -24.19 -39.39
CA PRO C 62 -21.71 -23.12 -40.07
C PRO C 62 -21.07 -22.11 -39.12
N THR C 63 -21.82 -21.68 -38.11
CA THR C 63 -21.27 -20.79 -37.08
C THR C 63 -20.11 -21.46 -36.34
N LEU C 64 -20.30 -22.73 -36.05
CA LEU C 64 -19.27 -23.49 -35.34
C LEU C 64 -17.99 -23.57 -36.18
N ALA C 65 -18.14 -23.79 -37.48
CA ALA C 65 -16.99 -23.86 -38.38
C ALA C 65 -16.24 -22.54 -38.38
N ARG C 66 -16.98 -21.45 -38.53
CA ARG C 66 -16.40 -20.10 -38.56
C ARG C 66 -15.69 -19.78 -37.26
N PHE C 67 -16.33 -20.15 -36.16
CA PHE C 67 -15.75 -19.93 -34.84
C PHE C 67 -14.42 -20.67 -34.72
N CYS C 68 -14.43 -21.94 -35.13
CA CYS C 68 -13.22 -22.76 -35.08
C CYS C 68 -12.10 -22.18 -35.91
N LEU C 69 -12.40 -21.71 -37.11
CA LEU C 69 -11.36 -21.15 -37.96
C LEU C 69 -10.82 -19.83 -37.39
N MET C 70 -11.73 -19.04 -36.82
CA MET C 70 -11.34 -17.80 -36.17
C MET C 70 -10.43 -18.04 -34.96
N VAL C 71 -10.75 -19.02 -34.14
CA VAL C 71 -9.89 -19.34 -33.00
C VAL C 71 -8.50 -19.78 -33.48
N LYS C 72 -8.48 -20.71 -34.44
CA LYS C 72 -7.22 -21.16 -35.01
C LYS C 72 -6.40 -19.97 -35.51
N LYS C 73 -7.05 -19.06 -36.23
CA LYS C 73 -6.38 -17.91 -36.83
C LYS C 73 -5.90 -16.92 -35.77
N GLY C 74 -6.50 -16.98 -34.57
CA GLY C 74 -6.20 -16.02 -33.53
C GLY C 74 -4.95 -16.36 -32.73
N TYR C 75 -4.28 -17.44 -33.12
CA TYR C 75 -2.99 -17.80 -32.54
C TYR C 75 -1.83 -17.33 -33.39
N ARG C 76 -0.80 -16.83 -32.73
CA ARG C 76 0.43 -16.48 -33.42
C ARG C 76 1.33 -17.71 -33.52
N ASP C 77 2.59 -17.49 -33.87
CA ASP C 77 3.50 -18.61 -34.12
C ASP C 77 4.78 -18.62 -33.27
N PRO C 78 4.66 -18.41 -31.94
CA PRO C 78 5.87 -18.65 -31.16
C PRO C 78 6.17 -20.14 -31.17
N PRO C 79 7.40 -20.53 -30.81
CA PRO C 79 7.75 -21.96 -30.84
C PRO C 79 6.75 -22.86 -30.11
N TYR C 80 6.26 -22.45 -28.95
CA TYR C 80 5.38 -23.33 -28.17
C TYR C 80 3.91 -22.90 -28.11
N HIS C 81 3.66 -21.67 -27.69
CA HIS C 81 2.27 -21.24 -27.46
C HIS C 81 1.58 -20.83 -28.78
N ASN C 82 1.35 -21.83 -29.64
CA ASN C 82 0.72 -21.65 -30.94
C ASN C 82 -0.60 -22.46 -31.04
N TRP C 83 -1.22 -22.48 -32.21
CA TRP C 83 -2.46 -23.25 -32.34
C TRP C 83 -2.28 -24.76 -32.09
N MET C 84 -1.15 -25.33 -32.49
CA MET C 84 -0.94 -26.75 -32.24
C MET C 84 -0.92 -27.06 -30.73
N HIS C 85 -0.44 -26.12 -29.92
CA HIS C 85 -0.59 -26.24 -28.47
C HIS C 85 -2.07 -26.27 -28.09
N ALA C 86 -2.80 -25.24 -28.51
CA ALA C 86 -4.23 -25.16 -28.21
C ALA C 86 -4.98 -26.38 -28.70
N PHE C 87 -4.66 -26.84 -29.92
CA PHE C 87 -5.29 -28.05 -30.43
C PHE C 87 -5.03 -29.26 -29.56
N SER C 88 -3.76 -29.47 -29.19
CA SER C 88 -3.41 -30.64 -28.42
C SER C 88 -4.03 -30.61 -27.01
N VAL C 89 -4.17 -29.42 -26.44
CA VAL C 89 -4.76 -29.25 -25.10
C VAL C 89 -6.26 -29.62 -25.19
N SER C 90 -6.88 -29.20 -26.28
CA SER C 90 -8.30 -29.50 -26.54
C SER C 90 -8.51 -31.00 -26.75
N HIS C 91 -7.59 -31.60 -27.51
CA HIS C 91 -7.66 -33.04 -27.70
C HIS C 91 -7.57 -33.75 -26.35
N PHE C 92 -6.74 -33.24 -25.45
CA PHE C 92 -6.59 -33.90 -24.16
C PHE C 92 -7.85 -33.75 -23.34
N CYS C 93 -8.52 -32.61 -23.44
CA CYS C 93 -9.84 -32.46 -22.81
C CYS C 93 -10.81 -33.54 -23.31
N TYR C 94 -10.81 -33.74 -24.62
CA TYR C 94 -11.60 -34.79 -25.24
C TYR C 94 -11.22 -36.15 -24.66
N LEU C 95 -9.92 -36.41 -24.54
CA LEU C 95 -9.44 -37.65 -23.96
C LEU C 95 -9.94 -37.85 -22.53
N LEU C 96 -9.98 -36.78 -21.74
CA LEU C 96 -10.48 -36.91 -20.37
C LEU C 96 -11.96 -37.29 -20.38
N TYR C 97 -12.72 -36.67 -21.29
CA TYR C 97 -14.14 -37.01 -21.46
C TYR C 97 -14.33 -38.46 -21.87
N LYS C 98 -13.53 -38.92 -22.84
CA LYS C 98 -13.69 -40.26 -23.38
C LYS C 98 -13.23 -41.34 -22.41
N ASN C 99 -12.20 -41.03 -21.64
CA ASN C 99 -11.59 -42.05 -20.80
C ASN C 99 -11.97 -41.98 -19.31
N LEU C 100 -12.37 -40.81 -18.81
CA LEU C 100 -12.57 -40.64 -17.37
C LEU C 100 -14.03 -40.52 -16.95
N GLU C 101 -14.94 -40.51 -17.91
CA GLU C 101 -16.36 -40.38 -17.63
C GLU C 101 -16.67 -39.11 -16.83
N LEU C 102 -16.30 -37.97 -17.40
CA LEU C 102 -16.46 -36.70 -16.73
C LEU C 102 -17.92 -36.38 -16.44
N THR C 103 -18.84 -36.94 -17.23
CA THR C 103 -20.26 -36.66 -17.06
C THR C 103 -20.79 -37.16 -15.74
N ASN C 104 -20.06 -38.08 -15.11
CA ASN C 104 -20.40 -38.53 -13.77
C ASN C 104 -19.93 -37.55 -12.68
N TYR C 105 -19.14 -36.55 -13.06
CA TYR C 105 -18.55 -35.61 -12.11
C TYR C 105 -18.96 -34.17 -12.41
N LEU C 106 -19.13 -33.85 -13.69
CA LEU C 106 -19.39 -32.48 -14.12
C LEU C 106 -20.65 -32.36 -14.97
N GLU C 107 -21.24 -31.16 -14.93
CA GLU C 107 -22.40 -30.86 -15.74
C GLU C 107 -22.01 -30.80 -17.21
N ASP C 108 -22.96 -31.10 -18.09
CA ASP C 108 -22.72 -31.06 -19.54
C ASP C 108 -22.12 -29.72 -19.95
N ILE C 109 -22.66 -28.64 -19.43
CA ILE C 109 -22.25 -27.30 -19.86
C ILE C 109 -20.85 -26.95 -19.36
N GLU C 110 -20.46 -27.56 -18.25
CA GLU C 110 -19.14 -27.38 -17.68
C GLU C 110 -18.07 -28.06 -18.53
N ILE C 111 -18.37 -29.29 -18.96
CA ILE C 111 -17.45 -30.03 -19.81
C ILE C 111 -17.34 -29.33 -21.16
N PHE C 112 -18.47 -28.85 -21.66
CA PHE C 112 -18.50 -28.06 -22.89
C PHE C 112 -17.59 -26.85 -22.79
N ALA C 113 -17.77 -26.06 -21.72
CA ALA C 113 -16.99 -24.84 -21.52
C ALA C 113 -15.53 -25.17 -21.34
N LEU C 114 -15.25 -26.31 -20.70
CA LEU C 114 -13.88 -26.74 -20.54
C LEU C 114 -13.22 -26.90 -21.91
N PHE C 115 -13.90 -27.54 -22.85
CA PHE C 115 -13.33 -27.80 -24.18
C PHE C 115 -13.15 -26.53 -25.00
N ILE C 116 -14.16 -25.67 -25.00
CA ILE C 116 -14.08 -24.40 -25.72
C ILE C 116 -12.96 -23.52 -25.13
N SER C 117 -12.88 -23.54 -23.80
CA SER C 117 -11.81 -22.82 -23.10
C SER C 117 -10.45 -23.32 -23.53
N CYS C 118 -10.29 -24.63 -23.66
CA CYS C 118 -9.01 -25.19 -24.13
C CYS C 118 -8.65 -24.65 -25.51
N MET C 119 -9.66 -24.56 -26.39
CA MET C 119 -9.42 -24.02 -27.73
C MET C 119 -8.91 -22.58 -27.67
N CYS C 120 -9.45 -21.81 -26.74
CA CYS C 120 -9.21 -20.35 -26.71
C CYS C 120 -8.16 -19.89 -25.73
N HIS C 121 -7.62 -20.81 -24.92
CA HIS C 121 -6.99 -20.40 -23.67
C HIS C 121 -5.64 -19.67 -23.80
N ASP C 122 -4.99 -19.74 -24.97
CA ASP C 122 -3.70 -19.04 -25.20
C ASP C 122 -3.82 -18.11 -26.41
N LEU C 123 -5.04 -17.72 -26.76
CA LEU C 123 -5.25 -16.87 -27.94
C LEU C 123 -4.34 -15.64 -27.94
N ASP C 124 -3.74 -15.38 -29.11
CA ASP C 124 -2.86 -14.23 -29.32
C ASP C 124 -1.66 -14.22 -28.40
N HIS C 125 -1.23 -15.39 -27.96
CA HIS C 125 -0.04 -15.48 -27.11
C HIS C 125 1.18 -14.96 -27.88
N ARG C 126 2.09 -14.24 -27.19
CA ARG C 126 3.24 -13.65 -27.87
C ARG C 126 4.55 -14.32 -27.49
N GLY C 127 4.45 -15.45 -26.80
CA GLY C 127 5.65 -16.20 -26.46
C GLY C 127 6.43 -15.60 -25.32
N THR C 128 5.78 -14.75 -24.52
CA THR C 128 6.39 -14.23 -23.30
C THR C 128 5.41 -14.39 -22.13
N ASN C 129 5.93 -14.46 -20.90
CA ASN C 129 5.06 -14.62 -19.74
C ASN C 129 4.44 -13.29 -19.28
N ASN C 130 3.81 -13.32 -18.12
CA ASN C 130 3.07 -12.17 -17.65
C ASN C 130 4.02 -11.08 -17.20
N SER C 131 5.04 -11.47 -16.43
CA SER C 131 5.94 -10.48 -15.86
C SER C 131 6.61 -9.69 -16.98
N PHE C 132 6.88 -10.36 -18.10
CA PHE C 132 7.44 -9.67 -19.26
C PHE C 132 6.52 -8.58 -19.78
N GLN C 133 5.23 -8.89 -19.92
CA GLN C 133 4.30 -7.85 -20.36
C GLN C 133 4.41 -6.62 -19.47
N VAL C 134 4.49 -6.84 -18.16
CA VAL C 134 4.54 -5.73 -17.22
C VAL C 134 5.88 -4.99 -17.28
N ALA C 135 6.99 -5.71 -17.39
CA ALA C 135 8.31 -5.07 -17.41
C ALA C 135 8.50 -4.26 -18.68
N SER C 136 7.93 -4.73 -19.79
CA SER C 136 8.11 -4.06 -21.07
C SER C 136 7.05 -3.00 -21.26
N LYS C 137 6.11 -2.93 -20.32
CA LYS C 137 5.01 -1.98 -20.32
C LYS C 137 4.23 -2.05 -21.63
N SER C 138 3.87 -3.28 -22.00
CA SER C 138 3.05 -3.53 -23.16
C SER C 138 1.67 -2.96 -22.94
N VAL C 139 0.91 -2.83 -24.03
CA VAL C 139 -0.47 -2.40 -23.93
C VAL C 139 -1.26 -3.36 -23.06
N LEU C 140 -0.93 -4.65 -23.14
CA LEU C 140 -1.66 -5.66 -22.38
C LEU C 140 -1.47 -5.41 -20.89
N ALA C 141 -0.24 -5.05 -20.51
CA ALA C 141 0.07 -4.67 -19.13
C ALA C 141 -0.76 -3.47 -18.70
N ALA C 142 -0.79 -2.45 -19.56
CA ALA C 142 -1.56 -1.25 -19.29
C ALA C 142 -3.01 -1.62 -19.00
N LEU C 143 -3.54 -2.56 -19.76
CA LEU C 143 -4.92 -2.96 -19.62
C LEU C 143 -5.18 -3.87 -18.41
N TYR C 144 -4.26 -4.78 -18.12
CA TYR C 144 -4.56 -5.83 -17.15
C TYR C 144 -3.60 -6.00 -15.96
N SER C 145 -2.51 -5.22 -15.89
CA SER C 145 -1.50 -5.51 -14.87
C SER C 145 -2.07 -5.41 -13.44
N SER C 146 -3.02 -4.50 -13.22
CA SER C 146 -3.52 -4.26 -11.87
C SER C 146 -4.50 -5.35 -11.44
N GLU C 147 -4.97 -6.15 -12.39
CA GLU C 147 -5.84 -7.27 -12.04
C GLU C 147 -5.09 -8.60 -12.06
N GLY C 148 -3.87 -8.59 -12.58
CA GLY C 148 -3.05 -9.80 -12.63
C GLY C 148 -3.46 -10.75 -13.74
N SER C 149 -2.71 -11.84 -13.88
CA SER C 149 -2.89 -12.81 -14.96
C SER C 149 -3.04 -12.10 -16.31
N VAL C 150 -2.07 -11.25 -16.61
CA VAL C 150 -2.15 -10.37 -17.76
C VAL C 150 -2.49 -11.11 -19.05
N MET C 151 -1.73 -12.16 -19.41
CA MET C 151 -1.95 -12.77 -20.70
C MET C 151 -3.28 -13.49 -20.71
N GLU C 152 -3.61 -14.10 -19.58
CA GLU C 152 -4.85 -14.87 -19.53
C GLU C 152 -6.09 -14.00 -19.66
N ARG C 153 -6.03 -12.78 -19.13
CA ARG C 153 -7.12 -11.84 -19.32
C ARG C 153 -7.22 -11.45 -20.81
N HIS C 154 -6.07 -11.30 -21.46
CA HIS C 154 -6.03 -11.04 -22.90
C HIS C 154 -6.64 -12.23 -23.67
N HIS C 155 -6.26 -13.45 -23.31
CA HIS C 155 -6.79 -14.63 -23.99
C HIS C 155 -8.30 -14.64 -23.92
N PHE C 156 -8.85 -14.40 -22.73
CA PHE C 156 -10.29 -14.43 -22.58
C PHE C 156 -10.92 -13.29 -23.37
N ALA C 157 -10.35 -12.08 -23.30
CA ALA C 157 -10.87 -10.96 -24.07
C ALA C 157 -10.86 -11.23 -25.58
N GLN C 158 -9.84 -11.95 -26.08
CA GLN C 158 -9.78 -12.33 -27.50
C GLN C 158 -10.92 -13.30 -27.82
N ALA C 159 -11.17 -14.23 -26.91
CA ALA C 159 -12.28 -15.19 -27.09
C ALA C 159 -13.59 -14.43 -27.21
N ILE C 160 -13.81 -13.48 -26.30
CA ILE C 160 -14.98 -12.62 -26.35
C ILE C 160 -15.07 -11.86 -27.70
N ALA C 161 -13.96 -11.31 -28.17
CA ALA C 161 -13.96 -10.58 -29.44
C ALA C 161 -14.34 -11.49 -30.61
N ILE C 162 -13.86 -12.73 -30.58
CA ILE C 162 -14.24 -13.70 -31.60
C ILE C 162 -15.74 -13.98 -31.52
N LEU C 163 -16.26 -14.24 -30.32
CA LEU C 163 -17.71 -14.49 -30.18
C LEU C 163 -18.52 -13.28 -30.63
N ASN C 164 -17.95 -12.09 -30.44
CA ASN C 164 -18.60 -10.84 -30.86
C ASN C 164 -18.45 -10.54 -32.36
N THR C 165 -17.76 -11.42 -33.08
CA THR C 165 -17.62 -11.26 -34.54
C THR C 165 -18.84 -11.84 -35.22
N HIS C 166 -19.32 -11.17 -36.27
CA HIS C 166 -20.50 -11.63 -37.01
C HIS C 166 -20.34 -13.07 -37.49
N GLY C 167 -21.35 -13.90 -37.26
CA GLY C 167 -21.34 -15.28 -37.70
C GLY C 167 -20.53 -16.26 -36.85
N CYS C 168 -19.99 -15.78 -35.74
CA CYS C 168 -19.09 -16.61 -34.91
C CYS C 168 -19.63 -16.87 -33.52
N ASN C 169 -20.84 -16.40 -33.21
CA ASN C 169 -21.30 -16.59 -31.83
C ASN C 169 -22.02 -17.91 -31.68
N ILE C 170 -21.24 -18.94 -31.41
CA ILE C 170 -21.79 -20.28 -31.30
C ILE C 170 -22.76 -20.44 -30.16
N PHE C 171 -22.84 -19.46 -29.26
CA PHE C 171 -23.77 -19.53 -28.13
C PHE C 171 -24.99 -18.62 -28.24
N ASP C 172 -25.23 -17.99 -29.38
CA ASP C 172 -26.18 -16.88 -29.37
C ASP C 172 -27.66 -17.33 -29.36
N HIS C 173 -27.90 -18.62 -29.47
CA HIS C 173 -29.24 -19.18 -29.36
C HIS C 173 -29.49 -19.72 -27.95
N PHE C 174 -28.42 -19.79 -27.14
CA PHE C 174 -28.53 -20.34 -25.78
C PHE C 174 -29.56 -19.61 -24.96
N SER C 175 -30.07 -20.26 -23.91
CA SER C 175 -30.87 -19.59 -22.90
C SER C 175 -30.00 -18.55 -22.19
N ARG C 176 -30.64 -17.57 -21.55
CA ARG C 176 -29.88 -16.53 -20.85
C ARG C 176 -28.99 -17.16 -19.78
N LYS C 177 -29.53 -18.13 -19.06
CA LYS C 177 -28.77 -18.78 -18.00
C LYS C 177 -27.57 -19.54 -18.57
N ASP C 178 -27.82 -20.33 -19.60
CA ASP C 178 -26.75 -21.12 -20.22
C ASP C 178 -25.68 -20.23 -20.85
N TYR C 179 -26.12 -19.14 -21.46
CA TYR C 179 -25.21 -18.20 -22.10
C TYR C 179 -24.27 -17.59 -21.07
N GLN C 180 -24.84 -17.10 -19.99
CA GLN C 180 -24.06 -16.47 -18.92
C GLN C 180 -23.13 -17.47 -18.24
N ARG C 181 -23.63 -18.68 -18.05
CA ARG C 181 -22.86 -19.76 -17.45
C ARG C 181 -21.63 -20.02 -18.30
N MET C 182 -21.84 -20.04 -19.60
CA MET C 182 -20.77 -20.29 -20.53
C MET C 182 -19.69 -19.24 -20.39
N LEU C 183 -20.11 -17.96 -20.47
CA LEU C 183 -19.13 -16.85 -20.40
C LEU C 183 -18.38 -16.90 -19.08
N ASP C 184 -19.13 -17.10 -17.99
CA ASP C 184 -18.52 -17.19 -16.67
C ASP C 184 -17.58 -18.37 -16.55
N LEU C 185 -17.98 -19.53 -17.05
CA LEU C 185 -17.09 -20.69 -17.03
C LEU C 185 -15.82 -20.43 -17.84
N MET C 186 -15.97 -19.87 -19.03
CA MET C 186 -14.82 -19.61 -19.86
C MET C 186 -13.82 -18.67 -19.18
N ARG C 187 -14.34 -17.63 -18.54
CA ARG C 187 -13.48 -16.69 -17.83
C ARG C 187 -12.75 -17.42 -16.71
N ASP C 188 -13.47 -18.20 -15.91
CA ASP C 188 -12.86 -18.89 -14.78
C ASP C 188 -11.80 -19.89 -15.25
N ILE C 189 -12.14 -20.65 -16.28
CA ILE C 189 -11.23 -21.70 -16.75
C ILE C 189 -9.97 -21.11 -17.41
N ILE C 190 -10.15 -20.06 -18.22
CA ILE C 190 -9.01 -19.47 -18.91
C ILE C 190 -8.10 -18.77 -17.89
N LEU C 191 -8.69 -18.15 -16.87
CA LEU C 191 -7.88 -17.55 -15.80
C LEU C 191 -7.12 -18.62 -15.00
N ALA C 192 -7.73 -19.78 -14.86
CA ALA C 192 -7.14 -20.93 -14.16
C ALA C 192 -5.87 -21.44 -14.85
N THR C 193 -5.65 -21.04 -16.09
CA THR C 193 -4.48 -21.50 -16.85
C THR C 193 -3.20 -20.77 -16.41
N ASP C 194 -3.34 -19.63 -15.74
CA ASP C 194 -2.18 -18.97 -15.14
C ASP C 194 -1.60 -19.92 -14.11
N LEU C 195 -0.35 -20.36 -14.30
CA LEU C 195 0.25 -21.29 -13.35
C LEU C 195 0.26 -20.72 -11.94
N ALA C 196 0.28 -19.39 -11.84
CA ALA C 196 0.24 -18.72 -10.54
C ALA C 196 -1.05 -19.07 -9.79
N HIS C 197 -2.15 -19.13 -10.53
CA HIS C 197 -3.44 -19.51 -9.97
C HIS C 197 -3.46 -20.96 -9.51
N HIS C 198 -2.90 -21.86 -10.32
CA HIS C 198 -2.84 -23.26 -9.93
C HIS C 198 -2.07 -23.46 -8.62
N LEU C 199 -0.92 -22.80 -8.52
CA LEU C 199 -0.06 -22.93 -7.35
C LEU C 199 -0.72 -22.34 -6.10
N ARG C 200 -1.54 -21.31 -6.28
CA ARG C 200 -2.25 -20.71 -5.15
C ARG C 200 -3.34 -21.64 -4.64
N ILE C 201 -4.05 -22.28 -5.57
CA ILE C 201 -5.19 -23.11 -5.18
C ILE C 201 -4.82 -24.57 -4.97
N PHE C 202 -3.54 -24.89 -5.11
CA PHE C 202 -3.11 -26.29 -5.07
C PHE C 202 -3.50 -27.04 -3.79
N LYS C 203 -3.40 -26.37 -2.64
CA LYS C 203 -3.73 -27.03 -1.38
C LYS C 203 -5.23 -27.28 -1.26
N ASP C 204 -6.04 -26.41 -1.88
CA ASP C 204 -7.48 -26.62 -1.95
C ASP C 204 -7.81 -27.84 -2.82
N LEU C 205 -7.08 -27.98 -3.93
CA LEU C 205 -7.21 -29.16 -4.77
C LEU C 205 -6.92 -30.42 -3.97
N GLN C 206 -5.80 -30.41 -3.23
CA GLN C 206 -5.44 -31.51 -2.34
C GLN C 206 -6.55 -31.86 -1.36
N LYS C 207 -7.10 -30.85 -0.71
CA LYS C 207 -8.11 -31.10 0.32
C LYS C 207 -9.36 -31.72 -0.30
N MET C 208 -9.72 -31.27 -1.51
CA MET C 208 -10.89 -31.83 -2.17
C MET C 208 -10.71 -33.32 -2.47
N ALA C 209 -9.49 -33.71 -2.81
CA ALA C 209 -9.20 -35.10 -3.15
C ALA C 209 -9.25 -35.99 -1.91
N GLU C 210 -9.19 -35.37 -0.73
CA GLU C 210 -9.21 -36.10 0.54
C GLU C 210 -10.62 -36.34 1.07
N VAL C 211 -11.40 -35.26 1.20
CA VAL C 211 -12.75 -35.41 1.72
C VAL C 211 -13.64 -36.09 0.67
N GLY C 212 -13.15 -36.08 -0.58
CA GLY C 212 -13.84 -36.75 -1.67
C GLY C 212 -14.67 -35.80 -2.50
N TYR C 213 -14.50 -35.87 -3.81
CA TYR C 213 -15.28 -35.04 -4.72
C TYR C 213 -16.77 -35.28 -4.54
N ASP C 214 -17.48 -34.20 -4.22
CA ASP C 214 -18.91 -34.24 -4.01
C ASP C 214 -19.56 -33.50 -5.16
N ARG C 215 -20.27 -34.23 -6.03
CA ARG C 215 -20.87 -33.61 -7.22
C ARG C 215 -21.93 -32.58 -6.79
N ASN C 216 -22.52 -32.78 -5.62
CA ASN C 216 -23.50 -31.83 -5.10
C ASN C 216 -22.86 -30.53 -4.61
N ASN C 217 -21.52 -30.51 -4.56
CA ASN C 217 -20.77 -29.33 -4.14
C ASN C 217 -20.30 -28.52 -5.35
N LYS C 218 -20.90 -27.35 -5.57
CA LYS C 218 -20.55 -26.50 -6.71
C LYS C 218 -19.09 -26.05 -6.67
N GLN C 219 -18.56 -25.83 -5.47
CA GLN C 219 -17.17 -25.39 -5.33
C GLN C 219 -16.20 -26.49 -5.77
N HIS C 220 -16.58 -27.74 -5.53
CA HIS C 220 -15.79 -28.87 -6.01
C HIS C 220 -15.80 -28.91 -7.54
N HIS C 221 -16.93 -28.55 -8.14
CA HIS C 221 -17.02 -28.48 -9.59
C HIS C 221 -16.03 -27.46 -10.13
N ARG C 222 -15.96 -26.32 -9.47
CA ARG C 222 -15.04 -25.24 -9.86
C ARG C 222 -13.59 -25.66 -9.74
N LEU C 223 -13.26 -26.30 -8.61
CA LEU C 223 -11.91 -26.76 -8.34
C LEU C 223 -11.48 -27.82 -9.34
N LEU C 224 -12.35 -28.79 -9.57
CA LEU C 224 -12.08 -29.82 -10.55
C LEU C 224 -11.83 -29.24 -11.94
N LEU C 225 -12.70 -28.33 -12.40
CA LEU C 225 -12.47 -27.72 -13.72
C LEU C 225 -11.08 -27.08 -13.78
N CYS C 226 -10.63 -26.49 -12.68
CA CYS C 226 -9.29 -25.84 -12.70
C CYS C 226 -8.21 -26.89 -12.93
N LEU C 227 -8.28 -27.98 -12.16
CA LEU C 227 -7.31 -29.05 -12.25
C LEU C 227 -7.32 -29.72 -13.63
N LEU C 228 -8.50 -29.88 -14.20
CA LEU C 228 -8.61 -30.53 -15.50
C LEU C 228 -8.01 -29.64 -16.56
N MET C 229 -8.32 -28.35 -16.49
CA MET C 229 -7.71 -27.38 -17.39
C MET C 229 -6.19 -27.47 -17.30
N THR C 230 -5.67 -27.46 -16.09
CA THR C 230 -4.21 -27.46 -15.90
C THR C 230 -3.65 -28.76 -16.45
N SER C 231 -4.34 -29.86 -16.15
CA SER C 231 -3.95 -31.17 -16.67
C SER C 231 -3.91 -31.18 -18.20
N CYS C 232 -4.83 -30.45 -18.83
CA CYS C 232 -4.88 -30.38 -20.29
C CYS C 232 -3.74 -29.52 -20.83
N ASP C 233 -3.50 -28.39 -20.14
CA ASP C 233 -2.46 -27.43 -20.57
C ASP C 233 -1.07 -28.07 -20.57
N LEU C 234 -0.82 -28.96 -19.60
CA LEU C 234 0.50 -29.58 -19.45
C LEU C 234 0.60 -30.99 -20.05
N SER C 235 -0.46 -31.42 -20.73
CA SER C 235 -0.58 -32.81 -21.16
C SER C 235 0.43 -33.33 -22.19
N ASP C 236 1.23 -32.43 -22.78
CA ASP C 236 2.38 -32.85 -23.57
C ASP C 236 3.26 -33.79 -22.74
N GLN C 237 3.34 -33.55 -21.43
CA GLN C 237 4.18 -34.37 -20.58
C GLN C 237 3.65 -35.79 -20.31
N THR C 238 2.42 -36.07 -20.73
CA THR C 238 1.84 -37.41 -20.54
C THR C 238 2.03 -38.31 -21.74
N LYS C 239 2.71 -37.80 -22.76
CA LYS C 239 3.01 -38.57 -23.96
C LYS C 239 4.40 -39.23 -23.85
N GLY C 240 4.87 -39.81 -24.94
CA GLY C 240 6.14 -40.53 -24.96
C GLY C 240 7.33 -39.61 -24.78
N TRP C 241 8.51 -40.18 -24.56
CA TRP C 241 9.71 -39.37 -24.36
C TRP C 241 9.92 -38.37 -25.50
N LYS C 242 9.79 -38.83 -26.73
CA LYS C 242 10.08 -37.98 -27.88
C LYS C 242 9.26 -36.70 -27.92
N THR C 243 7.99 -36.82 -27.54
CA THR C 243 7.13 -35.65 -27.49
C THR C 243 7.64 -34.64 -26.48
N THR C 244 7.99 -35.11 -25.28
CA THR C 244 8.43 -34.19 -24.22
C THR C 244 9.79 -33.55 -24.54
N ARG C 245 10.62 -34.29 -25.27
CA ARG C 245 11.91 -33.77 -25.72
C ARG C 245 11.70 -32.60 -26.68
N LYS C 246 10.80 -32.81 -27.64
CA LYS C 246 10.53 -31.80 -28.64
C LYS C 246 9.89 -30.58 -27.99
N ILE C 247 9.02 -30.82 -27.01
CA ILE C 247 8.26 -29.74 -26.38
C ILE C 247 9.18 -28.89 -25.51
N ALA C 248 10.17 -29.52 -24.87
CA ALA C 248 11.17 -28.79 -24.09
C ALA C 248 11.98 -27.88 -24.99
N GLU C 249 12.32 -28.41 -26.15
CA GLU C 249 12.97 -27.62 -27.19
C GLU C 249 12.14 -26.38 -27.50
N LEU C 250 10.85 -26.55 -27.81
CA LEU C 250 9.99 -25.42 -28.14
C LEU C 250 9.87 -24.42 -26.98
N ILE C 251 9.65 -24.95 -25.78
CA ILE C 251 9.50 -24.10 -24.61
C ILE C 251 10.77 -23.32 -24.27
N TYR C 252 11.92 -23.97 -24.31
CA TYR C 252 13.13 -23.24 -23.95
C TYR C 252 13.55 -22.26 -25.05
N LYS C 253 13.31 -22.62 -26.32
CA LYS C 253 13.44 -21.62 -27.39
C LYS C 253 12.63 -20.37 -27.06
N GLU C 254 11.39 -20.58 -26.60
CA GLU C 254 10.54 -19.46 -26.25
C GLU C 254 11.10 -18.68 -25.05
N PHE C 255 11.45 -19.41 -24.00
CA PHE C 255 12.03 -18.79 -22.81
C PHE C 255 13.27 -17.93 -23.14
N PHE C 256 14.21 -18.51 -23.88
CA PHE C 256 15.49 -17.86 -24.11
C PHE C 256 15.34 -16.60 -24.95
N SER C 257 14.37 -16.59 -25.86
CA SER C 257 14.06 -15.38 -26.61
C SER C 257 13.57 -14.30 -25.66
N GLN C 258 12.74 -14.68 -24.70
CA GLN C 258 12.25 -13.71 -23.72
C GLN C 258 13.41 -13.17 -22.89
N GLY C 259 14.26 -14.09 -22.42
CA GLY C 259 15.44 -13.70 -21.67
C GLY C 259 16.31 -12.72 -22.42
N ASP C 260 16.46 -12.92 -23.73
CA ASP C 260 17.31 -12.07 -24.54
C ASP C 260 16.77 -10.64 -24.58
N LEU C 261 15.46 -10.53 -24.73
CA LEU C 261 14.79 -9.23 -24.73
C LEU C 261 14.96 -8.52 -23.38
N GLU C 262 14.88 -9.30 -22.30
CA GLU C 262 15.00 -8.74 -20.95
C GLU C 262 16.40 -8.20 -20.72
N LYS C 263 17.39 -8.96 -21.16
CA LYS C 263 18.78 -8.49 -21.11
C LYS C 263 18.95 -7.20 -21.91
N ALA C 264 18.29 -7.12 -23.07
CA ALA C 264 18.39 -5.94 -23.91
C ALA C 264 17.72 -4.74 -23.24
N MET C 265 16.75 -5.00 -22.37
CA MET C 265 16.06 -3.95 -21.63
C MET C 265 16.81 -3.54 -20.38
N GLY C 266 18.03 -4.05 -20.23
CA GLY C 266 18.86 -3.72 -19.09
C GLY C 266 18.40 -4.42 -17.82
N ASN C 267 17.64 -5.51 -17.99
CA ASN C 267 17.21 -6.31 -16.85
C ASN C 267 17.83 -7.69 -16.91
N ARG C 268 17.61 -8.50 -15.87
CA ARG C 268 18.08 -9.88 -15.93
C ARG C 268 16.94 -10.87 -15.77
N PRO C 269 16.82 -11.77 -16.76
CA PRO C 269 15.77 -12.79 -16.82
C PRO C 269 15.87 -13.75 -15.65
N MET C 270 14.81 -14.50 -15.38
CA MET C 270 14.94 -15.59 -14.43
C MET C 270 15.92 -16.59 -15.06
N GLU C 271 16.57 -17.40 -14.22
CA GLU C 271 17.59 -18.31 -14.69
C GLU C 271 17.08 -19.22 -15.82
N MET C 272 15.83 -19.67 -15.74
CA MET C 272 15.31 -20.60 -16.73
C MET C 272 15.06 -19.95 -18.09
N MET C 273 15.15 -18.63 -18.15
CA MET C 273 15.02 -17.91 -19.40
C MET C 273 16.33 -17.31 -19.90
N ASP C 274 17.41 -17.57 -19.16
CA ASP C 274 18.73 -17.07 -19.50
C ASP C 274 19.53 -18.19 -20.15
N ARG C 275 19.70 -18.11 -21.47
CA ARG C 275 20.37 -19.17 -22.23
C ARG C 275 21.84 -19.37 -21.82
N GLU C 276 22.41 -18.39 -21.14
CA GLU C 276 23.80 -18.50 -20.68
C GLU C 276 23.86 -19.15 -19.31
N LYS C 277 22.74 -19.14 -18.58
CA LYS C 277 22.73 -19.69 -17.23
C LYS C 277 21.90 -20.96 -17.09
N ALA C 278 20.81 -21.06 -17.84
CA ALA C 278 19.89 -22.17 -17.69
C ALA C 278 20.50 -23.53 -18.01
N TYR C 279 20.31 -24.47 -17.08
CA TYR C 279 20.74 -25.86 -17.26
C TYR C 279 19.50 -26.75 -17.44
N ILE C 280 19.12 -26.98 -18.69
CA ILE C 280 17.83 -27.56 -19.04
C ILE C 280 17.44 -28.86 -18.29
N PRO C 281 18.33 -29.87 -18.21
CA PRO C 281 17.92 -31.10 -17.52
C PRO C 281 17.52 -30.86 -16.06
N GLU C 282 18.26 -29.99 -15.39
CA GLU C 282 17.99 -29.62 -14.01
C GLU C 282 16.64 -28.92 -13.92
N LEU C 283 16.39 -28.03 -14.87
CA LEU C 283 15.15 -27.26 -14.86
C LEU C 283 13.96 -28.15 -15.20
N GLN C 284 14.16 -29.12 -16.08
CA GLN C 284 13.05 -29.99 -16.49
C GLN C 284 12.71 -30.98 -15.39
N ILE C 285 13.72 -31.56 -14.77
CA ILE C 285 13.54 -32.45 -13.64
C ILE C 285 12.73 -31.75 -12.54
N SER C 286 13.15 -30.53 -12.22
CA SER C 286 12.46 -29.69 -11.25
C SER C 286 10.98 -29.49 -11.64
N PHE C 287 10.77 -29.04 -12.87
CA PHE C 287 9.42 -28.83 -13.37
C PHE C 287 8.59 -30.09 -13.26
N MET C 288 9.17 -31.22 -13.66
CA MET C 288 8.45 -32.49 -13.66
C MET C 288 8.10 -32.91 -12.24
N GLU C 289 9.07 -32.84 -11.35
CA GLU C 289 8.92 -33.42 -10.04
C GLU C 289 8.07 -32.54 -9.15
N HIS C 290 8.09 -31.23 -9.38
CA HIS C 290 7.49 -30.28 -8.43
C HIS C 290 6.28 -29.54 -8.97
N ILE C 291 6.03 -29.67 -10.27
CA ILE C 291 4.85 -29.05 -10.84
C ILE C 291 3.97 -30.07 -11.57
N ALA C 292 4.52 -30.75 -12.58
CA ALA C 292 3.72 -31.64 -13.41
C ALA C 292 3.26 -32.89 -12.66
N MET C 293 4.18 -33.58 -12.01
CA MET C 293 3.83 -34.81 -11.31
C MET C 293 2.76 -34.63 -10.21
N PRO C 294 2.88 -33.58 -9.37
CA PRO C 294 1.81 -33.36 -8.38
C PRO C 294 0.43 -33.17 -9.03
N ILE C 295 0.41 -32.57 -10.22
CA ILE C 295 -0.84 -32.32 -10.91
C ILE C 295 -1.48 -33.65 -11.32
N TYR C 296 -0.71 -34.54 -11.92
CA TYR C 296 -1.26 -35.80 -12.41
C TYR C 296 -1.44 -36.81 -11.28
N LYS C 297 -0.77 -36.59 -10.16
CA LYS C 297 -1.00 -37.35 -8.95
C LYS C 297 -2.35 -36.99 -8.34
N LEU C 298 -2.64 -35.69 -8.26
CA LEU C 298 -3.96 -35.23 -7.87
C LEU C 298 -5.01 -35.84 -8.78
N LEU C 299 -4.75 -35.81 -10.08
CA LEU C 299 -5.70 -36.32 -11.07
C LEU C 299 -5.93 -37.81 -10.86
N GLN C 300 -4.84 -38.54 -10.64
CA GLN C 300 -4.90 -39.96 -10.35
C GLN C 300 -5.68 -40.24 -9.07
N ASP C 301 -5.48 -39.38 -8.07
CA ASP C 301 -6.18 -39.55 -6.79
C ASP C 301 -7.69 -39.43 -6.95
N LEU C 302 -8.12 -38.53 -7.85
CA LEU C 302 -9.54 -38.34 -8.10
C LEU C 302 -10.08 -39.40 -9.05
N PHE C 303 -9.33 -39.63 -10.12
CA PHE C 303 -9.75 -40.60 -11.13
C PHE C 303 -8.72 -41.71 -11.25
N PRO C 304 -9.02 -42.88 -10.65
CA PRO C 304 -8.12 -44.03 -10.70
C PRO C 304 -7.68 -44.39 -12.12
N LYS C 305 -8.54 -44.15 -13.10
CA LYS C 305 -8.20 -44.40 -14.50
C LYS C 305 -7.10 -43.47 -15.05
N ALA C 306 -6.80 -42.39 -14.33
CA ALA C 306 -5.76 -41.46 -14.77
C ALA C 306 -4.37 -41.89 -14.32
N ALA C 307 -4.29 -43.06 -13.71
CA ALA C 307 -3.04 -43.57 -13.16
C ALA C 307 -1.92 -43.60 -14.21
N GLU C 308 -2.27 -44.01 -15.43
CA GLU C 308 -1.24 -44.19 -16.46
C GLU C 308 -0.61 -42.86 -16.86
N LEU C 309 -1.37 -41.77 -16.71
CA LEU C 309 -0.88 -40.44 -17.03
C LEU C 309 0.23 -40.02 -16.09
N TYR C 310 -0.01 -40.21 -14.80
CA TYR C 310 1.00 -39.91 -13.78
C TYR C 310 2.28 -40.72 -14.00
N GLU C 311 2.12 -42.01 -14.21
CA GLU C 311 3.28 -42.88 -14.36
C GLU C 311 4.07 -42.57 -15.63
N ARG C 312 3.41 -42.06 -16.66
CA ARG C 312 4.13 -41.60 -17.84
C ARG C 312 4.92 -40.31 -17.54
N VAL C 313 4.30 -39.38 -16.83
CA VAL C 313 4.97 -38.17 -16.43
C VAL C 313 6.19 -38.52 -15.58
N ALA C 314 5.99 -39.39 -14.59
CA ALA C 314 7.08 -39.87 -13.76
C ALA C 314 8.14 -40.57 -14.59
N SER C 315 7.72 -41.32 -15.60
CA SER C 315 8.66 -42.02 -16.45
C SER C 315 9.49 -41.03 -17.26
N ASN C 316 8.84 -39.99 -17.77
CA ASN C 316 9.53 -38.97 -18.54
C ASN C 316 10.49 -38.18 -17.68
N ARG C 317 10.11 -37.94 -16.42
CA ARG C 317 10.98 -37.30 -15.46
C ARG C 317 12.28 -38.09 -15.28
N GLU C 318 12.13 -39.40 -15.10
CA GLU C 318 13.27 -40.27 -14.89
C GLU C 318 14.19 -40.32 -16.11
N HIS C 319 13.61 -40.16 -17.29
CA HIS C 319 14.38 -40.15 -18.52
C HIS C 319 15.32 -38.96 -18.57
N TRP C 320 14.85 -37.82 -18.10
CA TRP C 320 15.68 -36.61 -18.04
C TRP C 320 16.91 -36.83 -17.17
N THR C 321 16.75 -37.58 -16.07
CA THR C 321 17.89 -37.93 -15.23
C THR C 321 18.88 -38.78 -16.01
N LYS C 322 18.37 -39.67 -16.85
CA LYS C 322 19.23 -40.57 -17.62
C LYS C 322 20.00 -39.89 -18.74
N VAL C 323 19.45 -38.83 -19.32
CA VAL C 323 20.15 -38.15 -20.41
C VAL C 323 20.84 -36.87 -19.94
N SER C 324 20.76 -36.60 -18.64
CA SER C 324 21.27 -35.34 -18.10
C SER C 324 22.76 -35.20 -18.36
N HIS C 325 23.47 -36.32 -18.38
CA HIS C 325 24.92 -36.34 -18.55
C HIS C 325 25.35 -35.78 -19.89
N LYS C 326 24.46 -35.84 -20.87
CA LYS C 326 24.78 -35.42 -22.23
C LYS C 326 24.91 -33.90 -22.37
N PHE C 327 24.55 -33.17 -21.32
CA PHE C 327 24.66 -31.72 -21.35
C PHE C 327 26.03 -31.28 -20.85
N THR C 328 26.86 -32.25 -20.51
CA THR C 328 28.26 -32.00 -20.22
C THR C 328 29.08 -32.58 -21.36
N ILE C 329 29.98 -31.79 -21.94
CA ILE C 329 30.75 -32.27 -23.07
C ILE C 329 31.87 -33.17 -22.59
N ARG C 330 31.75 -34.46 -22.86
CA ARG C 330 32.83 -35.40 -22.63
C ARG C 330 33.49 -35.75 -23.94
N GLY C 331 34.76 -36.14 -23.89
CA GLY C 331 35.55 -36.23 -25.10
C GLY C 331 35.65 -34.88 -25.78
N LEU C 332 35.78 -34.89 -27.10
CA LEU C 332 35.80 -33.66 -27.87
C LEU C 332 34.42 -33.36 -28.44
N PRO C 333 34.13 -32.08 -28.71
CA PRO C 333 33.00 -31.78 -29.61
C PRO C 333 33.22 -32.49 -30.94
N SER C 334 32.16 -32.96 -31.58
CA SER C 334 32.32 -33.89 -32.72
C SER C 334 33.07 -33.32 -33.91
N ASN C 335 33.32 -32.01 -33.92
CA ASN C 335 34.18 -31.42 -34.93
C ASN C 335 35.65 -31.64 -34.60
N ASN C 336 35.91 -32.40 -33.53
CA ASN C 336 37.26 -32.68 -33.03
C ASN C 336 38.01 -31.45 -32.56
N SER C 337 37.30 -30.39 -32.18
CA SER C 337 37.95 -29.13 -31.89
C SER C 337 37.55 -28.50 -30.56
N LEU C 338 38.51 -27.83 -29.94
CA LEU C 338 38.29 -27.08 -28.71
C LEU C 338 38.14 -25.58 -29.02
N ASP C 339 37.74 -25.28 -30.26
CA ASP C 339 37.65 -23.89 -30.71
C ASP C 339 36.70 -23.05 -29.88
N PHE C 340 35.64 -23.68 -29.38
CA PHE C 340 34.60 -22.94 -28.67
C PHE C 340 35.12 -22.32 -27.37
N LEU C 341 36.34 -22.70 -26.98
CA LEU C 341 36.98 -22.09 -25.83
C LEU C 341 37.67 -20.79 -26.23
N ILE D 15 -2.90 27.80 -29.37
CA ILE D 15 -2.82 27.99 -27.92
C ILE D 15 -2.92 29.48 -27.57
N GLN D 16 -3.88 29.80 -26.70
CA GLN D 16 -4.23 31.19 -26.37
C GLN D 16 -4.15 31.45 -24.88
N PRO D 17 -3.98 32.73 -24.49
CA PRO D 17 -4.15 33.05 -23.06
C PRO D 17 -5.60 32.87 -22.66
N VAL D 18 -5.86 32.35 -21.46
CA VAL D 18 -7.23 32.06 -21.03
C VAL D 18 -8.05 33.34 -20.97
N ALA D 19 -7.38 34.46 -20.73
CA ALA D 19 -8.03 35.77 -20.74
C ALA D 19 -8.67 36.04 -22.10
N ALA D 20 -8.04 35.54 -23.16
CA ALA D 20 -8.53 35.73 -24.52
C ALA D 20 -9.84 34.99 -24.72
N ILE D 21 -9.99 33.87 -24.02
CA ILE D 21 -11.22 33.07 -24.12
C ILE D 21 -12.36 33.76 -23.39
N ASP D 22 -12.11 34.10 -22.12
CA ASP D 22 -13.09 34.77 -21.30
C ASP D 22 -12.39 35.41 -20.10
N SER D 23 -12.77 36.64 -19.77
CA SER D 23 -12.11 37.35 -18.68
C SER D 23 -12.32 36.63 -17.36
N ASN D 24 -13.37 35.83 -17.30
CA ASN D 24 -13.78 35.17 -16.07
C ASN D 24 -13.49 33.65 -16.12
N PHE D 25 -12.68 33.26 -17.10
CA PHE D 25 -12.46 31.84 -17.41
C PHE D 25 -11.94 30.99 -16.25
N ALA D 26 -11.19 31.61 -15.34
CA ALA D 26 -10.61 30.86 -14.22
C ALA D 26 -11.41 31.00 -12.93
N SER D 27 -12.64 31.50 -13.05
CA SER D 27 -13.48 31.71 -11.88
C SER D 27 -14.51 30.59 -11.72
N PHE D 28 -14.90 30.31 -10.48
CA PHE D 28 -15.91 29.30 -10.20
C PHE D 28 -17.26 29.67 -10.79
N THR D 29 -17.43 30.96 -11.10
CA THR D 29 -18.70 31.43 -11.62
C THR D 29 -18.84 31.19 -13.11
N TYR D 30 -17.71 30.95 -13.78
CA TYR D 30 -17.73 30.65 -15.20
C TYR D 30 -18.40 29.31 -15.52
N THR D 31 -19.19 29.29 -16.59
CA THR D 31 -19.90 28.08 -17.01
C THR D 31 -19.31 27.56 -18.31
N PRO D 32 -18.47 26.52 -18.23
CA PRO D 32 -17.73 26.04 -19.40
C PRO D 32 -18.61 25.63 -20.57
N ARG D 33 -19.85 25.22 -20.29
CA ARG D 33 -20.76 24.85 -21.35
C ARG D 33 -21.17 26.06 -22.22
N SER D 34 -20.84 27.27 -21.77
CA SER D 34 -21.13 28.46 -22.55
C SER D 34 -20.21 28.56 -23.77
N LEU D 35 -19.07 27.88 -23.70
CA LEU D 35 -18.10 27.93 -24.78
C LEU D 35 -18.56 27.07 -25.96
N PRO D 36 -18.46 27.62 -27.18
CA PRO D 36 -18.79 26.84 -28.39
C PRO D 36 -17.98 25.55 -28.43
N GLU D 37 -18.58 24.46 -28.91
CA GLU D 37 -17.93 23.16 -28.88
C GLU D 37 -16.69 23.14 -29.78
N ASP D 38 -16.72 23.96 -30.83
CA ASP D 38 -15.60 24.08 -31.75
C ASP D 38 -14.40 24.77 -31.12
N ASP D 39 -14.59 25.34 -29.93
CA ASP D 39 -13.51 26.04 -29.24
C ASP D 39 -12.96 25.29 -28.04
N THR D 40 -13.55 24.14 -27.73
CA THR D 40 -13.19 23.44 -26.50
C THR D 40 -11.81 22.79 -26.53
N SER D 41 -11.41 22.27 -27.70
CA SER D 41 -10.07 21.72 -27.85
C SER D 41 -9.00 22.78 -27.59
N MET D 42 -9.19 23.98 -28.13
CA MET D 42 -8.31 25.11 -27.89
C MET D 42 -8.27 25.44 -26.43
N ALA D 43 -9.42 25.37 -25.82
CA ALA D 43 -9.50 25.70 -24.40
C ALA D 43 -8.70 24.70 -23.57
N ILE D 44 -8.79 23.43 -23.93
CA ILE D 44 -8.05 22.37 -23.25
C ILE D 44 -6.56 22.69 -23.36
N LEU D 45 -6.10 23.00 -24.56
CA LEU D 45 -4.70 23.38 -24.74
C LEU D 45 -4.34 24.58 -23.87
N SER D 46 -5.22 25.59 -23.89
CA SER D 46 -4.98 26.84 -23.16
C SER D 46 -4.88 26.65 -21.65
N MET D 47 -5.70 25.74 -21.13
CA MET D 47 -5.66 25.43 -19.72
C MET D 47 -4.38 24.71 -19.35
N LEU D 48 -3.91 23.82 -20.20
CA LEU D 48 -2.69 23.08 -19.91
C LEU D 48 -1.51 24.04 -19.96
N GLN D 49 -1.62 25.05 -20.82
CA GLN D 49 -0.57 26.07 -20.97
C GLN D 49 -0.59 27.06 -19.80
N ASP D 50 -1.79 27.35 -19.30
CA ASP D 50 -1.94 28.29 -18.20
C ASP D 50 -1.46 27.67 -16.90
N MET D 51 -1.66 26.36 -16.76
CA MET D 51 -1.12 25.60 -15.65
C MET D 51 0.37 25.34 -15.89
N ASN D 52 0.85 25.80 -17.04
CA ASN D 52 2.21 25.59 -17.55
C ASN D 52 2.63 24.12 -17.58
N PHE D 53 1.70 23.21 -17.85
CA PHE D 53 2.05 21.81 -17.93
C PHE D 53 2.76 21.42 -19.21
N ILE D 54 2.51 22.15 -20.29
CA ILE D 54 3.13 21.86 -21.59
C ILE D 54 4.64 22.13 -21.56
N ASN D 55 5.01 23.31 -21.07
CA ASN D 55 6.43 23.61 -20.90
C ASN D 55 7.07 22.64 -19.90
N ASN D 56 6.53 22.63 -18.68
CA ASN D 56 7.15 21.93 -17.57
C ASN D 56 7.27 20.41 -17.76
N TYR D 57 6.37 19.82 -18.53
CA TYR D 57 6.45 18.38 -18.80
C TYR D 57 7.00 18.09 -20.18
N LYS D 58 7.45 19.12 -20.87
CA LYS D 58 8.05 19.00 -22.20
C LYS D 58 7.11 18.25 -23.14
N ILE D 59 5.82 18.56 -23.04
CA ILE D 59 4.82 17.93 -23.89
C ILE D 59 4.92 18.42 -25.32
N ASP D 60 5.08 17.48 -26.26
CA ASP D 60 5.08 17.82 -27.68
C ASP D 60 3.70 18.30 -28.13
N CYS D 61 3.63 19.55 -28.56
CA CYS D 61 2.34 20.17 -28.91
C CYS D 61 1.54 19.46 -30.02
N PRO D 62 2.21 19.07 -31.13
CA PRO D 62 1.45 18.33 -32.14
C PRO D 62 0.84 17.03 -31.59
N THR D 63 1.59 16.33 -30.76
CA THR D 63 1.10 15.09 -30.15
C THR D 63 -0.10 15.39 -29.23
N LEU D 64 -0.01 16.50 -28.52
CA LEU D 64 -1.05 16.88 -27.57
C LEU D 64 -2.33 17.32 -28.30
N ALA D 65 -2.16 18.04 -29.41
CA ALA D 65 -3.29 18.42 -30.24
C ALA D 65 -4.02 17.19 -30.81
N ARG D 66 -3.24 16.21 -31.25
CA ARG D 66 -3.81 14.98 -31.81
C ARG D 66 -4.52 14.23 -30.70
N PHE D 67 -3.87 14.11 -29.54
CA PHE D 67 -4.46 13.43 -28.39
C PHE D 67 -5.81 14.04 -28.03
N CYS D 68 -5.82 15.37 -27.89
CA CYS D 68 -7.00 16.12 -27.51
C CYS D 68 -8.14 15.92 -28.50
N LEU D 69 -7.83 16.05 -29.79
CA LEU D 69 -8.83 15.80 -30.82
C LEU D 69 -9.33 14.34 -30.79
N MET D 70 -8.42 13.39 -30.58
CA MET D 70 -8.81 11.97 -30.48
C MET D 70 -9.74 11.72 -29.30
N VAL D 71 -9.47 12.39 -28.18
CA VAL D 71 -10.28 12.19 -26.98
C VAL D 71 -11.69 12.72 -27.25
N LYS D 72 -11.76 13.93 -27.79
CA LYS D 72 -13.03 14.58 -28.10
C LYS D 72 -13.88 13.70 -29.00
N LYS D 73 -13.28 13.13 -30.04
CA LYS D 73 -14.04 12.32 -30.99
C LYS D 73 -14.42 10.95 -30.39
N GLY D 74 -13.77 10.59 -29.28
CA GLY D 74 -14.03 9.34 -28.57
C GLY D 74 -15.31 9.34 -27.76
N TYR D 75 -15.97 10.50 -27.71
CA TYR D 75 -17.27 10.61 -27.05
C TYR D 75 -18.40 10.48 -28.05
N ARG D 76 -19.48 9.80 -27.64
CA ARG D 76 -20.71 9.71 -28.42
C ARG D 76 -21.57 10.91 -28.08
N ASP D 77 -22.85 10.91 -28.49
CA ASP D 77 -23.71 12.02 -28.08
C ASP D 77 -25.02 11.57 -27.43
N PRO D 78 -24.93 10.92 -26.26
CA PRO D 78 -26.12 10.83 -25.41
C PRO D 78 -26.40 12.23 -24.85
N PRO D 79 -27.59 12.45 -24.25
CA PRO D 79 -27.90 13.80 -23.78
C PRO D 79 -26.85 14.43 -22.83
N TYR D 80 -26.29 13.64 -21.93
CA TYR D 80 -25.42 14.19 -20.90
C TYR D 80 -23.97 13.75 -21.00
N HIS D 81 -23.75 12.45 -21.14
CA HIS D 81 -22.39 11.88 -21.08
C HIS D 81 -21.70 11.98 -22.43
N ASN D 82 -21.46 13.23 -22.84
CA ASN D 82 -20.86 13.53 -24.13
C ASN D 82 -19.62 14.39 -23.90
N TRP D 83 -18.98 14.86 -24.97
CA TRP D 83 -17.71 15.58 -24.82
C TRP D 83 -17.87 16.84 -23.98
N MET D 84 -19.00 17.52 -24.13
CA MET D 84 -19.19 18.75 -23.37
C MET D 84 -19.21 18.48 -21.87
N HIS D 85 -19.65 17.30 -21.48
CA HIS D 85 -19.53 16.88 -20.08
C HIS D 85 -18.06 16.74 -19.70
N ALA D 86 -17.33 15.93 -20.47
CA ALA D 86 -15.89 15.75 -20.21
C ALA D 86 -15.09 17.06 -20.21
N PHE D 87 -15.34 17.91 -21.21
CA PHE D 87 -14.75 19.22 -21.25
C PHE D 87 -15.08 20.04 -19.99
N SER D 88 -16.35 20.07 -19.58
CA SER D 88 -16.72 20.91 -18.45
C SER D 88 -16.11 20.36 -17.16
N VAL D 89 -16.03 19.04 -17.06
CA VAL D 89 -15.40 18.36 -15.92
C VAL D 89 -13.91 18.75 -15.85
N SER D 90 -13.28 18.80 -17.02
CA SER D 90 -11.86 19.10 -17.13
C SER D 90 -11.63 20.56 -16.78
N HIS D 91 -12.56 21.41 -17.20
CA HIS D 91 -12.50 22.81 -16.84
C HIS D 91 -12.55 22.99 -15.32
N PHE D 92 -13.40 22.21 -14.65
CA PHE D 92 -13.48 22.33 -13.19
C PHE D 92 -12.18 21.92 -12.48
N CYS D 93 -11.54 20.86 -12.98
CA CYS D 93 -10.20 20.50 -12.49
C CYS D 93 -9.25 21.69 -12.58
N TYR D 94 -9.24 22.31 -13.75
CA TYR D 94 -8.48 23.54 -13.94
C TYR D 94 -8.87 24.61 -12.92
N LEU D 95 -10.16 24.75 -12.63
CA LEU D 95 -10.60 25.73 -11.63
C LEU D 95 -10.08 25.41 -10.24
N LEU D 96 -10.07 24.14 -9.88
CA LEU D 96 -9.58 23.70 -8.57
C LEU D 96 -8.11 24.05 -8.45
N TYR D 97 -7.38 23.82 -9.53
CA TYR D 97 -5.97 24.20 -9.60
C TYR D 97 -5.75 25.70 -9.46
N LYS D 98 -6.56 26.50 -10.15
CA LYS D 98 -6.36 27.95 -10.14
C LYS D 98 -6.82 28.59 -8.82
N ASN D 99 -7.83 28.01 -8.19
CA ASN D 99 -8.51 28.64 -7.05
C ASN D 99 -8.16 28.05 -5.69
N LEU D 100 -7.75 26.78 -5.66
CA LEU D 100 -7.34 26.15 -4.42
C LEU D 100 -5.84 25.89 -4.51
N GLU D 101 -5.16 25.79 -3.40
CA GLU D 101 -3.74 25.44 -3.47
C GLU D 101 -3.61 23.94 -3.46
N LEU D 102 -3.92 23.34 -4.60
CA LEU D 102 -3.73 21.92 -4.78
C LEU D 102 -2.29 21.50 -4.63
N THR D 103 -1.37 22.40 -4.99
CA THR D 103 0.05 22.06 -5.00
C THR D 103 0.63 21.96 -3.60
N ASN D 104 -0.08 22.52 -2.63
CA ASN D 104 0.24 22.28 -1.24
C ASN D 104 -0.06 20.83 -0.81
N TYR D 105 -1.04 20.17 -1.43
CA TYR D 105 -1.42 18.81 -1.05
C TYR D 105 -1.05 17.73 -2.05
N LEU D 106 -0.95 18.08 -3.33
CA LEU D 106 -0.69 17.08 -4.34
C LEU D 106 0.56 17.37 -5.15
N GLU D 107 1.13 16.30 -5.69
CA GLU D 107 2.28 16.39 -6.57
C GLU D 107 1.81 16.91 -7.92
N ASP D 108 2.73 17.54 -8.65
CA ASP D 108 2.37 18.08 -9.96
C ASP D 108 1.88 16.99 -10.90
N ILE D 109 2.52 15.81 -10.85
CA ILE D 109 2.11 14.74 -11.76
C ILE D 109 0.72 14.24 -11.40
N GLU D 110 0.35 14.34 -10.13
CA GLU D 110 -0.95 13.88 -9.69
C GLU D 110 -2.04 14.78 -10.26
N ILE D 111 -1.77 16.08 -10.26
CA ILE D 111 -2.69 17.07 -10.80
C ILE D 111 -2.80 16.95 -12.32
N PHE D 112 -1.67 16.72 -12.97
CA PHE D 112 -1.63 16.48 -14.40
C PHE D 112 -2.49 15.28 -14.75
N ALA D 113 -2.27 14.17 -14.02
CA ALA D 113 -3.02 12.93 -14.24
C ALA D 113 -4.51 13.14 -13.99
N LEU D 114 -4.84 13.90 -12.96
CA LEU D 114 -6.24 14.20 -12.66
C LEU D 114 -6.89 14.94 -13.83
N PHE D 115 -6.17 15.89 -14.42
CA PHE D 115 -6.72 16.66 -15.55
C PHE D 115 -6.88 15.83 -16.82
N ILE D 116 -5.87 15.02 -17.13
CA ILE D 116 -5.95 14.12 -18.27
C ILE D 116 -7.07 13.08 -18.03
N SER D 117 -7.18 12.61 -16.80
CA SER D 117 -8.25 11.67 -16.47
C SER D 117 -9.63 12.29 -16.68
N CYS D 118 -9.79 13.54 -16.28
CA CYS D 118 -11.04 14.25 -16.58
C CYS D 118 -11.36 14.29 -18.07
N MET D 119 -10.37 14.56 -18.92
CA MET D 119 -10.63 14.56 -20.35
C MET D 119 -11.17 13.22 -20.81
N CYS D 120 -10.66 12.16 -20.19
CA CYS D 120 -10.83 10.79 -20.66
C CYS D 120 -11.93 9.99 -19.97
N HIS D 121 -12.49 10.52 -18.89
CA HIS D 121 -13.08 9.64 -17.87
C HIS D 121 -14.42 9.02 -18.29
N ASP D 122 -15.06 9.52 -19.34
CA ASP D 122 -16.33 8.93 -19.81
C ASP D 122 -16.24 8.52 -21.29
N LEU D 123 -15.03 8.31 -21.79
CA LEU D 123 -14.83 7.93 -23.21
C LEU D 123 -15.79 6.82 -23.67
N ASP D 124 -16.49 7.11 -24.76
CA ASP D 124 -17.39 6.15 -25.43
C ASP D 124 -18.59 5.74 -24.56
N HIS D 125 -18.97 6.62 -23.64
CA HIS D 125 -20.20 6.41 -22.84
C HIS D 125 -21.41 6.28 -23.77
N ARG D 126 -22.28 5.34 -23.46
CA ARG D 126 -23.43 5.04 -24.33
C ARG D 126 -24.75 5.56 -23.76
N GLY D 127 -24.67 6.30 -22.65
CA GLY D 127 -25.84 6.88 -22.02
C GLY D 127 -26.59 5.88 -21.14
N THR D 128 -25.94 4.76 -20.83
CA THR D 128 -26.50 3.75 -19.93
C THR D 128 -25.50 3.40 -18.82
N ASN D 129 -26.01 3.00 -17.65
CA ASN D 129 -25.16 2.76 -16.49
C ASN D 129 -24.55 1.36 -16.49
N ASN D 130 -23.96 0.98 -15.37
CA ASN D 130 -23.22 -0.26 -15.32
C ASN D 130 -24.13 -1.48 -15.28
N SER D 131 -25.14 -1.42 -14.43
CA SER D 131 -26.02 -2.56 -14.30
C SER D 131 -26.73 -2.82 -15.64
N PHE D 132 -27.00 -1.78 -16.41
CA PHE D 132 -27.58 -1.98 -17.74
C PHE D 132 -26.64 -2.78 -18.65
N GLN D 133 -25.35 -2.47 -18.64
CA GLN D 133 -24.39 -3.27 -19.40
C GLN D 133 -24.53 -4.76 -19.06
N VAL D 134 -24.67 -5.03 -17.77
CA VAL D 134 -24.70 -6.39 -17.29
C VAL D 134 -26.02 -7.06 -17.69
N ALA D 135 -27.14 -6.36 -17.50
CA ALA D 135 -28.45 -6.93 -17.83
C ALA D 135 -28.61 -7.15 -19.33
N SER D 136 -28.00 -6.30 -20.15
CA SER D 136 -28.15 -6.40 -21.60
C SER D 136 -27.08 -7.34 -22.18
N LYS D 137 -26.26 -7.88 -21.28
CA LYS D 137 -25.17 -8.79 -21.68
C LYS D 137 -24.35 -8.20 -22.82
N SER D 138 -24.03 -6.92 -22.70
CA SER D 138 -23.20 -6.24 -23.68
C SER D 138 -21.80 -6.82 -23.66
N VAL D 139 -21.03 -6.58 -24.73
CA VAL D 139 -19.64 -7.02 -24.75
C VAL D 139 -18.82 -6.38 -23.62
N LEU D 140 -19.20 -5.19 -23.18
CA LEU D 140 -18.48 -4.55 -22.06
C LEU D 140 -18.70 -5.36 -20.78
N ALA D 141 -19.92 -5.82 -20.57
CA ALA D 141 -20.20 -6.68 -19.42
C ALA D 141 -19.40 -7.98 -19.54
N ALA D 142 -19.39 -8.58 -20.72
CA ALA D 142 -18.61 -9.81 -20.93
C ALA D 142 -17.15 -9.63 -20.50
N LEU D 143 -16.59 -8.47 -20.85
CA LEU D 143 -15.19 -8.17 -20.52
C LEU D 143 -14.95 -7.77 -19.05
N TYR D 144 -15.90 -7.06 -18.44
CA TYR D 144 -15.63 -6.36 -17.20
C TYR D 144 -16.54 -6.66 -15.99
N SER D 145 -17.66 -7.35 -16.19
CA SER D 145 -18.66 -7.47 -15.11
C SER D 145 -18.14 -8.13 -13.84
N SER D 146 -17.29 -9.14 -13.97
CA SER D 146 -16.77 -9.85 -12.81
C SER D 146 -15.81 -9.01 -11.97
N GLU D 147 -15.25 -7.97 -12.58
CA GLU D 147 -14.32 -7.10 -11.85
C GLU D 147 -14.96 -5.79 -11.38
N GLY D 148 -16.15 -5.50 -11.88
CA GLY D 148 -16.90 -4.32 -11.47
C GLY D 148 -16.57 -3.04 -12.25
N SER D 149 -17.40 -2.01 -12.02
CA SER D 149 -17.28 -0.73 -12.69
C SER D 149 -17.09 -0.88 -14.19
N VAL D 150 -18.07 -1.52 -14.83
CA VAL D 150 -17.97 -1.88 -16.23
C VAL D 150 -17.62 -0.70 -17.15
N MET D 151 -18.39 0.39 -17.08
CA MET D 151 -18.19 1.51 -17.99
C MET D 151 -16.83 2.14 -17.70
N GLU D 152 -16.46 2.26 -16.43
CA GLU D 152 -15.26 2.99 -16.07
C GLU D 152 -14.03 2.22 -16.51
N ARG D 153 -14.10 0.90 -16.42
CA ARG D 153 -13.05 0.05 -16.99
C ARG D 153 -12.97 0.27 -18.51
N HIS D 154 -14.13 0.41 -19.16
CA HIS D 154 -14.14 0.70 -20.59
C HIS D 154 -13.51 2.06 -20.91
N HIS D 155 -13.88 3.07 -20.13
CA HIS D 155 -13.35 4.43 -20.33
C HIS D 155 -11.83 4.43 -20.27
N PHE D 156 -11.30 3.70 -19.30
CA PHE D 156 -9.84 3.68 -19.15
C PHE D 156 -9.22 2.88 -20.31
N ALA D 157 -9.86 1.77 -20.69
CA ALA D 157 -9.35 1.00 -21.82
C ALA D 157 -9.34 1.83 -23.12
N GLN D 158 -10.35 2.68 -23.29
CA GLN D 158 -10.45 3.56 -24.45
C GLN D 158 -9.35 4.60 -24.42
N ALA D 159 -9.05 5.08 -23.22
CA ALA D 159 -7.94 6.03 -23.04
C ALA D 159 -6.61 5.42 -23.45
N ILE D 160 -6.37 4.21 -22.98
CA ILE D 160 -5.17 3.46 -23.33
C ILE D 160 -5.09 3.27 -24.84
N ALA D 161 -6.22 2.95 -25.48
CA ALA D 161 -6.22 2.79 -26.93
C ALA D 161 -5.80 4.07 -27.66
N ILE D 162 -6.23 5.21 -27.15
CA ILE D 162 -5.86 6.48 -27.74
C ILE D 162 -4.36 6.74 -27.56
N LEU D 163 -3.84 6.48 -26.36
CA LEU D 163 -2.41 6.70 -26.11
C LEU D 163 -1.56 5.76 -26.97
N ASN D 164 -2.10 4.56 -27.19
CA ASN D 164 -1.42 3.54 -28.01
C ASN D 164 -1.58 3.79 -29.51
N THR D 165 -2.28 4.85 -29.87
CA THR D 165 -2.42 5.24 -31.27
C THR D 165 -1.21 6.05 -31.71
N HIS D 166 -0.58 5.66 -32.82
CA HIS D 166 0.64 6.33 -33.27
C HIS D 166 0.45 7.84 -33.31
N GLY D 167 1.43 8.58 -32.79
CA GLY D 167 1.38 10.03 -32.76
C GLY D 167 0.51 10.64 -31.67
N CYS D 168 -0.01 9.83 -30.76
CA CYS D 168 -0.95 10.35 -29.77
C CYS D 168 -0.48 10.19 -28.33
N ASN D 169 0.69 9.60 -28.12
CA ASN D 169 1.11 9.34 -26.75
C ASN D 169 1.80 10.56 -26.17
N ILE D 170 1.05 11.37 -25.43
CA ILE D 170 1.61 12.59 -24.88
C ILE D 170 2.65 12.33 -23.79
N PHE D 171 2.73 11.08 -23.32
CA PHE D 171 3.66 10.70 -22.24
C PHE D 171 4.88 9.90 -22.67
N ASP D 172 5.09 9.70 -23.98
CA ASP D 172 6.03 8.65 -24.39
C ASP D 172 7.48 9.01 -24.12
N HIS D 173 7.71 10.29 -23.81
CA HIS D 173 9.04 10.78 -23.46
C HIS D 173 9.29 10.82 -21.95
N PHE D 174 8.25 10.58 -21.15
CA PHE D 174 8.40 10.53 -19.70
C PHE D 174 9.39 9.44 -19.38
N SER D 175 10.09 9.56 -18.26
CA SER D 175 10.88 8.46 -17.73
C SER D 175 9.98 7.25 -17.53
N ARG D 176 10.57 6.07 -17.47
CA ARG D 176 9.77 4.87 -17.29
C ARG D 176 8.96 4.93 -16.00
N LYS D 177 9.57 5.43 -14.92
CA LYS D 177 8.84 5.56 -13.67
C LYS D 177 7.69 6.57 -13.80
N ASP D 178 7.94 7.70 -14.45
CA ASP D 178 6.91 8.74 -14.56
C ASP D 178 5.79 8.28 -15.48
N TYR D 179 6.16 7.54 -16.51
CA TYR D 179 5.20 6.99 -17.44
C TYR D 179 4.27 6.03 -16.71
N GLN D 180 4.86 5.17 -15.88
CA GLN D 180 4.04 4.20 -15.18
C GLN D 180 3.14 4.89 -14.16
N ARG D 181 3.65 5.91 -13.50
CA ARG D 181 2.85 6.59 -12.49
C ARG D 181 1.65 7.26 -13.18
N MET D 182 1.83 7.82 -14.37
CA MET D 182 0.68 8.35 -15.12
C MET D 182 -0.42 7.34 -15.43
N LEU D 183 -0.05 6.16 -15.90
CA LEU D 183 -1.06 5.14 -16.20
C LEU D 183 -1.76 4.70 -14.93
N ASP D 184 -0.98 4.46 -13.89
CA ASP D 184 -1.53 4.03 -12.60
C ASP D 184 -2.51 5.04 -12.05
N LEU D 185 -2.11 6.31 -12.12
CA LEU D 185 -2.95 7.41 -11.69
C LEU D 185 -4.20 7.47 -12.55
N MET D 186 -4.06 7.46 -13.88
CA MET D 186 -5.25 7.49 -14.74
C MET D 186 -6.24 6.33 -14.48
N ARG D 187 -5.76 5.10 -14.33
CA ARG D 187 -6.60 3.97 -13.95
C ARG D 187 -7.32 4.21 -12.63
N ASP D 188 -6.59 4.67 -11.62
CA ASP D 188 -7.19 4.84 -10.29
C ASP D 188 -8.27 5.91 -10.33
N ILE D 189 -7.97 7.01 -11.02
CA ILE D 189 -8.82 8.19 -11.01
C ILE D 189 -10.06 7.89 -11.85
N ILE D 190 -9.88 7.26 -13.01
CA ILE D 190 -11.05 6.97 -13.83
C ILE D 190 -11.98 5.96 -13.15
N LEU D 191 -11.41 4.96 -12.51
CA LEU D 191 -12.25 3.97 -11.82
C LEU D 191 -13.00 4.61 -10.65
N ALA D 192 -12.42 5.67 -10.11
CA ALA D 192 -13.01 6.35 -8.95
C ALA D 192 -14.28 7.13 -9.33
N THR D 193 -14.51 7.29 -10.62
CA THR D 193 -15.68 8.01 -11.12
C THR D 193 -16.95 7.17 -11.01
N ASP D 194 -16.80 5.87 -10.79
CA ASP D 194 -17.97 5.03 -10.51
C ASP D 194 -18.55 5.50 -9.19
N LEU D 195 -19.79 5.98 -9.19
CA LEU D 195 -20.37 6.46 -7.96
C LEU D 195 -20.41 5.35 -6.90
N ALA D 196 -20.49 4.10 -7.34
CA ALA D 196 -20.47 2.98 -6.38
C ALA D 196 -19.14 2.95 -5.60
N HIS D 197 -18.05 3.31 -6.29
CA HIS D 197 -16.72 3.42 -5.68
C HIS D 197 -16.68 4.55 -4.67
N HIS D 198 -17.23 5.71 -5.07
CA HIS D 198 -17.25 6.85 -4.18
C HIS D 198 -17.99 6.50 -2.89
N LEU D 199 -19.14 5.83 -3.03
CA LEU D 199 -19.92 5.48 -1.86
C LEU D 199 -19.23 4.48 -0.93
N ARG D 200 -18.42 3.59 -1.52
CA ARG D 200 -17.65 2.61 -0.75
C ARG D 200 -16.52 3.27 0.04
N ILE D 201 -15.89 4.27 -0.57
CA ILE D 201 -14.75 4.92 0.11
C ILE D 201 -15.15 6.16 0.90
N PHE D 202 -16.44 6.46 0.94
CA PHE D 202 -16.87 7.69 1.63
C PHE D 202 -16.37 7.74 3.08
N LYS D 203 -16.50 6.64 3.81
CA LYS D 203 -16.06 6.64 5.21
C LYS D 203 -14.55 6.88 5.31
N ASP D 204 -13.80 6.44 4.29
CA ASP D 204 -12.36 6.71 4.28
C ASP D 204 -12.07 8.18 4.03
N LEU D 205 -12.88 8.80 3.18
CA LEU D 205 -12.71 10.22 2.92
C LEU D 205 -13.04 10.99 4.19
N GLN D 206 -14.09 10.56 4.89
CA GLN D 206 -14.47 11.20 6.15
C GLN D 206 -13.33 11.08 7.15
N LYS D 207 -12.81 9.86 7.30
CA LYS D 207 -11.71 9.61 8.25
C LYS D 207 -10.52 10.50 7.95
N MET D 208 -10.25 10.70 6.65
CA MET D 208 -9.13 11.53 6.24
C MET D 208 -9.38 12.98 6.64
N ALA D 209 -10.59 13.47 6.35
CA ALA D 209 -10.94 14.83 6.75
C ALA D 209 -10.87 15.00 8.27
N GLU D 210 -11.22 13.94 9.01
CA GLU D 210 -11.19 14.00 10.47
C GLU D 210 -9.78 14.13 11.06
N VAL D 211 -8.87 13.26 10.64
CA VAL D 211 -7.52 13.30 11.20
C VAL D 211 -6.72 14.46 10.59
N GLY D 212 -7.18 14.93 9.44
CA GLY D 212 -6.54 16.00 8.72
C GLY D 212 -5.60 15.46 7.66
N TYR D 213 -5.56 16.15 6.53
CA TYR D 213 -4.74 15.68 5.41
C TYR D 213 -3.26 15.55 5.78
N ASP D 214 -2.67 14.41 5.49
CA ASP D 214 -1.24 14.18 5.74
C ASP D 214 -0.51 14.17 4.41
N ARG D 215 0.25 15.23 4.12
CA ARG D 215 0.97 15.34 2.86
C ARG D 215 1.89 14.16 2.59
N ASN D 216 2.33 13.48 3.66
CA ASN D 216 3.34 12.42 3.51
C ASN D 216 2.71 11.04 3.52
N ASN D 217 1.38 11.02 3.55
CA ASN D 217 0.60 9.79 3.50
C ASN D 217 0.09 9.56 2.08
N LYS D 218 0.64 8.55 1.42
CA LYS D 218 0.31 8.28 0.02
C LYS D 218 -1.14 7.83 -0.14
N GLN D 219 -1.71 7.26 0.92
CA GLN D 219 -3.11 6.86 0.87
C GLN D 219 -4.00 8.10 0.87
N HIS D 220 -3.59 9.13 1.62
CA HIS D 220 -4.32 10.39 1.61
C HIS D 220 -4.24 11.04 0.22
N HIS D 221 -3.09 10.99 -0.43
CA HIS D 221 -3.00 11.46 -1.81
C HIS D 221 -4.02 10.77 -2.71
N ARG D 222 -4.06 9.44 -2.65
CA ARG D 222 -4.99 8.64 -3.45
C ARG D 222 -6.45 9.01 -3.17
N LEU D 223 -6.82 9.09 -1.89
CA LEU D 223 -8.19 9.47 -1.52
C LEU D 223 -8.54 10.87 -1.97
N LEU D 224 -7.63 11.81 -1.80
CA LEU D 224 -7.92 13.17 -2.23
C LEU D 224 -8.16 13.25 -3.74
N LEU D 225 -7.38 12.48 -4.49
CA LEU D 225 -7.59 12.44 -5.95
C LEU D 225 -8.98 11.89 -6.28
N CYS D 226 -9.43 10.93 -5.49
CA CYS D 226 -10.76 10.37 -5.73
C CYS D 226 -11.79 11.47 -5.47
N LEU D 227 -11.69 12.13 -4.31
CA LEU D 227 -12.58 13.25 -3.97
C LEU D 227 -12.59 14.36 -5.01
N LEU D 228 -11.41 14.78 -5.45
CA LEU D 228 -11.33 15.83 -6.45
C LEU D 228 -11.99 15.39 -7.74
N MET D 229 -11.70 14.15 -8.15
CA MET D 229 -12.30 13.63 -9.38
C MET D 229 -13.82 13.67 -9.30
N THR D 230 -14.38 13.22 -8.18
CA THR D 230 -15.83 13.17 -8.03
C THR D 230 -16.34 14.61 -8.03
N SER D 231 -15.57 15.49 -7.41
CA SER D 231 -15.96 16.89 -7.34
C SER D 231 -16.05 17.50 -8.73
N CYS D 232 -15.11 17.12 -9.59
CA CYS D 232 -15.10 17.60 -10.97
C CYS D 232 -16.29 17.00 -11.73
N ASP D 233 -16.56 15.71 -11.50
CA ASP D 233 -17.59 14.96 -12.23
C ASP D 233 -18.99 15.51 -11.98
N LEU D 234 -19.19 16.02 -10.76
CA LEU D 234 -20.49 16.54 -10.34
C LEU D 234 -20.55 18.06 -10.39
N SER D 235 -19.50 18.68 -10.93
CA SER D 235 -19.33 20.12 -10.82
C SER D 235 -20.42 20.96 -11.52
N ASP D 236 -21.25 20.35 -12.37
CA ASP D 236 -22.39 21.08 -12.94
C ASP D 236 -23.25 21.67 -11.83
N GLN D 237 -23.29 20.98 -10.69
CA GLN D 237 -24.16 21.36 -9.60
C GLN D 237 -23.62 22.56 -8.80
N THR D 238 -22.39 22.97 -9.10
CA THR D 238 -21.81 24.14 -8.42
C THR D 238 -21.99 25.42 -9.23
N LYS D 239 -22.76 25.33 -10.30
CA LYS D 239 -23.01 26.49 -11.16
C LYS D 239 -24.33 27.14 -10.76
N GLY D 240 -24.83 28.04 -11.60
CA GLY D 240 -26.09 28.72 -11.35
C GLY D 240 -27.26 27.79 -11.51
N TRP D 241 -28.42 28.19 -10.99
CA TRP D 241 -29.60 27.34 -11.03
C TRP D 241 -29.94 26.90 -12.45
N LYS D 242 -29.86 27.83 -13.39
CA LYS D 242 -30.23 27.54 -14.78
C LYS D 242 -29.37 26.42 -15.37
N THR D 243 -28.08 26.42 -15.04
CA THR D 243 -27.22 25.32 -15.44
C THR D 243 -27.71 24.01 -14.89
N THR D 244 -28.00 23.99 -13.60
CA THR D 244 -28.32 22.74 -12.95
C THR D 244 -29.68 22.23 -13.44
N ARG D 245 -30.58 23.16 -13.77
CA ARG D 245 -31.89 22.81 -14.32
C ARG D 245 -31.75 22.15 -15.70
N LYS D 246 -30.96 22.77 -16.57
CA LYS D 246 -30.70 22.20 -17.89
C LYS D 246 -29.99 20.85 -17.75
N ILE D 247 -29.05 20.77 -16.81
CA ILE D 247 -28.33 19.52 -16.59
C ILE D 247 -29.25 18.40 -16.14
N ALA D 248 -30.17 18.71 -15.22
CA ALA D 248 -31.20 17.73 -14.82
C ALA D 248 -32.01 17.22 -16.02
N GLU D 249 -32.36 18.11 -16.94
CA GLU D 249 -33.06 17.72 -18.18
C GLU D 249 -32.29 16.68 -18.96
N LEU D 250 -31.00 16.96 -19.15
CA LEU D 250 -30.15 16.08 -19.95
C LEU D 250 -30.00 14.74 -19.25
N ILE D 251 -29.75 14.79 -17.96
CA ILE D 251 -29.53 13.57 -17.19
C ILE D 251 -30.79 12.70 -17.17
N TYR D 252 -31.95 13.30 -16.91
CA TYR D 252 -33.16 12.50 -16.87
C TYR D 252 -33.57 12.02 -18.27
N LYS D 253 -33.35 12.83 -19.31
CA LYS D 253 -33.61 12.33 -20.67
C LYS D 253 -32.81 11.04 -20.87
N GLU D 254 -31.54 11.07 -20.46
CA GLU D 254 -30.68 9.90 -20.57
C GLU D 254 -31.17 8.73 -19.71
N PHE D 255 -31.49 8.99 -18.44
CA PHE D 255 -32.04 7.98 -17.55
C PHE D 255 -33.31 7.31 -18.14
N PHE D 256 -34.29 8.12 -18.52
CA PHE D 256 -35.58 7.58 -18.96
C PHE D 256 -35.42 6.78 -20.24
N SER D 257 -34.48 7.18 -21.08
CA SER D 257 -34.21 6.40 -22.29
C SER D 257 -33.71 5.01 -21.92
N GLN D 258 -32.80 4.94 -20.96
CA GLN D 258 -32.37 3.65 -20.46
C GLN D 258 -33.54 2.85 -19.90
N GLY D 259 -34.37 3.49 -19.09
CA GLY D 259 -35.49 2.82 -18.46
C GLY D 259 -36.50 2.26 -19.45
N ASP D 260 -36.78 3.03 -20.50
CA ASP D 260 -37.65 2.56 -21.56
C ASP D 260 -37.11 1.27 -22.19
N LEU D 261 -35.80 1.24 -22.41
CA LEU D 261 -35.11 0.05 -22.93
C LEU D 261 -35.24 -1.14 -22.01
N GLU D 262 -35.08 -0.89 -20.71
CA GLU D 262 -35.20 -1.95 -19.72
C GLU D 262 -36.59 -2.56 -19.73
N LYS D 263 -37.61 -1.71 -19.73
CA LYS D 263 -38.99 -2.20 -19.79
C LYS D 263 -39.21 -3.08 -21.01
N ALA D 264 -38.72 -2.61 -22.16
CA ALA D 264 -38.83 -3.36 -23.41
C ALA D 264 -38.12 -4.71 -23.32
N MET D 265 -37.09 -4.78 -22.49
CA MET D 265 -36.34 -6.01 -22.27
C MET D 265 -37.03 -6.89 -21.25
N GLY D 266 -38.08 -6.36 -20.62
CA GLY D 266 -38.80 -7.11 -19.62
C GLY D 266 -38.22 -6.93 -18.22
N ASN D 267 -37.38 -5.91 -18.06
CA ASN D 267 -36.82 -5.59 -16.75
C ASN D 267 -37.45 -4.36 -16.09
N ARG D 268 -37.39 -4.33 -14.76
CA ARG D 268 -37.91 -3.21 -13.98
C ARG D 268 -36.79 -2.22 -13.75
N PRO D 269 -36.91 -1.02 -14.34
CA PRO D 269 -35.84 -0.03 -14.16
C PRO D 269 -35.87 0.54 -12.74
N MET D 270 -34.72 1.02 -12.26
CA MET D 270 -34.69 1.73 -10.98
C MET D 270 -35.66 2.90 -11.04
N GLU D 271 -36.11 3.35 -9.87
CA GLU D 271 -37.13 4.40 -9.81
C GLU D 271 -36.75 5.63 -10.62
N MET D 272 -35.50 6.07 -10.47
CA MET D 272 -35.10 7.32 -11.09
C MET D 272 -34.96 7.21 -12.62
N MET D 273 -35.07 5.99 -13.15
CA MET D 273 -34.95 5.82 -14.60
C MET D 273 -36.30 5.42 -15.21
N ASP D 274 -37.33 5.43 -14.37
CA ASP D 274 -38.67 5.05 -14.81
C ASP D 274 -39.51 6.32 -14.94
N ARG D 275 -39.78 6.73 -16.17
CA ARG D 275 -40.44 8.02 -16.40
C ARG D 275 -41.89 8.06 -15.86
N GLU D 276 -42.43 6.89 -15.49
CA GLU D 276 -43.75 6.81 -14.87
C GLU D 276 -43.69 6.84 -13.34
N LYS D 277 -42.48 6.79 -12.78
CA LYS D 277 -42.28 6.70 -11.34
C LYS D 277 -41.39 7.81 -10.81
N ALA D 278 -40.46 8.23 -11.66
CA ALA D 278 -39.46 9.19 -11.22
C ALA D 278 -40.09 10.56 -10.94
N TYR D 279 -39.99 11.00 -9.69
CA TYR D 279 -40.41 12.34 -9.30
C TYR D 279 -39.14 13.23 -9.17
N ILE D 280 -38.79 13.88 -10.27
CA ILE D 280 -37.57 14.68 -10.38
C ILE D 280 -37.24 15.61 -9.20
N PRO D 281 -38.23 16.40 -8.70
CA PRO D 281 -37.80 17.29 -7.61
C PRO D 281 -37.29 16.55 -6.38
N GLU D 282 -37.99 15.50 -5.94
CA GLU D 282 -37.58 14.73 -4.78
C GLU D 282 -36.28 13.99 -5.06
N LEU D 283 -36.12 13.51 -6.29
CA LEU D 283 -34.91 12.80 -6.65
C LEU D 283 -33.73 13.75 -6.58
N GLN D 284 -33.90 14.95 -7.16
CA GLN D 284 -32.80 15.92 -7.17
C GLN D 284 -32.46 16.42 -5.77
N ILE D 285 -33.48 16.68 -4.97
CA ILE D 285 -33.24 17.10 -3.59
C ILE D 285 -32.42 16.04 -2.86
N SER D 286 -32.81 14.78 -3.01
CA SER D 286 -32.11 13.67 -2.40
C SER D 286 -30.67 13.57 -2.88
N PHE D 287 -30.48 13.60 -4.20
CA PHE D 287 -29.15 13.56 -4.78
C PHE D 287 -28.29 14.71 -4.26
N MET D 288 -28.88 15.90 -4.21
CA MET D 288 -28.16 17.08 -3.79
C MET D 288 -27.80 17.02 -2.30
N GLU D 289 -28.76 16.64 -1.47
CA GLU D 289 -28.55 16.66 -0.02
C GLU D 289 -27.64 15.51 0.44
N HIS D 290 -27.74 14.35 -0.20
CA HIS D 290 -27.14 13.15 0.33
C HIS D 290 -25.99 12.58 -0.47
N ILE D 291 -25.85 13.06 -1.72
CA ILE D 291 -24.68 12.69 -2.52
C ILE D 291 -23.79 13.92 -2.73
N ALA D 292 -24.33 14.98 -3.34
CA ALA D 292 -23.49 16.09 -3.79
C ALA D 292 -23.00 16.97 -2.64
N MET D 293 -23.91 17.38 -1.75
CA MET D 293 -23.48 18.24 -0.64
C MET D 293 -22.40 17.58 0.24
N PRO D 294 -22.54 16.27 0.56
CA PRO D 294 -21.47 15.67 1.37
C PRO D 294 -20.11 15.72 0.67
N ILE D 295 -20.10 15.68 -0.66
CA ILE D 295 -18.85 15.74 -1.40
C ILE D 295 -18.20 17.11 -1.28
N TYR D 296 -18.98 18.16 -1.51
CA TYR D 296 -18.43 19.51 -1.48
C TYR D 296 -18.22 19.97 -0.04
N LYS D 297 -18.86 19.28 0.91
CA LYS D 297 -18.60 19.51 2.32
C LYS D 297 -17.18 19.01 2.66
N LEU D 298 -16.88 17.80 2.23
CA LEU D 298 -15.54 17.24 2.39
C LEU D 298 -14.51 18.13 1.70
N LEU D 299 -14.86 18.63 0.51
CA LEU D 299 -13.95 19.47 -0.25
C LEU D 299 -13.63 20.74 0.54
N GLN D 300 -14.68 21.37 1.07
CA GLN D 300 -14.53 22.56 1.91
C GLN D 300 -13.77 22.27 3.20
N ASP D 301 -13.98 21.09 3.79
CA ASP D 301 -13.23 20.68 4.98
C ASP D 301 -11.72 20.67 4.70
N LEU D 302 -11.35 20.19 3.52
CA LEU D 302 -9.94 20.05 3.17
C LEU D 302 -9.41 21.36 2.61
N PHE D 303 -10.26 22.09 1.87
CA PHE D 303 -9.87 23.33 1.23
C PHE D 303 -10.81 24.48 1.59
N PRO D 304 -10.38 25.34 2.52
CA PRO D 304 -11.25 26.43 3.00
C PRO D 304 -11.84 27.25 1.86
N LYS D 305 -11.08 27.46 0.80
CA LYS D 305 -11.52 28.31 -0.31
C LYS D 305 -12.60 27.67 -1.15
N ALA D 306 -12.90 26.40 -0.88
CA ALA D 306 -13.92 25.67 -1.63
C ALA D 306 -15.33 25.88 -1.04
N ALA D 307 -15.40 26.73 -0.02
CA ALA D 307 -16.65 26.97 0.71
C ALA D 307 -17.78 27.42 -0.20
N GLU D 308 -17.47 28.33 -1.13
CA GLU D 308 -18.49 28.85 -2.02
C GLU D 308 -19.07 27.76 -2.91
N LEU D 309 -18.31 26.70 -3.15
CA LEU D 309 -18.83 25.58 -3.93
C LEU D 309 -19.91 24.83 -3.17
N TYR D 310 -19.62 24.50 -1.92
CA TYR D 310 -20.61 23.87 -1.06
C TYR D 310 -21.85 24.75 -0.91
N GLU D 311 -21.63 26.04 -0.71
CA GLU D 311 -22.74 26.98 -0.53
C GLU D 311 -23.60 27.06 -1.79
N ARG D 312 -22.99 26.97 -2.96
CA ARG D 312 -23.75 26.99 -4.20
C ARG D 312 -24.59 25.71 -4.34
N VAL D 313 -24.00 24.56 -4.07
CA VAL D 313 -24.74 23.30 -4.16
C VAL D 313 -25.94 23.32 -3.22
N ALA D 314 -25.73 23.85 -2.01
CA ALA D 314 -26.79 23.94 -1.03
C ALA D 314 -27.87 24.91 -1.54
N SER D 315 -27.43 25.99 -2.17
CA SER D 315 -28.38 26.95 -2.74
C SER D 315 -29.25 26.30 -3.81
N ASN D 316 -28.65 25.51 -4.68
CA ASN D 316 -29.38 24.86 -5.76
C ASN D 316 -30.33 23.81 -5.24
N ARG D 317 -29.95 23.13 -4.17
CA ARG D 317 -30.85 22.19 -3.51
C ARG D 317 -32.10 22.90 -2.99
N GLU D 318 -31.89 24.02 -2.30
CA GLU D 318 -33.01 24.76 -1.74
C GLU D 318 -33.93 25.26 -2.85
N HIS D 319 -33.37 25.53 -4.02
CA HIS D 319 -34.21 25.97 -5.13
C HIS D 319 -35.13 24.83 -5.58
N TRP D 320 -34.62 23.60 -5.59
CA TRP D 320 -35.45 22.45 -5.93
C TRP D 320 -36.63 22.35 -4.99
N THR D 321 -36.39 22.61 -3.71
CA THR D 321 -37.47 22.68 -2.73
C THR D 321 -38.49 23.73 -3.14
N LYS D 322 -38.02 24.87 -3.64
CA LYS D 322 -38.91 25.98 -3.97
C LYS D 322 -39.78 25.75 -5.20
N VAL D 323 -39.28 25.01 -6.18
CA VAL D 323 -40.06 24.80 -7.41
C VAL D 323 -40.73 23.45 -7.45
N SER D 324 -40.62 22.69 -6.36
CA SER D 324 -41.18 21.34 -6.29
C SER D 324 -42.69 21.36 -6.54
N HIS D 325 -43.37 22.37 -6.00
CA HIS D 325 -44.82 22.47 -6.12
C HIS D 325 -45.29 22.58 -7.56
N LYS D 326 -44.42 23.10 -8.42
CA LYS D 326 -44.76 23.32 -9.83
C LYS D 326 -44.96 22.00 -10.60
N PHE D 327 -44.50 20.90 -10.01
CA PHE D 327 -44.64 19.60 -10.63
C PHE D 327 -46.03 19.01 -10.39
N THR D 328 -46.80 19.67 -9.54
CA THR D 328 -48.21 19.32 -9.33
C THR D 328 -49.06 20.17 -10.26
N ILE D 329 -49.85 19.51 -11.09
CA ILE D 329 -50.74 20.23 -11.99
C ILE D 329 -51.95 20.70 -11.21
N ARG D 330 -51.96 21.97 -10.87
CA ARG D 330 -53.16 22.57 -10.31
C ARG D 330 -53.91 23.34 -11.39
N GLY D 331 -55.24 23.39 -11.26
CA GLY D 331 -56.06 23.89 -12.34
C GLY D 331 -55.93 23.00 -13.56
N LEU D 332 -56.03 23.59 -14.74
CA LEU D 332 -55.84 22.88 -15.97
C LEU D 332 -54.42 23.08 -16.49
N PRO D 333 -53.94 22.14 -17.31
CA PRO D 333 -52.69 22.36 -18.06
C PRO D 333 -52.79 23.60 -18.92
N SER D 334 -51.66 24.13 -19.36
CA SER D 334 -51.63 25.39 -20.10
C SER D 334 -52.52 25.42 -21.34
N ASN D 335 -52.80 24.25 -21.92
CA ASN D 335 -53.68 24.21 -23.09
C ASN D 335 -55.15 24.01 -22.70
N ASN D 336 -55.44 24.10 -21.41
CA ASN D 336 -56.79 23.90 -20.88
C ASN D 336 -57.41 22.58 -21.33
N SER D 337 -56.58 21.56 -21.44
CA SER D 337 -57.05 20.26 -21.93
C SER D 337 -56.67 19.14 -20.98
N LEU D 338 -57.60 18.20 -20.77
CA LEU D 338 -57.31 17.01 -19.99
C LEU D 338 -56.96 15.84 -20.90
N ASP D 339 -56.55 16.16 -22.12
CA ASP D 339 -55.96 15.17 -23.02
C ASP D 339 -54.52 14.92 -22.63
N PHE D 340 -54.32 14.39 -21.43
CA PHE D 340 -53.03 13.89 -21.00
C PHE D 340 -53.36 12.77 -20.03
N LEU D 341 -54.66 12.59 -19.81
CA LEU D 341 -55.17 11.48 -19.00
C LEU D 341 -55.42 10.26 -19.87
#